data_1HD4
#
_entry.id   1HD4
#
_cell.length_a   1.000
_cell.length_b   1.000
_cell.length_c   1.000
_cell.angle_alpha   90.00
_cell.angle_beta   90.00
_cell.angle_gamma   90.00
#
_symmetry.space_group_name_H-M   'P 1'
#
loop_
_entity.id
_entity.type
_entity.pdbx_description
1 polymer 'CHORIONIC GONADOTROPIN'
2 branched beta-D-galactopyranose-(1-4)-2-acetamido-2-deoxy-beta-D-glucopyranose-(1-2)-alpha-D-mannopyranose-(1-3)-[beta-D-galactopyranose-(1-4)-2-acetamido-2-deoxy-beta-D-glucopyranose-(1-2)-alpha-D-mannopyranose-(1-6)]beta-D-mannopyranose-(1-4)-2-acetamido-2-deoxy-beta-D-glucopyranose-(1-4)-2-acetamido-2-deoxy-beta-D-glucopyranose
#
_entity_poly.entity_id   1
_entity_poly.type   'polypeptide(L)'
_entity_poly.pdbx_seq_one_letter_code
;APDVQDCPECTLQENPFFSQPGAPILQCMGCCFSRAYPTPLRSKKTMLVQKNVTSESTCCVAKSYNRVTVMGGFKVENHT
ACHCSTCYYHKS
;
_entity_poly.pdbx_strand_id   A
#
# COMPACT_ATOMS: atom_id res chain seq x y z
N ALA A 1 7.60 -24.55 -12.79
CA ALA A 1 6.57 -23.95 -13.67
C ALA A 1 6.34 -22.48 -13.32
N PRO A 2 6.48 -21.59 -14.31
CA PRO A 2 6.29 -20.15 -14.12
C PRO A 2 4.82 -19.77 -14.13
N ASP A 3 4.51 -18.62 -13.53
CA ASP A 3 3.12 -18.15 -13.47
C ASP A 3 3.06 -16.68 -13.06
N VAL A 4 2.96 -16.44 -11.76
CA VAL A 4 2.89 -15.08 -11.24
C VAL A 4 4.05 -14.80 -10.29
N GLN A 5 3.96 -13.68 -9.57
CA GLN A 5 5.01 -13.29 -8.63
C GLN A 5 4.49 -13.22 -7.20
N ASP A 6 3.38 -13.90 -6.94
CA ASP A 6 2.78 -13.91 -5.60
C ASP A 6 2.38 -12.49 -5.20
N CYS A 7 2.54 -12.18 -3.91
CA CYS A 7 2.17 -10.86 -3.40
C CYS A 7 3.21 -10.36 -2.39
N PRO A 8 4.18 -9.56 -2.86
CA PRO A 8 5.23 -9.00 -2.00
C PRO A 8 4.67 -8.22 -0.82
N GLU A 9 5.24 -7.04 -0.56
CA GLU A 9 4.80 -6.20 0.54
C GLU A 9 4.39 -4.82 0.03
N CYS A 10 3.55 -4.13 0.81
CA CYS A 10 3.09 -2.80 0.41
C CYS A 10 4.26 -1.83 0.29
N THR A 11 4.67 -1.58 -0.95
CA THR A 11 5.76 -0.66 -1.23
C THR A 11 5.32 0.39 -2.23
N LEU A 12 6.25 0.86 -3.05
CA LEU A 12 5.95 1.88 -4.04
C LEU A 12 6.02 1.30 -5.45
N GLN A 13 5.03 1.61 -6.27
CA GLN A 13 4.99 1.12 -7.64
C GLN A 13 5.51 2.12 -8.62
N GLU A 14 6.68 2.61 -8.32
CA GLU A 14 7.35 3.61 -9.14
C GLU A 14 6.51 3.98 -10.34
N ASN A 15 6.15 5.23 -10.38
CA ASN A 15 5.32 5.79 -11.44
C ASN A 15 5.82 5.37 -12.82
N PRO A 16 5.01 4.60 -13.55
CA PRO A 16 5.35 4.14 -14.90
C PRO A 16 5.07 5.23 -15.93
N PHE A 17 4.92 6.46 -15.44
CA PHE A 17 4.66 7.61 -16.28
C PHE A 17 5.69 8.68 -16.03
N PHE A 18 5.81 9.06 -14.76
CA PHE A 18 6.76 10.08 -14.35
C PHE A 18 8.18 9.54 -14.38
N SER A 19 8.30 8.21 -14.44
CA SER A 19 9.60 7.56 -14.48
C SER A 19 10.45 8.14 -15.60
N GLN A 20 11.03 9.31 -15.36
CA GLN A 20 11.86 9.98 -16.34
C GLN A 20 13.34 9.84 -16.01
N PRO A 21 14.22 10.19 -16.96
CA PRO A 21 15.67 10.10 -16.76
C PRO A 21 16.14 10.99 -15.63
N GLY A 22 15.67 10.70 -14.43
CA GLY A 22 16.03 11.48 -13.27
C GLY A 22 14.93 11.53 -12.24
N ALA A 23 13.75 11.04 -12.60
CA ALA A 23 12.62 11.05 -11.69
C ALA A 23 11.71 9.86 -11.89
N PRO A 24 11.84 8.90 -10.98
CA PRO A 24 11.10 7.66 -10.98
C PRO A 24 10.00 7.64 -9.94
N ILE A 25 9.01 8.51 -10.15
CA ILE A 25 7.89 8.64 -9.27
C ILE A 25 7.32 7.30 -8.81
N LEU A 26 6.25 7.34 -8.02
CA LEU A 26 5.69 6.14 -7.42
C LEU A 26 4.18 6.16 -7.23
N GLN A 27 3.77 5.36 -6.28
CA GLN A 27 2.36 5.22 -5.92
C GLN A 27 2.10 3.92 -5.16
N CYS A 28 2.64 3.84 -3.96
CA CYS A 28 2.51 2.68 -3.07
C CYS A 28 1.76 1.51 -3.71
N MET A 29 2.46 0.38 -3.85
CA MET A 29 1.86 -0.82 -4.42
C MET A 29 0.64 -1.25 -3.59
N GLY A 30 0.89 -2.01 -2.52
CA GLY A 30 -0.20 -2.45 -1.67
C GLY A 30 -0.30 -3.96 -1.57
N CYS A 31 0.51 -4.56 -0.70
CA CYS A 31 0.48 -6.01 -0.51
C CYS A 31 1.27 -6.40 0.73
N CYS A 32 1.02 -5.70 1.83
CA CYS A 32 1.71 -5.99 3.08
C CYS A 32 1.20 -7.28 3.71
N PHE A 33 1.24 -8.37 2.94
CA PHE A 33 0.78 -9.66 3.42
C PHE A 33 -0.62 -9.54 4.02
N SER A 34 -1.03 -10.59 4.73
CA SER A 34 -2.35 -10.60 5.37
C SER A 34 -2.28 -11.25 6.74
N ARG A 35 -1.42 -10.71 7.61
CA ARG A 35 -1.26 -11.24 8.96
C ARG A 35 -2.54 -11.05 9.78
N ALA A 36 -2.85 -12.04 10.59
CA ALA A 36 -4.04 -11.99 11.43
C ALA A 36 -3.71 -12.27 12.89
N TYR A 37 -3.27 -11.24 13.59
CA TYR A 37 -2.91 -11.37 15.00
C TYR A 37 -4.12 -11.87 15.79
N PRO A 38 -5.13 -11.00 16.00
CA PRO A 38 -6.35 -11.37 16.73
C PRO A 38 -7.38 -11.99 15.80
N THR A 39 -8.65 -11.97 16.22
CA THR A 39 -9.72 -12.52 15.41
C THR A 39 -10.11 -11.53 14.31
N PRO A 40 -9.95 -11.92 13.05
CA PRO A 40 -10.26 -11.06 11.90
C PRO A 40 -11.65 -10.42 12.02
N LEU A 41 -11.69 -9.10 11.93
CA LEU A 41 -12.95 -8.37 12.03
C LEU A 41 -13.31 -7.72 10.70
N ARG A 42 -14.54 -7.23 10.59
CA ARG A 42 -15.01 -6.60 9.36
C ARG A 42 -16.01 -5.48 9.64
N SER A 43 -16.70 -5.04 8.60
CA SER A 43 -17.68 -3.97 8.74
C SER A 43 -17.02 -2.60 8.60
N LYS A 44 -16.77 -2.19 7.35
CA LYS A 44 -16.14 -0.90 7.08
C LYS A 44 -16.40 -0.46 5.64
N LYS A 45 -17.61 -0.73 5.16
CA LYS A 45 -17.99 -0.36 3.80
C LYS A 45 -17.42 -1.36 2.79
N THR A 46 -16.13 -1.22 2.48
CA THR A 46 -15.47 -2.12 1.54
C THR A 46 -16.47 -2.82 0.62
N MET A 47 -16.91 -4.00 1.04
CA MET A 47 -17.87 -4.77 0.25
C MET A 47 -17.38 -4.97 -1.18
N LEU A 48 -16.11 -5.35 -1.32
CA LEU A 48 -15.52 -5.57 -2.64
C LEU A 48 -15.38 -7.06 -2.92
N VAL A 49 -15.23 -7.40 -4.20
CA VAL A 49 -15.08 -8.79 -4.59
C VAL A 49 -14.29 -9.58 -3.55
N GLN A 50 -14.98 -10.42 -2.80
CA GLN A 50 -14.34 -11.21 -1.76
C GLN A 50 -13.42 -12.28 -2.35
N LYS A 51 -12.46 -11.85 -3.16
CA LYS A 51 -11.51 -12.76 -3.79
C LYS A 51 -10.11 -12.54 -3.24
N ASN A 52 -9.91 -12.88 -1.98
CA ASN A 52 -8.60 -12.72 -1.34
C ASN A 52 -8.25 -11.25 -1.20
N VAL A 53 -9.25 -10.43 -0.88
CA VAL A 53 -9.06 -9.00 -0.72
C VAL A 53 -9.89 -8.46 0.45
N THR A 54 -10.19 -9.34 1.40
CA THR A 54 -10.97 -8.95 2.57
C THR A 54 -10.24 -9.27 3.87
N SER A 55 -9.46 -10.35 3.86
CA SER A 55 -8.71 -10.77 5.04
C SER A 55 -7.64 -9.75 5.41
N GLU A 56 -6.79 -9.40 4.44
CA GLU A 56 -5.72 -8.44 4.67
C GLU A 56 -6.14 -7.38 5.67
N SER A 57 -5.15 -6.80 6.35
CA SER A 57 -5.41 -5.76 7.35
C SER A 57 -4.42 -4.60 7.18
N THR A 58 -4.36 -3.74 8.18
CA THR A 58 -3.46 -2.59 8.15
C THR A 58 -3.72 -1.73 6.92
N CYS A 59 -3.00 -0.61 6.83
CA CYS A 59 -3.15 0.29 5.70
C CYS A 59 -1.89 1.13 5.50
N CYS A 60 -1.49 1.28 4.24
CA CYS A 60 -0.29 2.07 3.93
C CYS A 60 -0.65 3.33 3.16
N VAL A 61 -0.29 4.47 3.73
CA VAL A 61 -0.55 5.76 3.11
C VAL A 61 0.72 6.61 3.11
N ALA A 62 1.66 6.24 2.24
CA ALA A 62 2.94 6.95 2.14
C ALA A 62 3.18 7.80 3.39
N LYS A 63 3.92 7.23 4.33
CA LYS A 63 4.23 7.93 5.58
C LYS A 63 4.77 9.30 5.25
N SER A 64 5.47 9.37 4.12
CA SER A 64 6.03 10.61 3.66
C SER A 64 6.05 10.64 2.14
N TYR A 65 5.14 11.41 1.57
CA TYR A 65 5.03 11.51 0.12
C TYR A 65 5.87 12.64 -0.44
N ASN A 66 6.07 12.59 -1.75
CA ASN A 66 6.81 13.62 -2.44
C ASN A 66 6.06 13.97 -3.70
N ARG A 67 4.77 13.79 -3.56
CA ARG A 67 3.79 14.02 -4.60
C ARG A 67 4.37 14.74 -5.80
N VAL A 68 4.07 14.19 -6.98
CA VAL A 68 4.55 14.75 -8.24
C VAL A 68 3.44 14.70 -9.29
N THR A 69 2.28 15.22 -8.93
CA THR A 69 1.13 15.22 -9.83
C THR A 69 1.57 15.13 -11.29
N VAL A 70 1.15 14.06 -11.94
CA VAL A 70 1.49 13.85 -13.34
C VAL A 70 0.27 13.85 -14.24
N MET A 71 0.48 13.44 -15.48
CA MET A 71 -0.58 13.37 -16.49
C MET A 71 -1.63 14.45 -16.25
N GLY A 72 -2.89 14.07 -16.39
CA GLY A 72 -3.97 15.00 -16.17
C GLY A 72 -4.15 15.35 -14.71
N GLY A 73 -3.16 15.03 -13.89
CA GLY A 73 -3.23 15.31 -12.47
C GLY A 73 -3.05 14.07 -11.63
N PHE A 74 -2.16 13.17 -12.09
CA PHE A 74 -1.89 11.93 -11.38
C PHE A 74 -1.04 12.18 -10.15
N LYS A 75 -1.59 11.85 -8.99
CA LYS A 75 -0.89 12.05 -7.73
C LYS A 75 -0.26 10.75 -7.25
N VAL A 76 1.04 10.81 -7.02
CA VAL A 76 1.80 9.67 -6.55
C VAL A 76 2.39 9.96 -5.21
N GLU A 77 1.93 11.04 -4.63
CA GLU A 77 2.46 11.49 -3.35
C GLU A 77 3.87 10.95 -3.26
N ASN A 78 4.54 11.03 -4.42
CA ASN A 78 5.86 10.48 -4.58
C ASN A 78 6.34 9.91 -3.28
N HIS A 79 5.69 8.83 -2.92
CA HIS A 79 5.93 8.14 -1.68
C HIS A 79 7.39 8.07 -1.31
N THR A 80 7.67 8.64 -0.17
CA THR A 80 9.01 8.69 0.37
C THR A 80 9.10 7.83 1.63
N ALA A 81 7.96 7.31 2.08
CA ALA A 81 7.93 6.45 3.26
C ALA A 81 6.57 5.83 3.45
N CYS A 82 6.33 4.71 2.77
CA CYS A 82 5.05 4.02 2.89
C CYS A 82 5.00 3.17 4.16
N HIS A 83 3.94 3.35 4.95
CA HIS A 83 3.78 2.60 6.20
C HIS A 83 2.43 1.90 6.24
N CYS A 84 2.44 0.58 6.11
CA CYS A 84 1.21 -0.21 6.15
C CYS A 84 0.85 -0.57 7.59
N SER A 85 -0.15 0.13 8.12
CA SER A 85 -0.61 -0.09 9.49
C SER A 85 -1.24 1.18 10.04
N THR A 86 -1.35 1.27 11.36
CA THR A 86 -1.94 2.44 12.01
C THR A 86 -3.07 3.00 11.15
N CYS A 87 -4.04 2.15 10.84
CA CYS A 87 -5.18 2.55 10.02
C CYS A 87 -6.22 3.30 10.84
N TYR A 88 -5.82 3.76 12.02
CA TYR A 88 -6.73 4.49 12.90
C TYR A 88 -5.99 5.03 14.13
N TYR A 89 -6.75 5.46 15.12
CA TYR A 89 -6.17 6.00 16.35
C TYR A 89 -6.71 5.28 17.57
N HIS A 90 -5.90 5.22 18.63
CA HIS A 90 -6.32 4.57 19.87
C HIS A 90 -6.51 5.60 20.98
N LYS A 91 -6.75 5.14 22.20
CA LYS A 91 -6.96 6.03 23.33
C LYS A 91 -8.01 7.08 22.99
N SER A 92 -7.56 8.20 22.42
CA SER A 92 -8.45 9.30 22.05
C SER A 92 -9.88 9.06 22.53
N ALA A 1 -21.08 -1.02 0.75
CA ALA A 1 -19.68 -0.55 0.52
C ALA A 1 -18.68 -1.67 0.82
N PRO A 2 -18.52 -2.59 -0.14
CA PRO A 2 -17.59 -3.72 0.02
C PRO A 2 -16.22 -3.28 0.51
N ASP A 3 -15.41 -4.25 0.94
CA ASP A 3 -14.08 -3.97 1.44
C ASP A 3 -13.02 -4.30 0.38
N VAL A 4 -11.77 -4.04 0.70
CA VAL A 4 -10.68 -4.32 -0.23
C VAL A 4 -10.34 -5.81 -0.27
N GLN A 5 -9.96 -6.29 -1.44
CA GLN A 5 -9.62 -7.70 -1.61
C GLN A 5 -8.10 -7.90 -1.49
N ASP A 6 -7.64 -9.10 -1.82
CA ASP A 6 -6.21 -9.41 -1.76
C ASP A 6 -5.52 -9.11 -3.08
N CYS A 7 -4.22 -8.80 -3.01
CA CYS A 7 -3.45 -8.50 -4.20
C CYS A 7 -1.99 -8.24 -3.85
N PRO A 8 -1.14 -8.03 -4.86
CA PRO A 8 0.29 -7.77 -4.66
C PRO A 8 0.57 -6.96 -3.40
N GLU A 9 1.63 -7.32 -2.69
CA GLU A 9 2.00 -6.63 -1.46
C GLU A 9 2.03 -5.12 -1.67
N CYS A 10 1.02 -4.44 -1.11
CA CYS A 10 0.91 -2.99 -1.24
C CYS A 10 2.25 -2.32 -1.01
N THR A 11 2.65 -1.47 -1.97
CA THR A 11 3.90 -0.74 -1.86
C THR A 11 4.12 0.09 -3.10
N LEU A 12 5.32 0.65 -3.23
CA LEU A 12 5.66 1.49 -4.35
C LEU A 12 6.05 0.66 -5.57
N GLN A 13 5.53 1.06 -6.72
CA GLN A 13 5.83 0.38 -7.96
C GLN A 13 6.51 1.30 -8.94
N GLU A 14 7.63 1.82 -8.48
CA GLU A 14 8.45 2.74 -9.27
C GLU A 14 7.78 3.14 -10.56
N ASN A 15 7.57 4.43 -10.69
CA ASN A 15 6.93 5.01 -11.85
C ASN A 15 7.39 4.34 -13.14
N PRO A 16 6.43 3.90 -13.97
CA PRO A 16 6.72 3.25 -15.24
C PRO A 16 6.92 4.29 -16.34
N PHE A 17 7.45 5.44 -15.95
CA PHE A 17 7.69 6.53 -16.88
C PHE A 17 8.91 7.35 -16.45
N PHE A 18 8.84 7.82 -15.21
CA PHE A 18 9.91 8.62 -14.65
C PHE A 18 11.15 7.78 -14.37
N SER A 19 10.92 6.49 -14.16
CA SER A 19 12.01 5.56 -13.87
C SER A 19 13.12 5.69 -14.91
N GLN A 20 13.97 6.69 -14.73
CA GLN A 20 15.08 6.93 -15.64
C GLN A 20 16.41 6.91 -14.91
N PRO A 21 17.51 6.69 -15.65
CA PRO A 21 18.86 6.65 -15.08
C PRO A 21 19.14 7.87 -14.22
N GLY A 22 18.61 7.88 -13.01
CA GLY A 22 18.81 8.99 -12.10
C GLY A 22 17.55 9.37 -11.35
N ALA A 23 16.41 8.95 -11.86
CA ALA A 23 15.13 9.26 -11.23
C ALA A 23 14.13 8.14 -11.40
N PRO A 24 13.94 7.37 -10.33
CA PRO A 24 13.06 6.23 -10.28
C PRO A 24 11.80 6.47 -9.50
N ILE A 25 10.98 7.39 -10.01
CA ILE A 25 9.73 7.73 -9.39
C ILE A 25 8.95 6.51 -8.92
N LEU A 26 7.73 6.74 -8.44
CA LEU A 26 6.94 5.67 -7.87
C LEU A 26 5.44 5.86 -8.00
N GLN A 27 4.75 5.10 -7.17
CA GLN A 27 3.31 5.13 -7.10
C GLN A 27 2.76 3.86 -6.46
N CYS A 28 2.74 3.86 -5.13
CA CYS A 28 2.27 2.71 -4.36
C CYS A 28 1.23 1.91 -5.15
N MET A 29 1.60 0.70 -5.56
CA MET A 29 0.69 -0.14 -6.33
C MET A 29 0.58 -1.54 -5.69
N GLY A 30 -0.57 -1.79 -5.07
CA GLY A 30 -0.80 -3.07 -4.43
C GLY A 30 -1.93 -3.03 -3.43
N CYS A 31 -1.94 -3.98 -2.50
CA CYS A 31 -2.97 -4.04 -1.48
C CYS A 31 -2.47 -4.78 -0.24
N CYS A 32 -2.10 -4.03 0.79
CA CYS A 32 -1.60 -4.62 2.03
C CYS A 32 -2.60 -5.64 2.57
N PHE A 33 -2.17 -6.41 3.57
CA PHE A 33 -3.03 -7.42 4.18
C PHE A 33 -2.53 -7.81 5.56
N SER A 34 -3.41 -8.40 6.35
CA SER A 34 -3.08 -8.83 7.71
C SER A 34 -1.84 -9.72 7.71
N ARG A 35 -1.65 -10.46 6.62
CA ARG A 35 -0.50 -11.36 6.49
C ARG A 35 -0.59 -12.51 7.49
N ALA A 36 -1.05 -13.67 7.00
CA ALA A 36 -1.18 -14.86 7.85
C ALA A 36 -1.72 -16.04 7.07
N TYR A 37 -1.50 -16.04 5.76
CA TYR A 37 -1.98 -17.12 4.91
C TYR A 37 -0.87 -17.64 4.00
N PRO A 38 0.34 -17.83 4.55
CA PRO A 38 1.49 -18.33 3.80
C PRO A 38 1.34 -19.81 3.44
N THR A 39 2.44 -20.42 3.01
CA THR A 39 2.43 -21.83 2.62
C THR A 39 3.10 -22.69 3.69
N PRO A 40 2.33 -23.08 4.73
CA PRO A 40 2.84 -23.92 5.82
C PRO A 40 3.20 -25.32 5.34
N LEU A 41 3.28 -26.26 6.28
CA LEU A 41 3.62 -27.64 5.95
C LEU A 41 2.44 -28.37 5.33
N ARG A 42 1.31 -27.67 5.26
CA ARG A 42 0.08 -28.23 4.69
C ARG A 42 -1.12 -27.89 5.59
N SER A 43 -0.97 -28.18 6.88
CA SER A 43 -2.03 -27.91 7.85
C SER A 43 -2.61 -26.52 7.65
N LYS A 44 -3.89 -26.46 7.27
CA LYS A 44 -4.57 -25.18 7.06
C LYS A 44 -5.70 -25.02 8.06
N LYS A 45 -6.19 -23.79 8.21
CA LYS A 45 -7.27 -23.50 9.13
C LYS A 45 -6.92 -23.99 10.53
N THR A 46 -5.72 -23.63 10.99
CA THR A 46 -5.25 -24.03 12.32
C THR A 46 -4.01 -23.23 12.71
N MET A 47 -3.99 -22.77 13.96
CA MET A 47 -2.86 -22.00 14.47
C MET A 47 -3.28 -21.16 15.67
N LEU A 48 -3.73 -21.83 16.73
CA LEU A 48 -4.15 -21.15 17.94
C LEU A 48 -5.25 -20.13 17.63
N VAL A 49 -6.07 -19.84 18.64
CA VAL A 49 -7.16 -18.88 18.48
C VAL A 49 -6.64 -17.44 18.54
N GLN A 50 -7.55 -16.50 18.75
CA GLN A 50 -7.19 -15.09 18.84
C GLN A 50 -6.39 -14.65 17.62
N LYS A 51 -6.81 -15.10 16.44
CA LYS A 51 -6.14 -14.74 15.21
C LYS A 51 -7.06 -13.97 14.26
N ASN A 52 -7.68 -12.92 14.79
CA ASN A 52 -8.59 -12.10 14.00
C ASN A 52 -8.63 -10.67 14.54
N VAL A 53 -7.46 -10.07 14.73
CA VAL A 53 -7.38 -8.70 15.23
C VAL A 53 -8.56 -7.86 14.74
N THR A 54 -9.00 -6.92 15.56
CA THR A 54 -10.13 -6.07 15.19
C THR A 54 -10.00 -4.69 15.82
N SER A 55 -10.17 -3.66 15.01
CA SER A 55 -10.08 -2.28 15.47
C SER A 55 -10.25 -1.30 14.31
N GLU A 56 -9.73 -1.68 13.15
CA GLU A 56 -9.81 -0.85 11.95
C GLU A 56 -8.94 -1.41 10.83
N SER A 57 -9.55 -1.65 9.68
CA SER A 57 -8.83 -2.17 8.52
C SER A 57 -7.65 -1.28 8.16
N THR A 58 -6.83 -1.73 7.21
CA THR A 58 -5.67 -0.96 6.78
C THR A 58 -5.84 -0.49 5.34
N CYS A 59 -5.09 0.55 4.97
CA CYS A 59 -5.15 1.11 3.63
C CYS A 59 -3.94 2.00 3.35
N CYS A 60 -3.21 1.66 2.29
CA CYS A 60 -2.01 2.41 1.91
C CYS A 60 -2.31 3.90 1.72
N VAL A 61 -1.27 4.64 1.33
CA VAL A 61 -1.37 6.07 1.09
C VAL A 61 -0.04 6.77 1.41
N ALA A 62 1.00 6.41 0.66
CA ALA A 62 2.34 6.96 0.85
C ALA A 62 2.46 7.79 2.13
N LYS A 63 3.19 7.26 3.09
CA LYS A 63 3.44 7.95 4.35
C LYS A 63 4.06 9.30 4.07
N SER A 64 5.00 9.29 3.15
CA SER A 64 5.70 10.49 2.74
C SER A 64 5.92 10.44 1.23
N TYR A 65 5.53 11.50 0.55
CA TYR A 65 5.67 11.55 -0.90
C TYR A 65 6.64 12.60 -1.36
N ASN A 66 7.15 12.41 -2.57
CA ASN A 66 8.05 13.38 -3.16
C ASN A 66 7.50 13.77 -4.51
N ARG A 67 6.19 13.66 -4.57
CA ARG A 67 5.39 13.97 -5.75
C ARG A 67 6.22 14.63 -6.84
N VAL A 68 6.54 13.84 -7.84
CA VAL A 68 7.32 14.30 -8.98
C VAL A 68 6.42 14.51 -10.19
N THR A 69 5.29 15.16 -9.95
CA THR A 69 4.31 15.41 -11.00
C THR A 69 4.92 15.22 -12.38
N VAL A 70 4.36 14.28 -13.11
CA VAL A 70 4.82 13.98 -14.46
C VAL A 70 3.79 14.34 -15.50
N MET A 71 3.99 13.78 -16.68
CA MET A 71 3.12 14.01 -17.80
C MET A 71 1.70 14.31 -17.37
N GLY A 72 0.99 15.08 -18.19
CA GLY A 72 -0.38 15.43 -17.88
C GLY A 72 -0.54 15.84 -16.42
N GLY A 73 0.56 16.27 -15.82
CA GLY A 73 0.53 16.67 -14.42
C GLY A 73 0.43 15.48 -13.49
N PHE A 74 0.97 14.35 -13.93
CA PHE A 74 0.94 13.14 -13.11
C PHE A 74 1.29 13.45 -11.68
N LYS A 75 1.11 12.47 -10.79
CA LYS A 75 1.41 12.66 -9.37
C LYS A 75 1.76 11.33 -8.69
N VAL A 76 3.04 11.02 -8.65
CA VAL A 76 3.51 9.79 -8.00
C VAL A 76 3.87 10.06 -6.59
N GLU A 77 3.40 11.20 -6.11
CA GLU A 77 3.70 11.62 -4.76
C GLU A 77 4.98 10.92 -4.37
N ASN A 78 5.92 10.92 -5.31
CA ASN A 78 7.17 10.20 -5.15
C ASN A 78 7.13 9.50 -3.81
N HIS A 79 6.38 8.44 -3.76
CA HIS A 79 6.23 7.75 -2.51
C HIS A 79 7.55 7.50 -1.84
N THR A 80 7.83 8.36 -0.91
CA THR A 80 9.06 8.28 -0.16
C THR A 80 8.83 7.44 1.11
N ALA A 81 7.57 7.03 1.31
CA ALA A 81 7.19 6.21 2.45
C ALA A 81 5.73 5.79 2.30
N CYS A 82 5.45 4.50 2.38
CA CYS A 82 4.08 4.02 2.23
C CYS A 82 3.62 3.24 3.46
N HIS A 83 2.47 3.64 4.01
CA HIS A 83 1.92 2.99 5.19
C HIS A 83 0.41 2.86 5.08
N CYS A 84 -0.12 1.71 5.48
CA CYS A 84 -1.56 1.46 5.41
C CYS A 84 -2.23 1.84 6.73
N SER A 85 -3.38 2.50 6.63
CA SER A 85 -4.13 2.93 7.82
C SER A 85 -5.63 2.94 7.54
N THR A 86 -6.35 3.80 8.24
CA THR A 86 -7.80 3.89 8.05
C THR A 86 -8.15 4.95 7.00
N CYS A 87 -7.20 5.22 6.11
CA CYS A 87 -7.39 6.19 5.05
C CYS A 87 -7.72 7.57 5.61
N TYR A 88 -6.69 8.30 6.01
CA TYR A 88 -6.86 9.64 6.56
C TYR A 88 -8.21 9.80 7.25
N TYR A 89 -8.21 9.65 8.57
CA TYR A 89 -9.43 9.78 9.35
C TYR A 89 -10.14 11.09 9.04
N HIS A 90 -9.43 12.20 9.25
CA HIS A 90 -9.99 13.52 8.99
C HIS A 90 -11.45 13.60 9.42
N LYS A 91 -12.14 14.66 9.00
CA LYS A 91 -13.54 14.85 9.36
C LYS A 91 -14.43 14.78 8.12
N SER A 92 -14.37 13.64 7.42
CA SER A 92 -15.17 13.44 6.22
C SER A 92 -15.48 11.97 6.01
N ALA A 1 9.65 -25.32 -7.10
CA ALA A 1 10.13 -24.86 -5.76
C ALA A 1 9.81 -23.39 -5.53
N PRO A 2 10.20 -22.52 -6.46
CA PRO A 2 9.95 -21.07 -6.35
C PRO A 2 8.46 -20.74 -6.43
N ASP A 3 8.16 -19.46 -6.53
CA ASP A 3 6.77 -19.00 -6.61
C ASP A 3 6.40 -18.65 -8.05
N VAL A 4 5.14 -18.85 -8.39
CA VAL A 4 4.65 -18.55 -9.73
C VAL A 4 3.28 -17.89 -9.67
N GLN A 5 2.93 -17.37 -8.51
CA GLN A 5 1.64 -16.71 -8.31
C GLN A 5 1.71 -15.70 -7.18
N ASP A 6 0.55 -15.26 -6.70
CA ASP A 6 0.49 -14.29 -5.63
C ASP A 6 0.92 -12.91 -6.12
N CYS A 7 0.18 -11.88 -5.72
CA CYS A 7 0.49 -10.52 -6.12
C CYS A 7 1.99 -10.25 -5.99
N PRO A 8 2.48 -9.20 -6.66
CA PRO A 8 3.89 -8.82 -6.62
C PRO A 8 4.24 -7.99 -5.39
N GLU A 9 3.44 -8.13 -4.33
CA GLU A 9 3.67 -7.39 -3.09
C GLU A 9 3.34 -5.91 -3.26
N CYS A 10 2.89 -5.29 -2.18
CA CYS A 10 2.54 -3.87 -2.21
C CYS A 10 3.78 -3.00 -1.97
N THR A 11 3.97 -2.01 -2.83
CA THR A 11 5.12 -1.12 -2.70
C THR A 11 5.09 -0.05 -3.78
N LEU A 12 6.17 0.70 -3.86
CA LEU A 12 6.31 1.77 -4.83
C LEU A 12 6.57 1.25 -6.21
N GLN A 13 5.74 1.69 -7.14
CA GLN A 13 5.87 1.29 -8.52
C GLN A 13 6.47 2.41 -9.32
N GLU A 14 7.59 2.87 -8.82
CA GLU A 14 8.34 3.97 -9.40
C GLU A 14 7.68 4.48 -10.67
N ASN A 15 7.36 5.75 -10.64
CA ASN A 15 6.71 6.40 -11.75
C ASN A 15 7.52 6.32 -13.03
N PRO A 16 7.12 5.42 -13.94
CA PRO A 16 7.79 5.28 -15.23
C PRO A 16 7.39 6.45 -16.11
N PHE A 17 6.61 7.33 -15.51
CA PHE A 17 6.11 8.53 -16.14
C PHE A 17 7.03 9.70 -15.86
N PHE A 18 7.17 10.01 -14.57
CA PHE A 18 8.02 11.11 -14.15
C PHE A 18 9.49 10.69 -14.11
N SER A 19 9.73 9.40 -14.32
CA SER A 19 11.08 8.87 -14.32
C SER A 19 11.98 9.67 -15.24
N GLN A 20 12.58 10.73 -14.71
CA GLN A 20 13.46 11.58 -15.49
C GLN A 20 14.92 11.19 -15.30
N PRO A 21 15.85 11.94 -15.90
CA PRO A 21 17.28 11.67 -15.79
C PRO A 21 17.81 12.05 -14.42
N GLY A 22 17.27 11.42 -13.40
CA GLY A 22 17.70 11.71 -12.03
C GLY A 22 16.57 11.67 -11.03
N ALA A 23 15.37 11.32 -11.47
CA ALA A 23 14.22 11.25 -10.58
C ALA A 23 13.16 10.29 -11.07
N PRO A 24 13.09 9.14 -10.41
CA PRO A 24 12.18 8.07 -10.72
C PRO A 24 11.00 7.99 -9.77
N ILE A 25 10.09 8.94 -9.92
CA ILE A 25 8.90 9.04 -9.09
C ILE A 25 8.29 7.69 -8.77
N LEU A 26 7.15 7.72 -8.05
CA LEU A 26 6.52 6.50 -7.61
C LEU A 26 5.03 6.61 -7.46
N GLN A 27 4.53 5.63 -6.74
CA GLN A 27 3.11 5.54 -6.44
C GLN A 27 2.76 4.15 -5.89
N CYS A 28 3.28 3.86 -4.69
CA CYS A 28 3.05 2.57 -4.04
C CYS A 28 1.75 1.93 -4.54
N MET A 29 1.90 0.85 -5.31
CA MET A 29 0.75 0.16 -5.86
C MET A 29 1.02 -1.34 -5.98
N GLY A 30 0.14 -2.14 -5.39
CA GLY A 30 0.31 -3.59 -5.44
C GLY A 30 -0.64 -4.30 -4.50
N CYS A 31 -0.12 -5.29 -3.79
CA CYS A 31 -0.93 -6.05 -2.84
C CYS A 31 -0.09 -6.48 -1.65
N CYS A 32 -0.68 -6.42 -0.46
CA CYS A 32 0.01 -6.80 0.76
C CYS A 32 -0.49 -8.15 1.30
N PHE A 33 0.43 -8.97 1.74
CA PHE A 33 0.09 -10.28 2.29
C PHE A 33 1.24 -10.84 3.13
N SER A 34 2.47 -10.49 2.74
CA SER A 34 3.65 -10.95 3.46
C SER A 34 3.63 -10.43 4.90
N ARG A 35 3.99 -11.30 5.85
CA ARG A 35 4.01 -10.93 7.25
C ARG A 35 2.60 -10.66 7.77
N ALA A 36 2.11 -11.54 8.64
CA ALA A 36 0.77 -11.39 9.20
C ALA A 36 0.26 -12.71 9.75
N TYR A 37 0.39 -12.90 11.06
CA TYR A 37 -0.06 -14.12 11.70
C TYR A 37 -1.46 -14.48 11.22
N PRO A 38 -1.83 -15.76 11.29
CA PRO A 38 -3.14 -16.24 10.86
C PRO A 38 -4.22 -15.19 11.02
N THR A 39 -5.16 -15.15 10.08
CA THR A 39 -6.25 -14.18 10.12
C THR A 39 -7.58 -14.87 10.37
N PRO A 40 -8.36 -14.35 11.33
CA PRO A 40 -9.67 -14.91 11.68
C PRO A 40 -10.72 -14.67 10.58
N LEU A 41 -11.67 -15.59 10.49
CA LEU A 41 -12.73 -15.48 9.48
C LEU A 41 -13.96 -14.82 10.08
N ARG A 42 -13.96 -14.64 11.40
CA ARG A 42 -15.09 -14.03 12.09
C ARG A 42 -14.98 -14.24 13.60
N SER A 43 -15.19 -13.16 14.35
CA SER A 43 -15.13 -13.21 15.81
C SER A 43 -15.98 -12.10 16.42
N LYS A 44 -16.92 -11.58 15.62
CA LYS A 44 -17.80 -10.53 16.08
C LYS A 44 -19.26 -10.98 16.05
N LYS A 45 -20.13 -10.22 16.70
CA LYS A 45 -21.55 -10.54 16.75
C LYS A 45 -22.37 -9.37 17.28
N THR A 46 -23.62 -9.63 17.65
CA THR A 46 -24.49 -8.59 18.17
C THR A 46 -24.51 -8.60 19.70
N MET A 47 -23.35 -8.84 20.29
CA MET A 47 -23.22 -8.86 21.74
C MET A 47 -22.04 -8.01 22.21
N LEU A 48 -20.85 -8.57 22.14
CA LEU A 48 -19.65 -7.86 22.56
C LEU A 48 -19.05 -7.08 21.39
N VAL A 49 -19.12 -5.76 21.46
CA VAL A 49 -18.60 -4.90 20.41
C VAL A 49 -17.22 -5.36 19.95
N GLN A 50 -16.69 -4.71 18.92
CA GLN A 50 -15.38 -5.05 18.38
C GLN A 50 -14.43 -5.52 19.48
N LYS A 51 -13.97 -6.76 19.36
CA LYS A 51 -13.05 -7.34 20.33
C LYS A 51 -11.78 -7.80 19.64
N ASN A 52 -10.93 -6.84 19.26
CA ASN A 52 -9.68 -7.16 18.57
C ASN A 52 -9.91 -7.26 17.06
N VAL A 53 -10.57 -6.25 16.51
CA VAL A 53 -10.86 -6.23 15.08
C VAL A 53 -9.59 -6.34 14.24
N THR A 54 -9.69 -7.10 13.15
CA THR A 54 -8.56 -7.28 12.25
C THR A 54 -8.98 -7.07 10.80
N SER A 55 -10.27 -7.29 10.53
CA SER A 55 -10.81 -7.12 9.19
C SER A 55 -10.95 -5.65 8.85
N GLU A 56 -9.83 -4.93 8.89
CA GLU A 56 -9.82 -3.50 8.57
C GLU A 56 -9.31 -3.27 7.15
N SER A 57 -10.01 -2.42 6.41
CA SER A 57 -9.64 -2.11 5.04
C SER A 57 -8.14 -1.83 4.93
N THR A 58 -7.38 -2.88 4.62
CA THR A 58 -5.92 -2.73 4.49
C THR A 58 -5.57 -1.87 3.29
N CYS A 59 -4.56 -1.02 3.48
CA CYS A 59 -4.10 -0.13 2.41
C CYS A 59 -2.66 0.31 2.64
N CYS A 60 -1.89 0.35 1.56
CA CYS A 60 -0.49 0.75 1.64
C CYS A 60 -0.29 2.15 1.07
N VAL A 61 -0.77 3.16 1.80
CA VAL A 61 -0.65 4.55 1.36
C VAL A 61 0.66 5.15 1.84
N ALA A 62 1.74 4.84 1.13
CA ALA A 62 3.08 5.34 1.46
C ALA A 62 3.17 5.89 2.87
N LYS A 63 3.94 5.22 3.72
CA LYS A 63 4.15 5.66 5.09
C LYS A 63 4.66 7.09 5.06
N SER A 64 5.43 7.37 4.01
CA SER A 64 5.99 8.68 3.79
C SER A 64 5.86 9.04 2.32
N TYR A 65 6.41 10.16 1.93
CA TYR A 65 6.33 10.59 0.54
C TYR A 65 7.32 11.68 0.23
N ASN A 66 7.57 11.86 -1.05
CA ASN A 66 8.46 12.93 -1.49
C ASN A 66 7.78 13.65 -2.62
N ARG A 67 6.47 13.58 -2.54
CA ARG A 67 5.58 14.20 -3.50
C ARG A 67 6.34 15.06 -4.49
N VAL A 68 6.20 14.72 -5.75
CA VAL A 68 6.85 15.45 -6.81
C VAL A 68 5.83 15.93 -7.82
N THR A 69 4.73 16.44 -7.28
CA THR A 69 3.64 16.92 -8.12
C THR A 69 4.10 17.15 -9.54
N VAL A 70 3.51 16.41 -10.46
CA VAL A 70 3.86 16.51 -11.85
C VAL A 70 2.66 16.87 -12.70
N MET A 71 2.86 16.78 -14.01
CA MET A 71 1.82 17.11 -14.96
C MET A 71 1.07 18.36 -14.53
N GLY A 72 -0.25 18.36 -14.70
CA GLY A 72 -1.04 19.50 -14.32
C GLY A 72 -1.15 19.67 -12.82
N GLY A 73 -0.51 18.79 -12.07
CA GLY A 73 -0.54 18.86 -10.63
C GLY A 73 -0.76 17.51 -9.97
N PHE A 74 -0.10 16.48 -10.52
CA PHE A 74 -0.22 15.14 -9.97
C PHE A 74 0.44 15.06 -8.61
N LYS A 75 0.42 13.88 -7.99
CA LYS A 75 1.02 13.72 -6.67
C LYS A 75 1.39 12.26 -6.40
N VAL A 76 2.65 11.91 -6.61
CA VAL A 76 3.14 10.56 -6.34
C VAL A 76 3.67 10.51 -4.95
N GLU A 77 3.37 11.55 -4.21
CA GLU A 77 3.88 11.68 -2.86
C GLU A 77 5.19 10.94 -2.86
N ASN A 78 5.90 11.14 -3.99
CA ASN A 78 7.13 10.45 -4.28
C ASN A 78 7.44 9.53 -3.13
N HIS A 79 6.56 8.57 -3.01
CA HIS A 79 6.60 7.59 -1.93
C HIS A 79 8.00 7.24 -1.52
N THR A 80 8.23 7.43 -0.24
CA THR A 80 9.52 7.14 0.36
C THR A 80 9.40 5.94 1.31
N ALA A 81 8.16 5.59 1.66
CA ALA A 81 7.89 4.46 2.53
C ALA A 81 6.44 4.02 2.39
N CYS A 82 6.18 2.72 2.55
CA CYS A 82 4.81 2.21 2.42
C CYS A 82 4.42 1.38 3.64
N HIS A 83 3.12 1.30 3.91
CA HIS A 83 2.61 0.55 5.05
C HIS A 83 1.17 0.12 4.82
N CYS A 84 0.96 -1.19 4.68
CA CYS A 84 -0.38 -1.74 4.45
C CYS A 84 -1.08 -2.01 5.77
N SER A 85 -2.26 -1.41 5.94
CA SER A 85 -3.08 -1.59 7.15
C SER A 85 -3.29 -0.26 7.88
N THR A 86 -3.59 0.78 7.10
CA THR A 86 -3.82 2.10 7.67
C THR A 86 -4.85 2.87 6.84
N CYS A 87 -6.09 2.41 6.88
CA CYS A 87 -7.17 3.05 6.14
C CYS A 87 -8.52 2.73 6.75
N TYR A 88 -8.90 3.48 7.78
CA TYR A 88 -10.18 3.27 8.45
C TYR A 88 -11.26 4.15 7.84
N TYR A 89 -12.47 3.59 7.73
CA TYR A 89 -13.60 4.31 7.17
C TYR A 89 -14.90 3.55 7.42
N HIS A 90 -16.03 4.19 7.08
CA HIS A 90 -17.34 3.58 7.26
C HIS A 90 -17.31 2.54 8.39
N LYS A 91 -17.24 3.02 9.63
CA LYS A 91 -17.20 2.12 10.78
C LYS A 91 -18.49 2.21 11.60
N SER A 92 -19.45 2.97 11.09
CA SER A 92 -20.73 3.14 11.78
C SER A 92 -21.88 2.66 10.90
N ALA A 1 7.58 -16.40 -15.58
CA ALA A 1 7.15 -15.36 -14.61
C ALA A 1 5.74 -15.66 -14.08
N PRO A 2 5.66 -16.40 -12.97
CA PRO A 2 4.38 -16.76 -12.35
C PRO A 2 3.52 -15.53 -12.03
N ASP A 3 2.50 -15.74 -11.20
CA ASP A 3 1.61 -14.65 -10.80
C ASP A 3 0.37 -15.20 -10.09
N VAL A 4 0.02 -16.44 -10.42
CA VAL A 4 -1.14 -17.10 -9.83
C VAL A 4 -1.36 -16.65 -8.39
N GLN A 5 -2.52 -16.04 -8.14
CA GLN A 5 -2.87 -15.55 -6.81
C GLN A 5 -1.63 -15.29 -5.97
N ASP A 6 -0.78 -14.39 -6.43
CA ASP A 6 0.44 -14.04 -5.72
C ASP A 6 0.97 -12.67 -6.17
N CYS A 7 1.09 -11.76 -5.22
CA CYS A 7 1.57 -10.41 -5.51
C CYS A 7 2.58 -9.95 -4.46
N PRO A 8 3.61 -9.21 -4.87
CA PRO A 8 4.64 -8.69 -3.97
C PRO A 8 4.06 -7.78 -2.90
N GLU A 9 4.42 -8.04 -1.64
CA GLU A 9 3.93 -7.23 -0.53
C GLU A 9 3.80 -5.77 -0.93
N CYS A 10 2.63 -5.20 -0.66
CA CYS A 10 2.36 -3.81 -0.99
C CYS A 10 3.57 -2.92 -0.69
N THR A 11 3.89 -2.04 -1.63
CA THR A 11 5.02 -1.12 -1.47
C THR A 11 5.05 -0.13 -2.63
N LEU A 12 6.14 0.60 -2.71
CA LEU A 12 6.31 1.59 -3.76
C LEU A 12 6.65 0.93 -5.08
N GLN A 13 5.98 1.37 -6.13
CA GLN A 13 6.22 0.82 -7.46
C GLN A 13 6.66 1.91 -8.41
N GLU A 14 7.81 2.44 -8.11
CA GLU A 14 8.43 3.51 -8.88
C GLU A 14 7.54 3.98 -10.02
N ASN A 15 7.33 5.26 -10.04
CA ASN A 15 6.50 5.91 -11.01
C ASN A 15 6.93 5.64 -12.45
N PRO A 16 6.14 4.85 -13.18
CA PRO A 16 6.43 4.53 -14.58
C PRO A 16 6.23 5.74 -15.49
N PHE A 17 5.94 6.87 -14.88
CA PHE A 17 5.75 8.11 -15.63
C PHE A 17 6.84 9.11 -15.28
N PHE A 18 6.96 9.38 -13.99
CA PHE A 18 7.93 10.33 -13.51
C PHE A 18 9.32 9.70 -13.44
N SER A 19 9.38 8.40 -13.70
CA SER A 19 10.64 7.68 -13.68
C SER A 19 11.58 8.18 -14.76
N GLN A 20 12.47 9.11 -14.40
CA GLN A 20 13.42 9.69 -15.35
C GLN A 20 14.81 9.77 -14.73
N PRO A 21 15.85 9.56 -15.54
CA PRO A 21 17.24 9.64 -15.07
C PRO A 21 17.46 10.87 -14.19
N GLY A 22 17.12 10.73 -12.91
CA GLY A 22 17.26 11.82 -11.98
C GLY A 22 16.07 11.94 -11.06
N ALA A 23 14.98 11.27 -11.43
CA ALA A 23 13.76 11.29 -10.63
C ALA A 23 12.94 10.05 -10.87
N PRO A 24 13.06 9.11 -9.95
CA PRO A 24 12.40 7.84 -9.98
C PRO A 24 11.21 7.76 -9.04
N ILE A 25 10.25 8.64 -9.29
CA ILE A 25 9.05 8.71 -8.52
C ILE A 25 8.50 7.36 -8.14
N LEU A 26 7.34 7.36 -7.48
CA LEU A 26 6.77 6.14 -6.98
C LEU A 26 5.27 6.11 -6.93
N GLN A 27 4.81 5.19 -6.11
CA GLN A 27 3.39 4.97 -5.90
C GLN A 27 3.18 3.59 -5.28
N CYS A 28 3.01 3.58 -3.96
CA CYS A 28 2.83 2.34 -3.21
C CYS A 28 1.77 1.46 -3.85
N MET A 29 2.22 0.41 -4.53
CA MET A 29 1.31 -0.53 -5.19
C MET A 29 1.41 -1.92 -4.54
N GLY A 30 0.89 -2.93 -5.22
CA GLY A 30 0.94 -4.28 -4.68
C GLY A 30 -0.26 -4.62 -3.82
N CYS A 31 -0.03 -5.41 -2.78
CA CYS A 31 -1.10 -5.81 -1.88
C CYS A 31 -0.55 -6.16 -0.50
N CYS A 32 -1.33 -5.89 0.53
CA CYS A 32 -0.93 -6.18 1.91
C CYS A 32 -1.57 -7.47 2.40
N PHE A 33 -1.35 -7.78 3.68
CA PHE A 33 -1.92 -8.98 4.28
C PHE A 33 -2.37 -8.71 5.71
N SER A 34 -1.44 -8.25 6.54
CA SER A 34 -1.73 -7.94 7.93
C SER A 34 -0.60 -7.13 8.55
N ARG A 35 -0.15 -7.54 9.74
CA ARG A 35 0.92 -6.84 10.43
C ARG A 35 1.48 -7.68 11.57
N ALA A 36 2.62 -8.31 11.33
CA ALA A 36 3.27 -9.15 12.34
C ALA A 36 2.33 -10.24 12.85
N TYR A 37 2.91 -11.30 13.40
CA TYR A 37 2.14 -12.42 13.93
C TYR A 37 0.82 -12.58 13.20
N PRO A 38 0.86 -13.09 11.97
CA PRO A 38 -0.34 -13.31 11.15
C PRO A 38 -1.27 -14.34 11.75
N THR A 39 -0.82 -14.92 12.83
CA THR A 39 -1.59 -15.93 13.54
C THR A 39 -2.17 -16.95 12.57
N PRO A 40 -1.52 -18.12 12.46
CA PRO A 40 -1.97 -19.19 11.56
C PRO A 40 -3.36 -19.69 11.92
N LEU A 41 -3.72 -20.84 11.37
CA LEU A 41 -5.02 -21.43 11.64
C LEU A 41 -6.14 -20.57 11.06
N ARG A 42 -7.17 -21.22 10.55
CA ARG A 42 -8.31 -20.51 9.95
C ARG A 42 -9.59 -20.82 10.71
N SER A 43 -9.69 -20.33 11.94
CA SER A 43 -10.86 -20.55 12.77
C SER A 43 -11.67 -19.27 12.93
N LYS A 44 -11.95 -18.61 11.81
CA LYS A 44 -12.72 -17.37 11.81
C LYS A 44 -14.06 -17.57 11.12
N LYS A 45 -15.11 -17.80 11.91
CA LYS A 45 -16.45 -18.01 11.37
C LYS A 45 -17.22 -16.70 11.32
N THR A 46 -17.16 -16.01 10.17
CA THR A 46 -17.86 -14.75 10.00
C THR A 46 -19.36 -14.92 10.25
N MET A 47 -20.08 -13.80 10.29
CA MET A 47 -21.52 -13.83 10.53
C MET A 47 -22.16 -12.50 10.13
N LEU A 48 -21.62 -11.87 9.09
CA LEU A 48 -22.13 -10.60 8.62
C LEU A 48 -22.00 -10.48 7.10
N VAL A 49 -23.10 -10.70 6.39
CA VAL A 49 -23.12 -10.63 4.94
C VAL A 49 -22.05 -11.52 4.33
N GLN A 50 -22.47 -12.53 3.59
CA GLN A 50 -21.54 -13.46 2.95
C GLN A 50 -21.28 -13.07 1.50
N LYS A 51 -21.22 -11.77 1.24
CA LYS A 51 -20.96 -11.27 -0.10
C LYS A 51 -19.70 -10.41 -0.13
N ASN A 52 -18.76 -10.71 0.76
CA ASN A 52 -17.51 -9.96 0.84
C ASN A 52 -17.69 -8.67 1.62
N VAL A 53 -17.50 -8.75 2.93
CA VAL A 53 -17.64 -7.58 3.80
C VAL A 53 -16.87 -6.39 3.25
N THR A 54 -16.78 -5.32 4.04
CA THR A 54 -16.07 -4.12 3.64
C THR A 54 -14.57 -4.28 3.85
N SER A 55 -13.88 -3.17 4.05
CA SER A 55 -12.43 -3.19 4.26
C SER A 55 -12.08 -2.78 5.68
N GLU A 56 -11.58 -3.73 6.46
CA GLU A 56 -11.20 -3.45 7.85
C GLU A 56 -9.99 -4.29 8.26
N SER A 57 -8.83 -3.97 7.69
CA SER A 57 -7.60 -4.70 8.00
C SER A 57 -6.38 -3.80 7.87
N THR A 58 -5.70 -3.88 6.74
CA THR A 58 -4.52 -3.06 6.50
C THR A 58 -4.81 -1.95 5.51
N CYS A 59 -3.76 -1.22 5.10
CA CYS A 59 -3.91 -0.13 4.15
C CYS A 59 -2.61 0.67 4.02
N CYS A 60 -1.98 0.59 2.85
CA CYS A 60 -0.74 1.32 2.61
C CYS A 60 -1.01 2.79 2.32
N VAL A 61 -0.52 3.65 3.20
CA VAL A 61 -0.71 5.08 3.04
C VAL A 61 0.61 5.83 3.27
N ALA A 62 1.52 5.69 2.33
CA ALA A 62 2.83 6.33 2.41
C ALA A 62 2.98 7.13 3.70
N LYS A 63 3.71 6.57 4.65
CA LYS A 63 3.95 7.24 5.92
C LYS A 63 4.54 8.61 5.66
N SER A 64 5.41 8.66 4.66
CA SER A 64 6.04 9.89 4.26
C SER A 64 6.15 9.96 2.76
N TYR A 65 5.49 10.93 2.17
CA TYR A 65 5.48 11.09 0.72
C TYR A 65 6.30 12.27 0.27
N ASN A 66 6.64 12.26 -1.01
CA ASN A 66 7.38 13.36 -1.60
C ASN A 66 6.66 13.78 -2.86
N ARG A 67 5.37 13.54 -2.81
CA ARG A 67 4.45 13.85 -3.90
C ARG A 67 5.09 14.73 -4.95
N VAL A 68 5.22 14.17 -6.15
CA VAL A 68 5.81 14.87 -7.27
C VAL A 68 4.81 14.99 -8.41
N THR A 69 3.60 15.42 -8.09
CA THR A 69 2.55 15.55 -9.08
C THR A 69 3.12 15.48 -10.49
N VAL A 70 2.67 14.49 -11.24
CA VAL A 70 3.13 14.29 -12.62
C VAL A 70 2.06 14.66 -13.61
N MET A 71 2.26 14.17 -14.82
CA MET A 71 1.33 14.41 -15.91
C MET A 71 -0.09 14.52 -15.40
N GLY A 72 -0.91 15.28 -16.12
CA GLY A 72 -2.29 15.46 -15.71
C GLY A 72 -2.42 15.80 -14.24
N GLY A 73 -1.32 16.26 -13.65
CA GLY A 73 -1.32 16.62 -12.24
C GLY A 73 -1.41 15.40 -11.34
N PHE A 74 -0.87 14.29 -11.81
CA PHE A 74 -0.88 13.04 -11.05
C PHE A 74 -0.34 13.26 -9.64
N LYS A 75 -0.21 12.18 -8.89
CA LYS A 75 0.29 12.25 -7.53
C LYS A 75 0.84 10.91 -7.06
N VAL A 76 2.13 10.90 -6.69
CA VAL A 76 2.80 9.69 -6.22
C VAL A 76 3.26 9.87 -4.82
N GLU A 77 2.78 10.92 -4.21
CA GLU A 77 3.20 11.25 -2.86
C GLU A 77 4.61 10.69 -2.72
N ASN A 78 5.35 10.85 -3.82
CA ASN A 78 6.68 10.31 -3.94
C ASN A 78 7.02 9.59 -2.68
N HIS A 79 6.32 8.49 -2.49
CA HIS A 79 6.42 7.68 -1.32
C HIS A 79 7.83 7.53 -0.79
N THR A 80 8.00 8.02 0.41
CA THR A 80 9.27 7.95 1.11
C THR A 80 9.17 6.95 2.26
N ALA A 81 7.92 6.62 2.62
CA ALA A 81 7.64 5.68 3.68
C ALA A 81 6.20 5.21 3.56
N CYS A 82 5.96 3.92 3.72
CA CYS A 82 4.61 3.38 3.62
C CYS A 82 4.24 2.59 4.87
N HIS A 83 3.00 2.71 5.32
CA HIS A 83 2.54 2.01 6.51
C HIS A 83 1.15 1.41 6.30
N CYS A 84 1.08 0.08 6.31
CA CYS A 84 -0.18 -0.63 6.13
C CYS A 84 -0.84 -0.90 7.48
N SER A 85 -2.14 -0.63 7.57
CA SER A 85 -2.89 -0.83 8.81
C SER A 85 -3.03 0.47 9.59
N THR A 86 -2.80 1.59 8.91
CA THR A 86 -2.90 2.90 9.53
C THR A 86 -4.28 3.51 9.26
N CYS A 87 -5.29 2.65 9.18
CA CYS A 87 -6.65 3.09 8.91
C CYS A 87 -7.35 3.54 10.21
N TYR A 88 -6.78 4.55 10.85
CA TYR A 88 -7.34 5.08 12.08
C TYR A 88 -7.60 6.58 11.97
N TYR A 89 -8.86 6.98 12.16
CA TYR A 89 -9.24 8.38 12.08
C TYR A 89 -8.17 9.28 12.69
N HIS A 90 -8.21 10.56 12.34
CA HIS A 90 -7.24 11.52 12.85
C HIS A 90 -7.83 12.32 14.02
N LYS A 91 -8.13 11.63 15.11
CA LYS A 91 -8.69 12.28 16.29
C LYS A 91 -7.68 12.29 17.44
N SER A 92 -6.98 13.41 17.59
CA SER A 92 -5.98 13.55 18.65
C SER A 92 -6.63 13.96 19.96
N ALA A 1 -14.60 -14.02 -3.73
CA ALA A 1 -13.39 -13.42 -3.11
C ALA A 1 -12.23 -14.40 -3.12
N PRO A 2 -11.00 -13.88 -3.08
CA PRO A 2 -9.77 -14.68 -3.08
C PRO A 2 -9.85 -15.85 -2.10
N ASP A 3 -8.85 -16.73 -2.16
CA ASP A 3 -8.79 -17.88 -1.27
C ASP A 3 -7.54 -17.85 -0.40
N VAL A 4 -6.39 -17.73 -1.05
CA VAL A 4 -5.12 -17.67 -0.33
C VAL A 4 -4.33 -16.41 -0.68
N GLN A 5 -3.01 -16.49 -0.71
CA GLN A 5 -2.18 -15.35 -1.04
C GLN A 5 -1.65 -15.41 -2.47
N ASP A 6 -1.65 -14.27 -3.15
CA ASP A 6 -1.17 -14.19 -4.52
C ASP A 6 -0.80 -12.76 -4.90
N CYS A 7 -0.34 -12.57 -6.12
CA CYS A 7 0.05 -11.25 -6.61
C CYS A 7 1.10 -10.64 -5.69
N PRO A 8 1.97 -9.78 -6.25
CA PRO A 8 3.03 -9.12 -5.47
C PRO A 8 2.46 -8.36 -4.27
N GLU A 9 3.27 -7.48 -3.71
CA GLU A 9 2.84 -6.68 -2.55
C GLU A 9 2.84 -5.20 -2.88
N CYS A 10 2.13 -4.44 -2.05
CA CYS A 10 2.03 -3.00 -2.25
C CYS A 10 3.39 -2.33 -2.14
N THR A 11 3.74 -1.57 -3.17
CA THR A 11 5.00 -0.86 -3.23
C THR A 11 4.84 0.41 -4.05
N LEU A 12 5.88 0.78 -4.80
CA LEU A 12 5.80 1.97 -5.63
C LEU A 12 6.06 1.64 -7.09
N GLN A 13 5.26 2.24 -7.96
CA GLN A 13 5.39 2.01 -9.39
C GLN A 13 6.24 3.07 -10.03
N GLU A 14 7.33 3.36 -9.39
CA GLU A 14 8.27 4.37 -9.84
C GLU A 14 7.82 4.95 -11.17
N ASN A 15 7.54 6.23 -11.12
CA ASN A 15 7.07 6.96 -12.28
C ASN A 15 8.02 6.85 -13.45
N PRO A 16 7.67 6.02 -14.45
CA PRO A 16 8.48 5.86 -15.66
C PRO A 16 8.29 7.07 -16.56
N PHE A 17 7.63 8.07 -15.99
CA PHE A 17 7.33 9.32 -16.68
C PHE A 17 8.22 10.45 -16.19
N PHE A 18 8.12 10.71 -14.89
CA PHE A 18 8.89 11.77 -14.25
C PHE A 18 10.32 11.35 -13.95
N SER A 19 10.64 10.09 -14.26
CA SER A 19 11.98 9.57 -14.02
C SER A 19 13.02 10.54 -14.57
N GLN A 20 13.50 11.43 -13.71
CA GLN A 20 14.50 12.41 -14.11
C GLN A 20 15.90 11.89 -13.87
N PRO A 21 16.91 12.59 -14.41
CA PRO A 21 18.31 12.20 -14.25
C PRO A 21 18.74 12.24 -12.79
N GLY A 22 18.06 11.44 -11.97
CA GLY A 22 18.37 11.39 -10.56
C GLY A 22 17.14 11.33 -9.69
N ALA A 23 15.96 11.23 -10.30
CA ALA A 23 14.72 11.18 -9.55
C ALA A 23 13.65 10.40 -10.28
N PRO A 24 13.46 9.16 -9.82
CA PRO A 24 12.51 8.22 -10.38
C PRO A 24 11.20 8.21 -9.61
N ILE A 25 10.36 9.18 -9.91
CA ILE A 25 9.06 9.33 -9.29
C ILE A 25 8.32 8.02 -9.10
N LEU A 26 7.08 8.10 -8.61
CA LEU A 26 6.31 6.91 -8.28
C LEU A 26 4.82 7.08 -8.34
N GLN A 27 4.18 6.15 -7.67
CA GLN A 27 2.72 6.11 -7.58
C GLN A 27 2.22 4.73 -7.13
N CYS A 28 2.60 4.37 -5.89
CA CYS A 28 2.23 3.10 -5.28
C CYS A 28 1.50 2.14 -6.22
N MET A 29 2.09 0.96 -6.40
CA MET A 29 1.49 -0.07 -7.25
C MET A 29 0.18 -0.56 -6.61
N GLY A 30 0.30 -1.31 -5.52
CA GLY A 30 -0.87 -1.82 -4.84
C GLY A 30 -1.15 -3.28 -5.14
N CYS A 31 -0.85 -4.16 -4.18
CA CYS A 31 -1.08 -5.59 -4.35
C CYS A 31 -1.01 -6.31 -3.01
N CYS A 32 -1.96 -6.01 -2.12
CA CYS A 32 -2.00 -6.64 -0.81
C CYS A 32 -2.99 -7.80 -0.80
N PHE A 33 -3.57 -8.08 0.35
CA PHE A 33 -4.54 -9.16 0.49
C PHE A 33 -5.81 -8.68 1.18
N SER A 34 -6.61 -9.61 1.68
CA SER A 34 -7.86 -9.26 2.34
C SER A 34 -8.07 -10.13 3.59
N ARG A 35 -8.25 -9.47 4.74
CA ARG A 35 -8.48 -10.16 6.00
C ARG A 35 -7.85 -9.39 7.16
N ALA A 36 -7.86 -10.00 8.35
CA ALA A 36 -7.30 -9.39 9.54
C ALA A 36 -7.31 -10.35 10.71
N TYR A 37 -6.12 -10.81 11.11
CA TYR A 37 -5.99 -11.74 12.22
C TYR A 37 -4.52 -11.92 12.62
N PRO A 38 -4.13 -11.34 13.76
CA PRO A 38 -2.76 -11.42 14.27
C PRO A 38 -2.25 -12.86 14.34
N THR A 39 -0.97 -13.01 14.69
CA THR A 39 -0.35 -14.33 14.80
C THR A 39 -1.17 -15.26 15.69
N PRO A 40 -1.59 -16.40 15.15
CA PRO A 40 -2.38 -17.39 15.89
C PRO A 40 -1.67 -17.85 17.16
N LEU A 41 -2.39 -18.58 18.01
CA LEU A 41 -1.82 -19.07 19.26
C LEU A 41 -0.33 -19.35 19.11
N ARG A 42 0.01 -20.27 18.22
CA ARG A 42 1.40 -20.64 17.97
C ARG A 42 2.29 -19.41 17.95
N SER A 43 3.60 -19.64 17.92
CA SER A 43 4.56 -18.55 17.90
C SER A 43 5.33 -18.52 16.58
N LYS A 44 6.13 -19.56 16.35
CA LYS A 44 6.91 -19.67 15.12
C LYS A 44 8.08 -18.69 15.15
N LYS A 45 8.00 -17.63 14.34
CA LYS A 45 9.05 -16.63 14.27
C LYS A 45 8.51 -15.22 14.51
N THR A 46 9.26 -14.21 14.06
CA THR A 46 8.87 -12.82 14.23
C THR A 46 8.97 -12.39 15.69
N MET A 47 10.09 -12.71 16.32
CA MET A 47 10.32 -12.36 17.72
C MET A 47 9.01 -12.37 18.51
N LEU A 48 8.79 -11.34 19.32
CA LEU A 48 7.57 -11.25 20.12
C LEU A 48 7.03 -9.82 20.12
N VAL A 49 6.05 -9.56 20.97
CA VAL A 49 5.44 -8.24 21.07
C VAL A 49 4.81 -7.84 19.74
N GLN A 50 3.49 -7.64 19.75
CA GLN A 50 2.77 -7.28 18.53
C GLN A 50 3.09 -5.86 18.11
N LYS A 51 3.14 -5.63 16.79
CA LYS A 51 3.44 -4.31 16.26
C LYS A 51 2.27 -3.78 15.44
N ASN A 52 1.06 -4.12 15.85
CA ASN A 52 -0.15 -3.69 15.16
C ASN A 52 -0.13 -4.10 13.69
N VAL A 53 -1.32 -4.15 13.07
CA VAL A 53 -1.43 -4.52 11.67
C VAL A 53 -2.45 -3.64 10.94
N THR A 54 -2.84 -2.54 11.57
CA THR A 54 -3.81 -1.63 10.99
C THR A 54 -5.11 -2.34 10.66
N SER A 55 -5.59 -3.14 11.62
CA SER A 55 -6.83 -3.88 11.43
C SER A 55 -7.96 -2.98 10.94
N GLU A 56 -9.01 -3.59 10.41
CA GLU A 56 -10.17 -2.85 9.91
C GLU A 56 -9.94 -2.38 8.48
N SER A 57 -10.34 -3.21 7.52
CA SER A 57 -10.20 -2.87 6.10
C SER A 57 -8.74 -2.65 5.72
N THR A 58 -8.51 -2.35 4.44
CA THR A 58 -7.16 -2.10 3.95
C THR A 58 -7.18 -1.10 2.80
N CYS A 59 -6.01 -0.56 2.46
CA CYS A 59 -5.89 0.41 1.37
C CYS A 59 -4.57 1.16 1.45
N CYS A 60 -3.84 1.17 0.35
CA CYS A 60 -2.55 1.85 0.29
C CYS A 60 -2.71 3.32 -0.07
N VAL A 61 -1.91 4.16 0.58
CA VAL A 61 -1.93 5.60 0.34
C VAL A 61 -0.60 6.21 0.76
N ALA A 62 0.48 5.69 0.20
CA ALA A 62 1.83 6.16 0.51
C ALA A 62 1.94 6.66 1.95
N LYS A 63 2.55 5.85 2.81
CA LYS A 63 2.75 6.21 4.21
C LYS A 63 3.42 7.57 4.28
N SER A 64 4.30 7.80 3.32
CA SER A 64 5.03 9.06 3.22
C SER A 64 5.36 9.34 1.76
N TYR A 65 4.86 10.45 1.25
CA TYR A 65 5.08 10.82 -0.14
C TYR A 65 6.09 11.95 -0.30
N ASN A 66 6.55 12.13 -1.52
CA ASN A 66 7.47 13.20 -1.83
C ASN A 66 6.95 13.93 -3.04
N ARG A 67 5.64 13.84 -3.15
CA ARG A 67 4.88 14.45 -4.23
C ARG A 67 5.72 15.41 -5.05
N VAL A 68 6.16 14.93 -6.18
CA VAL A 68 6.97 15.72 -7.10
C VAL A 68 6.12 16.31 -8.20
N THR A 69 4.98 16.85 -7.82
CA THR A 69 4.06 17.43 -8.78
C THR A 69 4.81 17.79 -10.05
N VAL A 70 4.40 17.18 -11.15
CA VAL A 70 5.06 17.41 -12.42
C VAL A 70 4.08 17.82 -13.51
N MET A 71 4.57 17.79 -14.73
CA MET A 71 3.80 18.15 -15.90
C MET A 71 2.91 19.34 -15.60
N GLY A 72 1.64 19.24 -15.98
CA GLY A 72 0.70 20.30 -15.75
C GLY A 72 0.19 20.33 -14.33
N GLY A 73 0.93 19.70 -13.42
CA GLY A 73 0.51 19.68 -12.03
C GLY A 73 0.13 18.29 -11.56
N PHE A 74 0.90 17.28 -11.97
CA PHE A 74 0.62 15.91 -11.56
C PHE A 74 0.98 15.72 -10.09
N LYS A 75 0.75 14.51 -9.57
CA LYS A 75 1.07 14.24 -8.17
C LYS A 75 1.31 12.74 -7.95
N VAL A 76 2.58 12.40 -7.72
CA VAL A 76 2.97 11.02 -7.46
C VAL A 76 3.30 10.86 -6.02
N GLU A 77 2.88 11.85 -5.26
CA GLU A 77 3.19 11.88 -3.84
C GLU A 77 4.49 11.13 -3.68
N ASN A 78 5.37 11.39 -4.65
CA ASN A 78 6.64 10.71 -4.77
C ASN A 78 6.80 9.80 -3.59
N HIS A 79 5.97 8.79 -3.60
CA HIS A 79 5.89 7.82 -2.54
C HIS A 79 7.23 7.47 -1.94
N THR A 80 7.28 7.70 -0.65
CA THR A 80 8.46 7.40 0.15
C THR A 80 8.16 6.21 1.05
N ALA A 81 6.89 5.85 1.12
CA ALA A 81 6.43 4.72 1.91
C ALA A 81 4.96 4.47 1.63
N CYS A 82 4.57 3.19 1.59
CA CYS A 82 3.16 2.85 1.33
C CYS A 82 2.59 2.04 2.49
N HIS A 83 1.30 2.24 2.76
CA HIS A 83 0.64 1.55 3.86
C HIS A 83 -0.76 1.06 3.48
N CYS A 84 -0.92 -0.26 3.43
CA CYS A 84 -2.21 -0.86 3.08
C CYS A 84 -3.18 -0.81 4.26
N SER A 85 -3.93 0.28 4.37
CA SER A 85 -4.89 0.45 5.46
C SER A 85 -5.23 1.93 5.67
N THR A 86 -6.32 2.38 5.04
CA THR A 86 -6.75 3.77 5.17
C THR A 86 -7.86 4.08 4.17
N CYS A 87 -8.87 3.19 4.12
CA CYS A 87 -10.00 3.38 3.21
C CYS A 87 -11.30 3.53 3.99
N TYR A 88 -12.02 4.61 3.71
CA TYR A 88 -13.28 4.88 4.38
C TYR A 88 -14.38 3.94 3.85
N TYR A 89 -14.30 2.68 4.24
CA TYR A 89 -15.27 1.68 3.80
C TYR A 89 -16.41 1.53 4.80
N HIS A 90 -17.20 0.49 4.64
CA HIS A 90 -18.33 0.22 5.52
C HIS A 90 -18.49 -1.27 5.78
N LYS A 91 -17.56 -1.82 6.55
CA LYS A 91 -17.59 -3.24 6.89
C LYS A 91 -17.42 -3.44 8.39
N SER A 92 -16.20 -3.34 8.86
CA SER A 92 -15.90 -3.51 10.29
C SER A 92 -15.79 -4.98 10.64
N ALA A 1 -6.51 -11.69 -3.32
CA ALA A 1 -7.71 -10.83 -3.15
C ALA A 1 -8.57 -10.84 -4.42
N PRO A 2 -7.94 -10.62 -5.58
CA PRO A 2 -8.64 -10.60 -6.87
C PRO A 2 -9.27 -11.94 -7.19
N ASP A 3 -9.67 -12.13 -8.46
CA ASP A 3 -10.28 -13.37 -8.90
C ASP A 3 -9.22 -14.46 -9.05
N VAL A 4 -8.28 -14.25 -9.96
CA VAL A 4 -7.21 -15.21 -10.20
C VAL A 4 -5.96 -14.52 -10.75
N GLN A 5 -5.89 -13.20 -10.58
CA GLN A 5 -4.75 -12.42 -11.05
C GLN A 5 -3.65 -12.36 -9.99
N ASP A 6 -2.51 -11.81 -10.37
CA ASP A 6 -1.39 -11.70 -9.44
C ASP A 6 -1.31 -10.30 -8.83
N CYS A 7 -0.80 -10.23 -7.61
CA CYS A 7 -0.67 -8.95 -6.92
C CYS A 7 0.65 -8.89 -6.17
N PRO A 8 1.31 -7.72 -6.17
CA PRO A 8 2.59 -7.53 -5.49
C PRO A 8 2.42 -7.15 -4.03
N GLU A 9 3.54 -6.91 -3.35
CA GLU A 9 3.52 -6.54 -1.94
C GLU A 9 3.34 -5.04 -1.77
N CYS A 10 2.50 -4.67 -0.82
CA CYS A 10 2.22 -3.26 -0.54
C CYS A 10 3.50 -2.43 -0.54
N THR A 11 3.60 -1.50 -1.49
CA THR A 11 4.77 -0.63 -1.58
C THR A 11 4.61 0.39 -2.68
N LEU A 12 5.69 1.08 -2.98
CA LEU A 12 5.69 2.10 -4.00
C LEU A 12 5.93 1.51 -5.38
N GLN A 13 5.08 1.89 -6.31
CA GLN A 13 5.19 1.40 -7.67
C GLN A 13 6.03 2.34 -8.49
N GLU A 14 7.16 2.66 -7.91
CA GLU A 14 8.11 3.59 -8.50
C GLU A 14 7.64 4.07 -9.85
N ASN A 15 7.36 5.34 -9.87
CA ASN A 15 6.86 6.02 -11.04
C ASN A 15 7.56 5.57 -12.31
N PRO A 16 6.93 4.68 -13.09
CA PRO A 16 7.48 4.19 -14.35
C PRO A 16 7.52 5.31 -15.38
N PHE A 17 7.15 6.49 -14.93
CA PHE A 17 7.11 7.69 -15.76
C PHE A 17 8.21 8.65 -15.32
N PHE A 18 8.16 9.02 -14.04
CA PHE A 18 9.13 9.94 -13.46
C PHE A 18 10.47 9.24 -13.27
N SER A 19 10.43 7.92 -13.13
CA SER A 19 11.64 7.13 -12.94
C SER A 19 12.71 7.53 -13.95
N GLN A 20 13.63 8.39 -13.53
CA GLN A 20 14.70 8.86 -14.40
C GLN A 20 16.03 8.85 -13.64
N PRO A 21 17.13 8.43 -14.30
CA PRO A 21 18.45 8.40 -13.70
C PRO A 21 18.68 9.55 -12.72
N GLY A 22 18.18 9.39 -11.49
CA GLY A 22 18.35 10.42 -10.49
C GLY A 22 17.04 10.76 -9.79
N ALA A 23 15.94 10.18 -10.27
CA ALA A 23 14.63 10.43 -9.67
C ALA A 23 13.64 9.35 -10.01
N PRO A 24 13.42 8.46 -9.05
CA PRO A 24 12.54 7.31 -9.16
C PRO A 24 11.24 7.48 -8.39
N ILE A 25 10.43 8.41 -8.83
CA ILE A 25 9.15 8.67 -8.21
C ILE A 25 8.41 7.40 -7.85
N LEU A 26 7.19 7.55 -7.34
CA LEU A 26 6.44 6.40 -6.87
C LEU A 26 4.96 6.54 -6.99
N GLN A 27 4.31 5.71 -6.20
CA GLN A 27 2.86 5.68 -6.15
C GLN A 27 2.37 4.40 -5.43
N CYS A 28 2.72 4.29 -4.14
CA CYS A 28 2.33 3.14 -3.32
C CYS A 28 1.13 2.40 -3.91
N MET A 29 1.37 1.18 -4.38
CA MET A 29 0.31 0.37 -4.97
C MET A 29 0.69 -1.11 -4.96
N GLY A 30 0.09 -1.87 -4.04
CA GLY A 30 0.38 -3.29 -3.94
C GLY A 30 -0.79 -4.08 -3.44
N CYS A 31 -0.54 -4.98 -2.49
CA CYS A 31 -1.60 -5.82 -1.93
C CYS A 31 -1.24 -6.24 -0.50
N CYS A 32 -2.10 -5.92 0.45
CA CYS A 32 -1.88 -6.27 1.85
C CYS A 32 -2.53 -7.61 2.19
N PHE A 33 -1.70 -8.62 2.42
CA PHE A 33 -2.20 -9.95 2.75
C PHE A 33 -2.09 -10.22 4.24
N SER A 34 -2.90 -11.16 4.71
CA SER A 34 -2.90 -11.54 6.12
C SER A 34 -3.96 -12.60 6.39
N ARG A 35 -5.23 -12.18 6.35
CA ARG A 35 -6.34 -13.09 6.59
C ARG A 35 -6.01 -14.08 7.71
N ALA A 36 -6.76 -15.18 7.75
CA ALA A 36 -6.55 -16.22 8.76
C ALA A 36 -5.30 -17.03 8.49
N TYR A 37 -4.24 -16.74 9.23
CA TYR A 37 -2.96 -17.45 9.08
C TYR A 37 -1.80 -16.56 9.51
N PRO A 38 -1.74 -16.22 10.80
CA PRO A 38 -0.68 -15.37 11.34
C PRO A 38 0.64 -16.11 11.52
N THR A 39 1.67 -15.38 11.94
CA THR A 39 2.99 -15.97 12.16
C THR A 39 3.74 -15.22 13.26
N PRO A 40 4.87 -15.79 13.71
CA PRO A 40 5.70 -15.18 14.76
C PRO A 40 6.40 -13.93 14.27
N LEU A 41 6.62 -13.85 12.97
CA LEU A 41 7.29 -12.70 12.36
C LEU A 41 6.28 -11.72 11.81
N ARG A 42 5.33 -11.31 12.65
CA ARG A 42 4.30 -10.36 12.24
C ARG A 42 3.17 -10.29 13.26
N SER A 43 2.98 -11.38 14.01
CA SER A 43 1.92 -11.43 15.01
C SER A 43 2.50 -11.65 16.41
N LYS A 44 3.79 -11.39 16.57
CA LYS A 44 4.46 -11.57 17.85
C LYS A 44 4.24 -12.99 18.39
N LYS A 45 4.53 -13.20 19.66
CA LYS A 45 4.36 -14.51 20.28
C LYS A 45 3.10 -14.56 21.13
N THR A 46 2.64 -13.39 21.57
CA THR A 46 1.45 -13.30 22.41
C THR A 46 0.31 -12.60 21.67
N MET A 47 -0.91 -12.82 22.16
CA MET A 47 -2.09 -12.22 21.57
C MET A 47 -3.34 -12.57 22.37
N LEU A 48 -3.70 -11.70 23.31
CA LEU A 48 -4.87 -11.93 24.16
C LEU A 48 -6.04 -11.07 23.72
N VAL A 49 -6.66 -11.43 22.59
CA VAL A 49 -7.79 -10.68 22.08
C VAL A 49 -7.47 -9.20 21.91
N GLN A 50 -8.33 -8.49 21.19
CA GLN A 50 -8.13 -7.07 20.96
C GLN A 50 -9.38 -6.45 20.32
N LYS A 51 -9.71 -5.23 20.75
CA LYS A 51 -10.88 -4.54 20.23
C LYS A 51 -10.75 -4.30 18.73
N ASN A 52 -11.82 -4.60 17.99
CA ASN A 52 -11.82 -4.41 16.55
C ASN A 52 -10.79 -5.31 15.86
N VAL A 53 -11.29 -6.34 15.18
CA VAL A 53 -10.42 -7.28 14.48
C VAL A 53 -11.02 -7.68 13.13
N THR A 54 -10.14 -8.05 12.21
CA THR A 54 -10.57 -8.46 10.88
C THR A 54 -10.75 -7.25 9.96
N SER A 55 -9.85 -7.12 9.00
CA SER A 55 -9.90 -6.00 8.05
C SER A 55 -9.98 -6.51 6.61
N GLU A 56 -11.20 -6.66 6.11
CA GLU A 56 -11.43 -7.14 4.76
C GLU A 56 -10.27 -6.79 3.83
N SER A 57 -10.40 -5.70 3.10
CA SER A 57 -9.35 -5.27 2.17
C SER A 57 -8.86 -3.86 2.53
N THR A 58 -7.54 -3.71 2.60
CA THR A 58 -6.94 -2.43 2.93
C THR A 58 -6.30 -1.79 1.70
N CYS A 59 -5.67 -0.64 1.90
CA CYS A 59 -5.01 0.08 0.82
C CYS A 59 -3.94 1.01 1.37
N CYS A 60 -2.73 0.88 0.85
CA CYS A 60 -1.61 1.70 1.30
C CYS A 60 -1.69 3.11 0.74
N VAL A 61 -2.10 4.06 1.59
CA VAL A 61 -2.20 5.45 1.19
C VAL A 61 -1.01 6.25 1.72
N ALA A 62 0.14 6.04 1.09
CA ALA A 62 1.38 6.71 1.48
C ALA A 62 1.29 7.40 2.83
N LYS A 63 1.80 6.75 3.88
CA LYS A 63 1.83 7.33 5.20
C LYS A 63 2.42 8.73 5.11
N SER A 64 3.37 8.83 4.20
CA SER A 64 4.06 10.08 3.92
C SER A 64 4.20 10.25 2.43
N TYR A 65 4.89 11.28 2.01
CA TYR A 65 5.05 11.52 0.58
C TYR A 65 6.18 12.49 0.29
N ASN A 66 6.61 12.49 -0.96
CA ASN A 66 7.63 13.42 -1.42
C ASN A 66 7.18 13.97 -2.75
N ARG A 67 5.87 14.01 -2.85
CA ARG A 67 5.15 14.49 -4.02
C ARG A 67 6.06 15.18 -5.02
N VAL A 68 5.95 14.75 -6.27
CA VAL A 68 6.74 15.32 -7.37
C VAL A 68 5.85 15.57 -8.57
N THR A 69 4.64 16.02 -8.28
CA THR A 69 3.64 16.30 -9.31
C THR A 69 4.18 16.12 -10.71
N VAL A 70 3.57 15.20 -11.45
CA VAL A 70 3.96 14.92 -12.83
C VAL A 70 2.90 15.36 -13.81
N MET A 71 3.00 14.81 -15.00
CA MET A 71 2.07 15.12 -16.07
C MET A 71 0.68 15.46 -15.55
N GLY A 72 -0.05 16.25 -16.33
CA GLY A 72 -1.38 16.65 -15.92
C GLY A 72 -1.42 17.00 -14.46
N GLY A 73 -0.28 17.43 -13.92
CA GLY A 73 -0.20 17.79 -12.52
C GLY A 73 -0.35 16.58 -11.61
N PHE A 74 0.09 15.43 -12.09
CA PHE A 74 0.01 14.21 -11.30
C PHE A 74 0.50 14.46 -9.89
N LYS A 75 0.46 13.41 -9.05
CA LYS A 75 0.91 13.55 -7.67
C LYS A 75 1.21 12.19 -7.06
N VAL A 76 2.47 11.78 -7.14
CA VAL A 76 2.92 10.51 -6.58
C VAL A 76 3.27 10.69 -5.14
N GLU A 77 2.93 11.85 -4.64
CA GLU A 77 3.25 12.18 -3.27
C GLU A 77 4.52 11.43 -2.96
N ASN A 78 5.39 11.41 -3.97
CA ASN A 78 6.62 10.66 -3.94
C ASN A 78 6.67 9.87 -2.66
N HIS A 79 5.69 9.00 -2.57
CA HIS A 79 5.49 8.17 -1.40
C HIS A 79 6.76 7.81 -0.68
N THR A 80 6.80 8.21 0.57
CA THR A 80 7.93 7.94 1.41
C THR A 80 7.57 6.86 2.45
N ALA A 81 6.28 6.55 2.53
CA ALA A 81 5.78 5.53 3.44
C ALA A 81 4.31 5.24 3.14
N CYS A 82 3.95 3.96 3.06
CA CYS A 82 2.56 3.58 2.79
C CYS A 82 1.99 2.81 3.98
N HIS A 83 0.71 3.05 4.27
CA HIS A 83 0.04 2.38 5.38
C HIS A 83 -1.24 1.70 4.91
N CYS A 84 -1.27 0.38 4.97
CA CYS A 84 -2.43 -0.39 4.56
C CYS A 84 -3.67 0.01 5.35
N SER A 85 -4.57 0.76 4.71
CA SER A 85 -5.79 1.21 5.37
C SER A 85 -6.97 1.23 4.39
N THR A 86 -7.96 0.38 4.66
CA THR A 86 -9.14 0.28 3.81
C THR A 86 -9.47 1.63 3.17
N CYS A 87 -10.13 1.58 2.02
CA CYS A 87 -10.52 2.78 1.30
C CYS A 87 -12.04 2.92 1.25
N TYR A 88 -12.69 2.71 2.39
CA TYR A 88 -14.14 2.80 2.48
C TYR A 88 -14.55 3.88 3.47
N TYR A 89 -14.18 5.12 3.17
CA TYR A 89 -14.51 6.25 4.03
C TYR A 89 -14.46 5.84 5.50
N HIS A 90 -13.24 5.81 6.05
CA HIS A 90 -13.05 5.43 7.45
C HIS A 90 -11.86 6.16 8.04
N LYS A 91 -12.04 6.68 9.26
CA LYS A 91 -10.97 7.40 9.95
C LYS A 91 -10.60 6.71 11.25
N SER A 92 -9.49 5.99 11.24
CA SER A 92 -9.02 5.27 12.42
C SER A 92 -7.65 5.78 12.85
N ALA A 1 -11.11 -10.94 -11.17
CA ALA A 1 -10.98 -11.20 -9.71
C ALA A 1 -10.00 -12.33 -9.44
N PRO A 2 -8.73 -11.99 -9.21
CA PRO A 2 -7.68 -12.98 -8.92
C PRO A 2 -7.97 -13.76 -7.64
N ASP A 3 -8.09 -15.08 -7.77
CA ASP A 3 -8.37 -15.93 -6.61
C ASP A 3 -7.09 -16.36 -5.91
N VAL A 4 -6.19 -15.40 -5.66
CA VAL A 4 -4.94 -15.69 -4.99
C VAL A 4 -4.95 -15.16 -3.56
N GLN A 5 -6.07 -14.54 -3.19
CA GLN A 5 -6.24 -13.98 -1.86
C GLN A 5 -4.90 -13.56 -1.26
N ASP A 6 -4.83 -13.53 0.07
CA ASP A 6 -3.61 -13.14 0.77
C ASP A 6 -2.93 -11.96 0.08
N CYS A 7 -3.61 -10.82 0.09
CA CYS A 7 -3.06 -9.62 -0.53
C CYS A 7 -1.59 -9.44 -0.18
N PRO A 8 -0.77 -9.07 -1.17
CA PRO A 8 0.68 -8.87 -0.96
C PRO A 8 0.96 -7.71 -0.02
N GLU A 9 2.18 -7.19 -0.08
CA GLU A 9 2.59 -6.08 0.76
C GLU A 9 2.40 -4.76 0.02
N CYS A 10 2.30 -3.68 0.77
CA CYS A 10 2.11 -2.36 0.19
C CYS A 10 3.42 -1.58 0.15
N THR A 11 3.59 -0.75 -0.87
CA THR A 11 4.79 0.05 -1.02
C THR A 11 4.70 0.93 -2.24
N LEU A 12 5.82 1.52 -2.63
CA LEU A 12 5.87 2.39 -3.79
C LEU A 12 6.35 1.65 -5.01
N GLN A 13 5.71 1.92 -6.14
CA GLN A 13 6.10 1.29 -7.38
C GLN A 13 6.72 2.29 -8.32
N GLU A 14 7.73 2.94 -7.80
CA GLU A 14 8.48 3.97 -8.52
C GLU A 14 7.94 4.16 -9.92
N ASN A 15 7.56 5.39 -10.17
CA ASN A 15 7.00 5.78 -11.44
C ASN A 15 7.97 5.60 -12.59
N PRO A 16 7.81 4.54 -13.39
CA PRO A 16 8.63 4.29 -14.56
C PRO A 16 8.20 5.21 -15.69
N PHE A 17 7.27 6.08 -15.34
CA PHE A 17 6.70 7.05 -16.25
C PHE A 17 7.39 8.39 -16.11
N PHE A 18 7.28 8.97 -14.92
CA PHE A 18 7.87 10.26 -14.62
C PHE A 18 9.36 10.11 -14.35
N SER A 19 9.85 8.87 -14.35
CA SER A 19 11.26 8.62 -14.13
C SER A 19 12.10 9.45 -15.08
N GLN A 20 12.49 10.63 -14.64
CA GLN A 20 13.30 11.52 -15.45
C GLN A 20 14.77 11.35 -15.12
N PRO A 21 15.65 11.82 -16.02
CA PRO A 21 17.10 11.73 -15.83
C PRO A 21 17.54 12.33 -14.51
N GLY A 22 17.07 11.75 -13.41
CA GLY A 22 17.42 12.25 -12.09
C GLY A 22 16.29 12.14 -11.09
N ALA A 23 15.14 11.60 -11.51
CA ALA A 23 14.00 11.48 -10.61
C ALA A 23 13.06 10.36 -11.01
N PRO A 24 13.07 9.30 -10.21
CA PRO A 24 12.26 8.12 -10.38
C PRO A 24 11.01 8.12 -9.49
N ILE A 25 10.01 8.86 -9.93
CA ILE A 25 8.75 9.00 -9.23
C ILE A 25 8.19 7.70 -8.70
N LEU A 26 6.99 7.78 -8.12
CA LEU A 26 6.35 6.64 -7.49
C LEU A 26 4.85 6.72 -7.49
N GLN A 27 4.29 5.87 -6.67
CA GLN A 27 2.84 5.78 -6.49
C GLN A 27 2.46 4.49 -5.75
N CYS A 28 2.62 4.51 -4.44
CA CYS A 28 2.31 3.36 -3.59
C CYS A 28 1.48 2.33 -4.34
N MET A 29 2.05 1.15 -4.56
CA MET A 29 1.34 0.10 -5.28
C MET A 29 1.34 -1.21 -4.48
N GLY A 30 0.15 -1.73 -4.22
CA GLY A 30 0.04 -2.97 -3.47
C GLY A 30 -1.07 -2.90 -2.43
N CYS A 31 -0.85 -3.56 -1.31
CA CYS A 31 -1.83 -3.60 -0.23
C CYS A 31 -1.19 -4.05 1.08
N CYS A 32 -1.94 -3.93 2.17
CA CYS A 32 -1.45 -4.33 3.47
C CYS A 32 -1.35 -5.85 3.57
N PHE A 33 -1.16 -6.35 4.79
CA PHE A 33 -1.05 -7.78 5.02
C PHE A 33 -2.32 -8.31 5.68
N SER A 34 -2.21 -9.46 6.31
CA SER A 34 -3.34 -10.08 6.99
C SER A 34 -2.88 -10.87 8.22
N ARG A 35 -3.72 -11.80 8.64
CA ARG A 35 -3.41 -12.63 9.80
C ARG A 35 -3.00 -14.04 9.36
N ALA A 36 -2.29 -14.13 8.25
CA ALA A 36 -1.86 -15.42 7.72
C ALA A 36 -3.05 -16.31 7.41
N TYR A 37 -2.88 -17.19 6.43
CA TYR A 37 -3.94 -18.11 6.03
C TYR A 37 -3.40 -19.51 5.82
N PRO A 38 -3.16 -20.25 6.91
CA PRO A 38 -2.64 -21.62 6.84
C PRO A 38 -3.47 -22.51 5.93
N THR A 39 -3.35 -23.82 6.14
CA THR A 39 -4.08 -24.79 5.33
C THR A 39 -4.96 -25.66 6.23
N PRO A 40 -5.95 -25.05 6.90
CA PRO A 40 -6.87 -25.75 7.80
C PRO A 40 -7.71 -26.79 7.06
N LEU A 41 -7.55 -28.05 7.44
CA LEU A 41 -8.29 -29.14 6.81
C LEU A 41 -9.26 -29.79 7.79
N ARG A 42 -9.69 -31.00 7.46
CA ARG A 42 -10.62 -31.74 8.30
C ARG A 42 -9.86 -32.52 9.38
N SER A 43 -9.05 -31.80 10.15
CA SER A 43 -8.27 -32.42 11.22
C SER A 43 -8.18 -31.50 12.43
N LYS A 44 -7.36 -30.46 12.31
CA LYS A 44 -7.19 -29.50 13.39
C LYS A 44 -6.93 -28.10 12.84
N LYS A 45 -6.38 -27.23 13.67
CA LYS A 45 -6.09 -25.86 13.28
C LYS A 45 -4.82 -25.35 13.97
N THR A 46 -3.70 -25.46 13.27
CA THR A 46 -2.42 -25.01 13.83
C THR A 46 -2.08 -23.61 13.34
N MET A 47 -0.78 -23.31 13.29
CA MET A 47 -0.32 -22.00 12.84
C MET A 47 -1.26 -20.89 13.33
N LEU A 48 -1.60 -20.94 14.61
CA LEU A 48 -2.49 -19.94 15.19
C LEU A 48 -2.18 -19.73 16.68
N VAL A 49 -1.36 -18.74 16.97
CA VAL A 49 -1.00 -18.44 18.35
C VAL A 49 -1.58 -17.08 18.77
N GLN A 50 -1.18 -16.61 19.95
CA GLN A 50 -1.68 -15.34 20.46
C GLN A 50 -0.87 -14.17 19.90
N LYS A 51 -1.02 -13.94 18.59
CA LYS A 51 -0.32 -12.85 17.93
C LYS A 51 -1.28 -11.71 17.60
N ASN A 52 -1.27 -10.67 18.43
CA ASN A 52 -2.15 -9.53 18.23
C ASN A 52 -2.43 -9.30 16.75
N VAL A 53 -3.59 -9.78 16.29
CA VAL A 53 -3.97 -9.63 14.90
C VAL A 53 -3.94 -8.16 14.48
N THR A 54 -3.57 -7.91 13.23
CA THR A 54 -3.52 -6.55 12.71
C THR A 54 -4.89 -6.11 12.18
N SER A 55 -4.92 -5.53 10.99
CA SER A 55 -6.17 -5.07 10.40
C SER A 55 -6.44 -5.78 9.09
N GLU A 56 -7.54 -5.41 8.43
CA GLU A 56 -7.92 -6.02 7.16
C GLU A 56 -7.88 -4.99 6.03
N SER A 57 -9.04 -4.43 5.70
CA SER A 57 -9.13 -3.43 4.63
C SER A 57 -7.93 -2.48 4.68
N THR A 58 -8.10 -1.37 5.37
CA THR A 58 -7.05 -0.37 5.49
C THR A 58 -6.51 0.02 4.11
N CYS A 59 -5.79 1.14 4.05
CA CYS A 59 -5.23 1.61 2.79
C CYS A 59 -3.97 2.44 3.03
N CYS A 60 -3.06 2.41 2.08
CA CYS A 60 -1.82 3.17 2.18
C CYS A 60 -1.93 4.51 1.47
N VAL A 61 -1.57 5.58 2.18
CA VAL A 61 -1.62 6.92 1.62
C VAL A 61 -0.33 7.67 1.88
N ALA A 62 0.76 7.17 1.29
CA ALA A 62 2.07 7.77 1.45
C ALA A 62 2.16 8.64 2.71
N LYS A 63 2.81 8.11 3.73
CA LYS A 63 2.99 8.83 4.98
C LYS A 63 3.65 10.17 4.69
N SER A 64 4.53 10.15 3.71
CA SER A 64 5.26 11.34 3.28
C SER A 64 5.50 11.27 1.78
N TYR A 65 5.11 12.32 1.08
CA TYR A 65 5.26 12.36 -0.37
C TYR A 65 6.27 13.38 -0.82
N ASN A 66 6.65 13.26 -2.08
CA ASN A 66 7.58 14.19 -2.68
C ASN A 66 7.03 14.60 -4.02
N ARG A 67 5.72 14.57 -4.05
CA ARG A 67 4.93 14.92 -5.23
C ARG A 67 5.76 15.68 -6.25
N VAL A 68 5.78 15.16 -7.46
CA VAL A 68 6.51 15.77 -8.56
C VAL A 68 5.61 15.94 -9.77
N THR A 69 4.38 16.37 -9.51
CA THR A 69 3.39 16.58 -10.56
C THR A 69 4.04 16.46 -11.93
N VAL A 70 3.59 15.48 -12.70
CA VAL A 70 4.16 15.27 -14.02
C VAL A 70 3.10 15.29 -15.10
N MET A 71 3.51 14.91 -16.30
CA MET A 71 2.63 14.88 -17.44
C MET A 71 1.62 16.01 -17.38
N GLY A 72 0.35 15.65 -17.51
CA GLY A 72 -0.71 16.63 -17.46
C GLY A 72 -1.10 17.00 -16.04
N GLY A 73 -0.16 16.85 -15.12
CA GLY A 73 -0.42 17.18 -13.73
C GLY A 73 -0.60 15.93 -12.87
N PHE A 74 0.25 14.95 -13.08
CA PHE A 74 0.18 13.70 -12.32
C PHE A 74 0.93 13.81 -11.01
N LYS A 75 0.20 13.71 -9.90
CA LYS A 75 0.81 13.82 -8.57
C LYS A 75 1.05 12.45 -7.93
N VAL A 76 2.31 12.03 -7.92
CA VAL A 76 2.72 10.76 -7.33
C VAL A 76 3.12 10.97 -5.91
N GLU A 77 2.76 12.13 -5.41
CA GLU A 77 3.15 12.51 -4.06
C GLU A 77 4.46 11.79 -3.81
N ASN A 78 5.27 11.80 -4.88
CA ASN A 78 6.54 11.10 -4.91
C ASN A 78 6.76 10.46 -3.57
N HIS A 79 5.92 9.48 -3.31
CA HIS A 79 5.90 8.78 -2.05
C HIS A 79 7.26 8.59 -1.44
N THR A 80 7.38 9.14 -0.25
CA THR A 80 8.60 9.06 0.52
C THR A 80 8.40 8.17 1.75
N ALA A 81 7.14 7.84 2.01
CA ALA A 81 6.77 6.97 3.12
C ALA A 81 5.31 6.57 2.97
N CYS A 82 5.00 5.29 3.13
CA CYS A 82 3.63 4.82 2.99
C CYS A 82 3.13 4.18 4.28
N HIS A 83 1.89 4.50 4.64
CA HIS A 83 1.28 3.96 5.86
C HIS A 83 -0.17 3.55 5.61
N CYS A 84 -0.51 2.34 6.03
CA CYS A 84 -1.86 1.82 5.85
C CYS A 84 -2.87 2.67 6.61
N SER A 85 -4.12 2.23 6.60
CA SER A 85 -5.20 2.94 7.29
C SER A 85 -5.64 4.15 6.49
N THR A 86 -6.87 4.62 6.77
CA THR A 86 -7.41 5.78 6.08
C THR A 86 -7.59 5.51 4.59
N CYS A 87 -8.84 5.49 4.13
CA CYS A 87 -9.15 5.25 2.74
C CYS A 87 -10.19 6.24 2.23
N TYR A 88 -9.98 6.77 1.04
CA TYR A 88 -10.90 7.74 0.45
C TYR A 88 -11.29 8.79 1.48
N TYR A 89 -10.27 9.45 2.04
CA TYR A 89 -10.50 10.48 3.05
C TYR A 89 -9.83 11.80 2.65
N HIS A 90 -10.67 12.82 2.42
CA HIS A 90 -10.17 14.13 2.04
C HIS A 90 -10.83 15.22 2.87
N LYS A 91 -10.49 16.47 2.58
CA LYS A 91 -11.06 17.61 3.30
C LYS A 91 -10.57 18.93 2.69
N SER A 92 -11.40 19.52 1.85
CA SER A 92 -11.05 20.79 1.20
C SER A 92 -11.16 21.95 2.18
N ALA A 1 7.14 -14.05 -6.88
CA ALA A 1 8.17 -14.76 -7.69
C ALA A 1 7.88 -16.26 -7.74
N PRO A 2 8.46 -16.96 -8.73
CA PRO A 2 8.27 -18.41 -8.90
C PRO A 2 8.79 -19.20 -7.71
N ASP A 3 7.99 -19.24 -6.65
CA ASP A 3 8.37 -19.96 -5.44
C ASP A 3 9.44 -19.22 -4.66
N VAL A 4 9.25 -17.93 -4.47
CA VAL A 4 10.19 -17.10 -3.74
C VAL A 4 9.48 -16.19 -2.75
N GLN A 5 8.89 -16.78 -1.71
CA GLN A 5 8.17 -16.03 -0.70
C GLN A 5 6.92 -15.40 -1.29
N ASP A 6 5.79 -15.56 -0.59
CA ASP A 6 4.53 -15.01 -1.05
C ASP A 6 4.67 -13.52 -1.40
N CYS A 7 3.54 -12.87 -1.68
CA CYS A 7 3.55 -11.46 -2.04
C CYS A 7 4.58 -10.70 -1.21
N PRO A 8 5.46 -9.94 -1.89
CA PRO A 8 6.51 -9.16 -1.22
C PRO A 8 5.93 -8.14 -0.24
N GLU A 9 6.73 -7.13 0.09
CA GLU A 9 6.30 -6.09 1.02
C GLU A 9 5.99 -4.79 0.29
N CYS A 10 4.87 -4.17 0.65
CA CYS A 10 4.47 -2.91 0.03
C CYS A 10 5.68 -2.00 -0.15
N THR A 11 5.83 -1.46 -1.35
CA THR A 11 6.96 -0.56 -1.63
C THR A 11 6.61 0.36 -2.78
N LEU A 12 7.62 0.99 -3.37
CA LEU A 12 7.41 1.92 -4.46
C LEU A 12 7.64 1.26 -5.80
N GLN A 13 6.78 1.58 -6.76
CA GLN A 13 6.91 1.03 -8.09
C GLN A 13 7.20 2.12 -9.09
N GLU A 14 8.21 2.88 -8.76
CA GLU A 14 8.68 4.00 -9.56
C GLU A 14 7.75 4.31 -10.71
N ASN A 15 7.34 5.55 -10.75
CA ASN A 15 6.47 6.05 -11.78
C ASN A 15 7.01 5.75 -13.17
N PRO A 16 6.39 4.82 -13.90
CA PRO A 16 6.81 4.46 -15.25
C PRO A 16 6.45 5.54 -16.25
N PHE A 17 6.21 6.75 -15.75
CA PHE A 17 5.86 7.89 -16.59
C PHE A 17 6.76 9.07 -16.30
N PHE A 18 6.80 9.45 -15.03
CA PHE A 18 7.62 10.57 -14.60
C PHE A 18 9.08 10.21 -14.64
N SER A 19 9.38 8.92 -14.55
CA SER A 19 10.75 8.46 -14.57
C SER A 19 11.56 9.24 -15.60
N GLN A 20 12.18 10.33 -15.15
CA GLN A 20 12.98 11.17 -16.03
C GLN A 20 14.40 11.30 -15.50
N PRO A 21 15.39 11.26 -16.40
CA PRO A 21 16.80 11.39 -16.02
C PRO A 21 17.00 12.40 -14.89
N GLY A 22 16.81 11.95 -13.67
CA GLY A 22 16.97 12.83 -12.51
C GLY A 22 15.76 12.82 -11.61
N ALA A 23 14.68 12.18 -12.06
CA ALA A 23 13.45 12.09 -11.28
C ALA A 23 12.64 10.88 -11.66
N PRO A 24 12.76 9.85 -10.84
CA PRO A 24 12.11 8.58 -11.01
C PRO A 24 10.94 8.40 -10.07
N ILE A 25 9.91 9.20 -10.28
CA ILE A 25 8.71 9.18 -9.48
C ILE A 25 8.30 7.78 -9.07
N LEU A 26 7.17 7.68 -8.36
CA LEU A 26 6.72 6.42 -7.83
C LEU A 26 5.25 6.32 -7.62
N GLN A 27 4.90 5.38 -6.77
CA GLN A 27 3.53 5.13 -6.42
C GLN A 27 3.38 3.82 -5.64
N CYS A 28 3.96 3.79 -4.43
CA CYS A 28 3.91 2.61 -3.57
C CYS A 28 3.02 1.53 -4.17
N MET A 29 3.62 0.41 -4.57
CA MET A 29 2.85 -0.68 -5.15
C MET A 29 3.36 -2.03 -4.70
N GLY A 30 2.58 -2.70 -3.86
CA GLY A 30 2.97 -4.01 -3.35
C GLY A 30 1.80 -4.77 -2.77
N CYS A 31 1.99 -5.29 -1.56
CA CYS A 31 0.94 -6.04 -0.89
C CYS A 31 0.94 -5.77 0.62
N CYS A 32 -0.15 -5.20 1.12
CA CYS A 32 -0.27 -4.90 2.53
C CYS A 32 0.01 -6.13 3.39
N PHE A 33 -0.28 -6.03 4.67
CA PHE A 33 -0.07 -7.14 5.60
C PHE A 33 -1.36 -7.48 6.33
N SER A 34 -1.40 -8.65 6.94
CA SER A 34 -2.59 -9.10 7.67
C SER A 34 -3.62 -9.69 6.71
N ARG A 35 -3.19 -10.66 5.90
CA ARG A 35 -4.09 -11.29 4.94
C ARG A 35 -5.33 -11.82 5.63
N ALA A 36 -6.50 -11.43 5.11
CA ALA A 36 -7.77 -11.87 5.67
C ALA A 36 -8.64 -12.52 4.59
N TYR A 37 -9.77 -13.07 5.01
CA TYR A 37 -10.68 -13.74 4.08
C TYR A 37 -12.05 -13.06 4.08
N PRO A 38 -12.80 -13.20 2.97
CA PRO A 38 -14.13 -12.62 2.83
C PRO A 38 -15.12 -13.15 3.86
N THR A 39 -16.38 -12.73 3.74
CA THR A 39 -17.42 -13.15 4.66
C THR A 39 -17.43 -14.67 4.80
N PRO A 40 -16.93 -15.20 5.93
CA PRO A 40 -16.87 -16.63 6.20
C PRO A 40 -18.28 -17.24 6.29
N LEU A 41 -18.98 -17.26 5.15
CA LEU A 41 -20.33 -17.80 5.09
C LEU A 41 -20.55 -18.87 6.17
N ARG A 42 -21.57 -18.65 7.00
CA ARG A 42 -21.90 -19.58 8.07
C ARG A 42 -22.65 -18.87 9.18
N SER A 43 -22.34 -17.59 9.36
CA SER A 43 -22.99 -16.78 10.39
C SER A 43 -22.79 -17.39 11.78
N LYS A 44 -23.59 -18.39 12.12
CA LYS A 44 -23.49 -19.05 13.42
C LYS A 44 -23.73 -18.05 14.54
N LYS A 45 -24.55 -18.44 15.51
CA LYS A 45 -24.86 -17.58 16.64
C LYS A 45 -24.26 -18.11 17.94
N THR A 46 -23.75 -17.19 18.77
CA THR A 46 -23.16 -17.54 20.05
C THR A 46 -22.59 -18.95 20.06
N MET A 47 -21.26 -19.04 20.01
CA MET A 47 -20.56 -20.32 20.03
C MET A 47 -19.19 -20.19 19.37
N LEU A 48 -18.31 -21.16 19.65
CA LEU A 48 -16.96 -21.16 19.09
C LEU A 48 -16.02 -20.31 19.93
N VAL A 49 -14.79 -20.14 19.46
CA VAL A 49 -13.79 -19.36 20.17
C VAL A 49 -13.17 -18.30 19.26
N GLN A 50 -11.94 -17.89 19.57
CA GLN A 50 -11.24 -16.89 18.78
C GLN A 50 -11.79 -15.49 19.05
N LYS A 51 -11.05 -14.48 18.63
CA LYS A 51 -11.46 -13.09 18.83
C LYS A 51 -12.60 -12.72 17.88
N ASN A 52 -13.17 -11.53 18.08
CA ASN A 52 -14.26 -11.08 17.23
C ASN A 52 -13.79 -10.00 16.25
N VAL A 53 -14.36 -10.01 15.05
CA VAL A 53 -14.01 -9.04 14.03
C VAL A 53 -12.52 -9.10 13.70
N THR A 54 -12.19 -8.79 12.46
CA THR A 54 -10.80 -8.82 12.00
C THR A 54 -10.72 -8.47 10.52
N SER A 55 -9.76 -7.61 10.16
CA SER A 55 -9.57 -7.19 8.77
C SER A 55 -9.73 -5.67 8.64
N GLU A 56 -8.64 -4.95 8.85
CA GLU A 56 -8.65 -3.49 8.75
C GLU A 56 -8.89 -3.06 7.31
N SER A 57 -9.01 -1.75 7.10
CA SER A 57 -9.24 -1.22 5.77
C SER A 57 -7.97 -1.28 4.93
N THR A 58 -6.82 -1.26 5.60
CA THR A 58 -5.54 -1.32 4.91
C THR A 58 -5.40 -0.18 3.91
N CYS A 59 -4.18 0.29 3.70
CA CYS A 59 -3.93 1.37 2.76
C CYS A 59 -2.47 1.80 2.78
N CYS A 60 -1.82 1.70 1.62
CA CYS A 60 -0.42 2.09 1.49
C CYS A 60 -0.29 3.51 0.94
N VAL A 61 -0.90 4.46 1.64
CA VAL A 61 -0.87 5.86 1.23
C VAL A 61 0.48 6.50 1.55
N ALA A 62 1.55 5.82 1.14
CA ALA A 62 2.90 6.30 1.36
C ALA A 62 3.10 6.95 2.73
N LYS A 63 3.92 6.32 3.56
CA LYS A 63 4.21 6.85 4.89
C LYS A 63 4.76 8.26 4.75
N SER A 64 5.54 8.45 3.69
CA SER A 64 6.13 9.74 3.39
C SER A 64 6.17 9.94 1.88
N TYR A 65 5.47 10.96 1.40
CA TYR A 65 5.40 11.22 -0.02
C TYR A 65 6.21 12.43 -0.45
N ASN A 66 6.49 12.49 -1.74
CA ASN A 66 7.20 13.62 -2.32
C ASN A 66 6.44 14.05 -3.55
N ARG A 67 5.15 13.79 -3.47
CA ARG A 67 4.18 14.07 -4.52
C ARG A 67 4.78 14.88 -5.66
N VAL A 68 4.54 14.40 -6.87
CA VAL A 68 5.03 15.04 -8.07
C VAL A 68 3.96 15.00 -9.16
N THR A 69 2.77 15.48 -8.83
CA THR A 69 1.66 15.47 -9.76
C THR A 69 2.15 15.46 -11.20
N VAL A 70 1.81 14.40 -11.92
CA VAL A 70 2.19 14.26 -13.31
C VAL A 70 1.00 14.40 -14.23
N MET A 71 1.24 14.10 -15.49
CA MET A 71 0.21 14.18 -16.51
C MET A 71 -0.81 15.25 -16.19
N GLY A 72 -2.04 15.02 -16.63
CA GLY A 72 -3.10 15.95 -16.39
C GLY A 72 -3.15 16.43 -14.95
N GLY A 73 -2.54 15.67 -14.05
CA GLY A 73 -2.53 16.04 -12.64
C GLY A 73 -2.42 14.84 -11.72
N PHE A 74 -1.72 13.81 -12.17
CA PHE A 74 -1.53 12.59 -11.39
C PHE A 74 -0.98 12.92 -10.01
N LYS A 75 -0.78 11.90 -9.17
CA LYS A 75 -0.26 12.10 -7.82
C LYS A 75 0.45 10.84 -7.33
N VAL A 76 1.77 10.87 -7.34
CA VAL A 76 2.57 9.74 -6.86
C VAL A 76 3.07 10.01 -5.48
N GLU A 77 2.53 11.04 -4.90
CA GLU A 77 2.97 11.46 -3.57
C GLU A 77 4.40 11.01 -3.47
N ASN A 78 5.10 11.19 -4.59
CA ASN A 78 6.45 10.72 -4.76
C ASN A 78 6.86 9.96 -3.53
N HIS A 79 6.15 8.86 -3.36
CA HIS A 79 6.31 8.01 -2.22
C HIS A 79 7.75 7.85 -1.78
N THR A 80 7.96 8.26 -0.55
CA THR A 80 9.27 8.19 0.07
C THR A 80 9.27 7.12 1.15
N ALA A 81 8.08 6.59 1.42
CA ALA A 81 7.88 5.54 2.41
C ALA A 81 6.43 5.06 2.36
N CYS A 82 6.21 3.76 2.52
CA CYS A 82 4.85 3.23 2.47
C CYS A 82 4.43 2.64 3.82
N HIS A 83 3.13 2.45 3.98
CA HIS A 83 2.58 1.88 5.19
C HIS A 83 1.13 1.47 4.96
N CYS A 84 0.92 0.16 4.87
CA CYS A 84 -0.42 -0.38 4.65
C CYS A 84 -1.15 -0.59 5.97
N SER A 85 -2.24 0.13 6.16
CA SER A 85 -3.03 0.02 7.38
C SER A 85 -3.96 1.21 7.55
N THR A 86 -5.08 0.98 8.23
CA THR A 86 -6.07 2.03 8.46
C THR A 86 -5.44 3.41 8.42
N CYS A 87 -5.67 4.12 7.31
CA CYS A 87 -5.11 5.46 7.12
C CYS A 87 -5.61 6.41 8.21
N TYR A 88 -4.71 7.23 8.73
CA TYR A 88 -5.05 8.19 9.76
C TYR A 88 -5.57 7.48 11.01
N TYR A 89 -4.68 6.88 11.77
CA TYR A 89 -5.06 6.18 12.99
C TYR A 89 -3.84 5.52 13.65
N HIS A 90 -2.99 6.33 14.26
CA HIS A 90 -1.80 5.82 14.93
C HIS A 90 -2.16 5.08 16.21
N LYS A 91 -1.92 3.77 16.22
CA LYS A 91 -2.22 2.96 17.38
C LYS A 91 -1.18 3.18 18.48
N SER A 92 -1.06 4.42 18.93
CA SER A 92 -0.10 4.78 19.97
C SER A 92 -0.77 5.58 21.07
N ALA A 1 7.95 -18.09 -15.09
CA ALA A 1 8.68 -17.08 -15.88
C ALA A 1 9.27 -15.99 -14.99
N PRO A 2 10.24 -15.23 -15.50
CA PRO A 2 10.89 -14.15 -14.75
C PRO A 2 9.89 -13.18 -14.15
N ASP A 3 9.19 -12.46 -15.00
CA ASP A 3 8.19 -11.50 -14.55
C ASP A 3 7.08 -12.20 -13.76
N VAL A 4 6.58 -11.53 -12.73
CA VAL A 4 5.51 -12.09 -11.90
C VAL A 4 4.52 -11.02 -11.47
N GLN A 5 3.25 -11.24 -11.79
CA GLN A 5 2.19 -10.29 -11.43
C GLN A 5 1.04 -11.00 -10.73
N ASP A 6 0.59 -10.42 -9.63
CA ASP A 6 -0.51 -10.99 -8.87
C ASP A 6 -0.73 -10.24 -7.55
N CYS A 7 -0.50 -8.93 -7.59
CA CYS A 7 -0.67 -8.09 -6.40
C CYS A 7 0.17 -8.61 -5.24
N PRO A 8 1.49 -8.69 -5.43
CA PRO A 8 2.42 -9.16 -4.40
C PRO A 8 2.62 -8.11 -3.30
N GLU A 9 1.58 -7.92 -2.49
CA GLU A 9 1.63 -6.94 -1.41
C GLU A 9 1.79 -5.53 -1.97
N CYS A 10 0.84 -4.67 -1.64
CA CYS A 10 0.87 -3.29 -2.13
C CYS A 10 2.21 -2.63 -1.83
N THR A 11 2.48 -1.57 -2.59
CA THR A 11 3.72 -0.81 -2.44
C THR A 11 3.73 0.34 -3.42
N LEU A 12 4.90 0.87 -3.69
CA LEU A 12 5.04 1.99 -4.60
C LEU A 12 5.26 1.52 -6.02
N GLN A 13 4.46 2.05 -6.93
CA GLN A 13 4.56 1.68 -8.33
C GLN A 13 5.39 2.69 -9.09
N GLU A 14 6.50 3.01 -8.49
CA GLU A 14 7.44 3.98 -9.04
C GLU A 14 6.94 4.53 -10.36
N ASN A 15 6.70 5.82 -10.36
CA ASN A 15 6.19 6.51 -11.51
C ASN A 15 7.05 6.31 -12.75
N PRO A 16 6.60 5.42 -13.66
CA PRO A 16 7.31 5.18 -14.90
C PRO A 16 7.12 6.34 -15.85
N PHE A 17 6.52 7.39 -15.32
CA PHE A 17 6.24 8.62 -16.04
C PHE A 17 7.23 9.69 -15.64
N PHE A 18 7.21 10.03 -14.36
CA PHE A 18 8.10 11.04 -13.80
C PHE A 18 9.46 10.44 -13.49
N SER A 19 9.61 9.17 -13.83
CA SER A 19 10.86 8.46 -13.58
C SER A 19 12.02 9.06 -14.38
N GLN A 20 12.81 9.90 -13.71
CA GLN A 20 13.97 10.52 -14.34
C GLN A 20 15.24 9.81 -13.91
N PRO A 21 16.38 10.13 -14.55
CA PRO A 21 17.66 9.52 -14.23
C PRO A 21 18.03 9.71 -12.76
N GLY A 22 17.35 8.99 -11.88
CA GLY A 22 17.62 9.10 -10.46
C GLY A 22 16.36 9.22 -9.64
N ALA A 23 15.24 9.41 -10.32
CA ALA A 23 13.96 9.56 -9.65
C ALA A 23 12.83 8.96 -10.48
N PRO A 24 12.39 7.80 -10.04
CA PRO A 24 11.35 7.02 -10.69
C PRO A 24 9.97 7.22 -10.07
N ILE A 25 9.81 8.38 -9.45
CA ILE A 25 8.57 8.77 -8.81
C ILE A 25 7.68 7.59 -8.46
N LEU A 26 6.48 7.84 -7.95
CA LEU A 26 5.65 6.74 -7.48
C LEU A 26 4.18 7.03 -7.41
N GLN A 27 3.55 6.11 -6.72
CA GLN A 27 2.11 6.15 -6.48
C GLN A 27 1.61 4.82 -5.94
N CYS A 28 2.03 4.50 -4.73
CA CYS A 28 1.66 3.24 -4.07
C CYS A 28 0.42 2.61 -4.70
N MET A 29 0.59 1.43 -5.28
CA MET A 29 -0.53 0.72 -5.90
C MET A 29 -0.36 -0.80 -5.78
N GLY A 30 -1.36 -1.46 -5.18
CA GLY A 30 -1.31 -2.89 -5.01
C GLY A 30 -2.38 -3.43 -4.09
N CYS A 31 -2.00 -4.35 -3.19
CA CYS A 31 -2.94 -4.95 -2.25
C CYS A 31 -2.44 -4.82 -0.82
N CYS A 32 -3.34 -5.01 0.16
CA CYS A 32 -2.95 -4.91 1.56
C CYS A 32 -3.62 -6.00 2.40
N PHE A 33 -2.88 -6.53 3.37
CA PHE A 33 -3.40 -7.56 4.26
C PHE A 33 -3.01 -7.27 5.70
N SER A 34 -3.28 -8.21 6.60
CA SER A 34 -2.95 -8.03 8.01
C SER A 34 -1.46 -8.25 8.24
N ARG A 35 -1.02 -9.49 8.09
CA ARG A 35 0.38 -9.83 8.28
C ARG A 35 0.90 -9.37 9.63
N ALA A 36 2.09 -9.84 10.00
CA ALA A 36 2.72 -9.49 11.26
C ALA A 36 1.70 -9.39 12.39
N TYR A 37 1.44 -10.53 13.04
CA TYR A 37 0.49 -10.57 14.15
C TYR A 37 1.19 -11.00 15.44
N PRO A 38 1.90 -12.14 15.42
CA PRO A 38 2.62 -12.64 16.59
C PRO A 38 3.74 -11.69 17.03
N THR A 39 4.40 -12.02 18.13
CA THR A 39 5.49 -11.21 18.64
C THR A 39 6.03 -11.76 19.95
N PRO A 40 7.18 -11.23 20.41
CA PRO A 40 7.81 -11.67 21.66
C PRO A 40 6.89 -11.53 22.86
N LEU A 41 5.93 -12.45 22.98
CA LEU A 41 4.99 -12.43 24.09
C LEU A 41 4.14 -13.69 24.08
N ARG A 42 4.79 -14.85 24.21
CA ARG A 42 4.10 -16.13 24.21
C ARG A 42 3.56 -16.47 22.83
N SER A 43 3.64 -17.75 22.47
CA SER A 43 3.16 -18.21 21.17
C SER A 43 2.77 -19.69 21.23
N LYS A 44 3.37 -20.50 20.37
CA LYS A 44 3.09 -21.93 20.33
C LYS A 44 1.61 -22.21 20.05
N LYS A 45 1.26 -23.49 20.06
CA LYS A 45 -0.10 -23.96 19.80
C LYS A 45 -1.08 -22.82 19.53
N THR A 46 -1.72 -22.87 18.36
CA THR A 46 -2.70 -21.87 17.96
C THR A 46 -4.08 -22.49 17.86
N MET A 47 -5.11 -21.65 17.99
CA MET A 47 -6.49 -22.13 17.91
C MET A 47 -7.45 -21.11 18.53
N LEU A 48 -8.05 -20.29 17.68
CA LEU A 48 -9.00 -19.28 18.15
C LEU A 48 -10.11 -19.05 17.13
N VAL A 49 -11.31 -18.81 17.63
CA VAL A 49 -12.46 -18.58 16.78
C VAL A 49 -12.20 -17.43 15.80
N GLN A 50 -12.23 -17.74 14.51
CA GLN A 50 -12.00 -16.74 13.48
C GLN A 50 -13.31 -16.05 13.09
N LYS A 51 -14.17 -15.84 14.08
CA LYS A 51 -15.46 -15.21 13.86
C LYS A 51 -15.33 -13.69 13.93
N ASN A 52 -16.45 -13.02 14.17
CA ASN A 52 -16.46 -11.56 14.28
C ASN A 52 -15.74 -10.91 13.10
N VAL A 53 -15.90 -11.51 11.92
CA VAL A 53 -15.28 -10.99 10.71
C VAL A 53 -13.90 -10.42 11.01
N THR A 54 -13.40 -9.57 10.11
CA THR A 54 -12.08 -8.96 10.27
C THR A 54 -11.71 -8.12 9.05
N SER A 55 -12.69 -7.44 8.47
CA SER A 55 -12.46 -6.60 7.30
C SER A 55 -13.14 -5.25 7.46
N GLU A 56 -12.43 -4.30 8.07
CA GLU A 56 -12.97 -2.96 8.28
C GLU A 56 -12.74 -2.08 7.05
N SER A 57 -11.56 -1.48 6.96
CA SER A 57 -11.23 -0.61 5.84
C SER A 57 -9.76 -0.19 5.89
N THR A 58 -8.94 -0.83 5.07
CA THR A 58 -7.51 -0.52 5.03
C THR A 58 -7.03 -0.39 3.58
N CYS A 59 -5.93 0.34 3.40
CA CYS A 59 -5.37 0.53 2.07
C CYS A 59 -4.11 1.39 2.12
N CYS A 60 -3.03 0.88 1.55
CA CYS A 60 -1.75 1.60 1.54
C CYS A 60 -1.98 3.10 1.42
N VAL A 61 -1.21 3.86 2.20
CA VAL A 61 -1.30 5.31 2.19
C VAL A 61 0.04 5.95 2.52
N ALA A 62 0.97 5.84 1.57
CA ALA A 62 2.32 6.38 1.74
C ALA A 62 2.57 6.96 3.13
N LYS A 63 3.25 6.18 3.96
CA LYS A 63 3.59 6.61 5.30
C LYS A 63 4.31 7.94 5.26
N SER A 64 5.09 8.11 4.19
CA SER A 64 5.86 9.32 3.98
C SER A 64 6.05 9.55 2.49
N TYR A 65 5.67 10.74 2.03
CA TYR A 65 5.77 11.07 0.60
C TYR A 65 6.89 12.04 0.31
N ASN A 66 7.24 12.12 -0.96
CA ASN A 66 8.27 13.05 -1.42
C ASN A 66 7.71 13.82 -2.59
N ARG A 67 6.40 13.92 -2.55
CA ARG A 67 5.62 14.60 -3.56
C ARG A 67 6.48 15.43 -4.49
N VAL A 68 6.75 14.86 -5.64
CA VAL A 68 7.56 15.51 -6.66
C VAL A 68 6.66 16.17 -7.68
N THR A 69 5.65 16.87 -7.19
CA THR A 69 4.69 17.55 -8.05
C THR A 69 5.20 17.62 -9.48
N VAL A 70 4.47 16.99 -10.38
CA VAL A 70 4.85 16.97 -11.78
C VAL A 70 3.84 17.70 -12.64
N MET A 71 3.93 17.42 -13.92
CA MET A 71 3.09 18.03 -14.92
C MET A 71 1.80 18.59 -14.33
N GLY A 72 1.39 19.72 -14.89
CA GLY A 72 0.17 20.36 -14.43
C GLY A 72 0.06 20.40 -12.92
N GLY A 73 1.19 20.25 -12.24
CA GLY A 73 1.18 20.27 -10.79
C GLY A 73 0.79 18.94 -10.17
N PHE A 74 1.06 17.86 -10.88
CA PHE A 74 0.74 16.52 -10.39
C PHE A 74 1.27 16.34 -8.98
N LYS A 75 1.14 15.13 -8.45
CA LYS A 75 1.62 14.85 -7.10
C LYS A 75 1.65 13.35 -6.81
N VAL A 76 2.85 12.78 -6.81
CA VAL A 76 3.05 11.37 -6.52
C VAL A 76 3.46 11.21 -5.09
N GLU A 77 3.25 12.27 -4.34
CA GLU A 77 3.67 12.28 -2.95
C GLU A 77 4.88 11.38 -2.89
N ASN A 78 5.67 11.50 -3.95
CA ASN A 78 6.83 10.66 -4.19
C ASN A 78 6.99 9.73 -3.03
N HIS A 79 6.02 8.85 -2.93
CA HIS A 79 5.95 7.90 -1.86
C HIS A 79 7.32 7.45 -1.41
N THR A 80 7.57 7.69 -0.15
CA THR A 80 8.84 7.32 0.47
C THR A 80 8.63 6.20 1.48
N ALA A 81 7.38 5.96 1.82
CA ALA A 81 7.02 4.90 2.75
C ALA A 81 5.52 4.66 2.65
N CYS A 82 5.10 3.41 2.68
CA CYS A 82 3.68 3.09 2.56
C CYS A 82 3.17 2.33 3.79
N HIS A 83 1.92 2.59 4.15
CA HIS A 83 1.31 1.93 5.30
C HIS A 83 -0.20 1.79 5.10
N CYS A 84 -0.67 0.56 5.03
CA CYS A 84 -2.09 0.29 4.84
C CYS A 84 -2.90 0.85 6.00
N SER A 85 -3.89 1.69 5.70
CA SER A 85 -4.73 2.30 6.72
C SER A 85 -6.01 2.85 6.13
N THR A 86 -6.60 3.84 6.81
CA THR A 86 -7.83 4.47 6.35
C THR A 86 -7.62 5.21 5.03
N CYS A 87 -8.58 5.07 4.12
CA CYS A 87 -8.50 5.74 2.82
C CYS A 87 -9.76 5.46 2.01
N TYR A 88 -9.79 6.02 0.80
CA TYR A 88 -10.94 5.83 -0.09
C TYR A 88 -11.40 4.38 -0.10
N TYR A 89 -12.66 4.16 0.22
CA TYR A 89 -13.24 2.82 0.25
C TYR A 89 -14.02 2.55 -1.03
N HIS A 90 -15.13 3.26 -1.19
CA HIS A 90 -15.98 3.11 -2.37
C HIS A 90 -17.15 4.09 -2.34
N LYS A 91 -17.03 5.13 -1.52
CA LYS A 91 -18.09 6.14 -1.41
C LYS A 91 -17.59 7.38 -0.66
N SER A 92 -16.29 7.45 -0.42
CA SER A 92 -15.70 8.60 0.27
C SER A 92 -15.90 8.48 1.78
N ALA A 1 -7.36 -10.17 -14.61
CA ALA A 1 -7.42 -9.40 -13.33
C ALA A 1 -7.61 -10.34 -12.15
N PRO A 2 -6.52 -10.63 -11.43
CA PRO A 2 -6.55 -11.51 -10.26
C PRO A 2 -7.42 -10.97 -9.14
N ASP A 3 -7.72 -11.80 -8.16
CA ASP A 3 -8.54 -11.39 -7.03
C ASP A 3 -8.03 -12.02 -5.73
N VAL A 4 -7.63 -13.29 -5.81
CA VAL A 4 -7.14 -14.01 -4.64
C VAL A 4 -5.76 -14.61 -4.92
N GLN A 5 -4.86 -14.52 -3.94
CA GLN A 5 -3.52 -15.05 -4.09
C GLN A 5 -2.71 -14.21 -5.08
N ASP A 6 -1.57 -14.75 -5.50
CA ASP A 6 -0.70 -14.04 -6.45
C ASP A 6 -0.73 -12.55 -6.18
N CYS A 7 -0.11 -12.14 -5.08
CA CYS A 7 -0.07 -10.73 -4.69
C CYS A 7 1.36 -10.32 -4.34
N PRO A 8 1.85 -9.24 -4.95
CA PRO A 8 3.20 -8.72 -4.69
C PRO A 8 3.30 -8.04 -3.34
N GLU A 9 4.53 -7.78 -2.90
CA GLU A 9 4.77 -7.13 -1.62
C GLU A 9 4.21 -5.72 -1.62
N CYS A 10 3.99 -5.20 -0.42
CA CYS A 10 3.46 -3.85 -0.26
C CYS A 10 4.58 -2.83 -0.15
N THR A 11 4.69 -1.97 -1.16
CA THR A 11 5.72 -0.94 -1.18
C THR A 11 5.60 -0.06 -2.41
N LEU A 12 6.53 0.86 -2.55
CA LEU A 12 6.54 1.79 -3.65
C LEU A 12 6.74 1.11 -4.99
N GLN A 13 5.88 1.47 -5.93
CA GLN A 13 5.95 0.92 -7.27
C GLN A 13 6.30 2.01 -8.26
N GLU A 14 7.44 2.59 -8.01
CA GLU A 14 7.99 3.68 -8.81
C GLU A 14 7.04 4.14 -9.90
N ASN A 15 6.75 5.42 -9.87
CA ASN A 15 5.86 6.05 -10.83
C ASN A 15 6.24 5.71 -12.27
N PRO A 16 5.31 5.13 -13.04
CA PRO A 16 5.54 4.78 -14.43
C PRO A 16 5.32 5.97 -15.35
N PHE A 17 5.39 7.16 -14.78
CA PHE A 17 5.20 8.41 -15.53
C PHE A 17 6.29 9.41 -15.17
N PHE A 18 6.45 9.65 -13.89
CA PHE A 18 7.44 10.59 -13.38
C PHE A 18 8.83 9.98 -13.42
N SER A 19 8.90 8.68 -13.67
CA SER A 19 10.17 7.99 -13.72
C SER A 19 11.04 8.54 -14.85
N GLN A 20 11.74 9.63 -14.57
CA GLN A 20 12.61 10.27 -15.55
C GLN A 20 14.07 10.09 -15.17
N PRO A 21 15.00 10.34 -16.12
CA PRO A 21 16.44 10.22 -15.88
C PRO A 21 16.90 11.18 -14.80
N GLY A 22 16.36 11.01 -13.60
CA GLY A 22 16.72 11.87 -12.48
C GLY A 22 15.66 11.89 -11.41
N ALA A 23 14.47 11.42 -11.74
CA ALA A 23 13.36 11.41 -10.79
C ALA A 23 12.43 10.24 -11.03
N PRO A 24 12.55 9.23 -10.17
CA PRO A 24 11.78 8.02 -10.22
C PRO A 24 10.69 7.94 -9.16
N ILE A 25 9.69 8.79 -9.31
CA ILE A 25 8.58 8.84 -8.42
C ILE A 25 8.07 7.46 -8.02
N LEU A 26 6.96 7.43 -7.30
CA LEU A 26 6.45 6.17 -6.79
C LEU A 26 4.96 6.12 -6.60
N GLN A 27 4.59 5.20 -5.72
CA GLN A 27 3.18 4.98 -5.38
C GLN A 27 3.01 3.71 -4.56
N CYS A 28 3.56 3.72 -3.34
CA CYS A 28 3.46 2.56 -2.43
C CYS A 28 2.26 1.70 -2.79
N MET A 29 2.49 0.61 -3.51
CA MET A 29 1.42 -0.29 -3.91
C MET A 29 1.83 -1.74 -3.74
N GLY A 30 0.87 -2.59 -3.38
CA GLY A 30 1.15 -4.00 -3.19
C GLY A 30 0.08 -4.71 -2.39
N CYS A 31 0.49 -5.39 -1.34
CA CYS A 31 -0.44 -6.12 -0.49
C CYS A 31 0.12 -6.29 0.92
N CYS A 32 -0.70 -6.01 1.93
CA CYS A 32 -0.29 -6.11 3.31
C CYS A 32 -0.13 -7.56 3.75
N PHE A 33 1.12 -7.98 3.94
CA PHE A 33 1.43 -9.35 4.37
C PHE A 33 2.93 -9.60 4.36
N SER A 34 3.72 -8.55 4.18
CA SER A 34 5.17 -8.67 4.17
C SER A 34 5.65 -9.54 5.33
N ARG A 35 6.40 -10.58 5.01
CA ARG A 35 6.91 -11.50 6.01
C ARG A 35 5.77 -12.10 6.83
N ALA A 36 6.00 -13.32 7.34
CA ALA A 36 4.99 -14.00 8.13
C ALA A 36 3.60 -13.81 7.55
N TYR A 37 3.15 -14.79 6.76
CA TYR A 37 1.83 -14.72 6.14
C TYR A 37 0.77 -15.23 7.10
N PRO A 38 -0.22 -14.38 7.42
CA PRO A 38 -1.30 -14.73 8.33
C PRO A 38 -1.93 -16.08 7.99
N THR A 39 -2.95 -16.47 8.74
CA THR A 39 -3.63 -17.74 8.51
C THR A 39 -4.98 -17.52 7.84
N PRO A 40 -4.97 -17.32 6.51
CA PRO A 40 -6.20 -17.10 5.74
C PRO A 40 -7.35 -17.98 6.20
N LEU A 41 -7.27 -19.27 5.86
CA LEU A 41 -8.30 -20.23 6.24
C LEU A 41 -9.68 -19.56 6.28
N ARG A 42 -10.05 -18.92 5.18
CA ARG A 42 -11.33 -18.23 5.09
C ARG A 42 -11.32 -16.95 5.92
N SER A 43 -11.70 -15.84 5.29
CA SER A 43 -11.73 -14.55 5.98
C SER A 43 -10.38 -13.86 5.87
N LYS A 44 -10.39 -12.56 5.58
CA LYS A 44 -9.17 -11.79 5.44
C LYS A 44 -8.91 -10.93 6.68
N LYS A 45 -9.03 -11.55 7.85
CA LYS A 45 -8.80 -10.84 9.10
C LYS A 45 -7.45 -10.13 9.09
N THR A 46 -7.35 -9.05 9.85
CA THR A 46 -6.10 -8.29 9.92
C THR A 46 -4.91 -9.21 10.19
N MET A 47 -3.75 -8.81 9.71
CA MET A 47 -2.53 -9.60 9.88
C MET A 47 -2.17 -9.73 11.36
N LEU A 48 -1.48 -8.72 11.90
CA LEU A 48 -1.08 -8.73 13.31
C LEU A 48 -2.30 -8.83 14.22
N VAL A 49 -2.06 -8.84 15.53
CA VAL A 49 -3.13 -8.94 16.51
C VAL A 49 -3.60 -7.56 16.95
N GLN A 50 -4.92 -7.36 16.93
CA GLN A 50 -5.50 -6.08 17.32
C GLN A 50 -7.01 -6.11 17.15
N LYS A 51 -7.64 -7.17 17.64
CA LYS A 51 -9.09 -7.34 17.55
C LYS A 51 -9.64 -6.69 16.29
N ASN A 52 -9.79 -7.48 15.23
CA ASN A 52 -10.30 -6.98 13.96
C ASN A 52 -11.33 -5.88 14.19
N VAL A 53 -11.20 -4.79 13.43
CA VAL A 53 -12.12 -3.66 13.55
C VAL A 53 -12.48 -3.09 12.18
N THR A 54 -13.63 -2.44 12.10
CA THR A 54 -14.09 -1.85 10.85
C THR A 54 -13.96 -2.85 9.70
N SER A 55 -14.43 -4.07 9.94
CA SER A 55 -14.39 -5.12 8.91
C SER A 55 -13.01 -5.19 8.25
N GLU A 56 -12.85 -4.50 7.13
CA GLU A 56 -11.60 -4.51 6.40
C GLU A 56 -10.69 -3.37 6.85
N SER A 57 -10.74 -2.25 6.12
CA SER A 57 -9.92 -1.10 6.45
C SER A 57 -8.48 -1.32 5.98
N THR A 58 -7.53 -0.74 6.70
CA THR A 58 -6.12 -0.87 6.35
C THR A 58 -5.86 -0.36 4.94
N CYS A 59 -4.59 -0.28 4.57
CA CYS A 59 -4.20 0.17 3.24
C CYS A 59 -2.77 0.72 3.25
N CYS A 60 -1.99 0.31 2.25
CA CYS A 60 -0.61 0.76 2.15
C CYS A 60 -0.55 2.22 1.69
N VAL A 61 -1.05 3.12 2.53
CA VAL A 61 -1.05 4.55 2.19
C VAL A 61 0.21 5.24 2.72
N ALA A 62 1.33 4.97 2.04
CA ALA A 62 2.62 5.55 2.39
C ALA A 62 2.63 6.25 3.74
N LYS A 63 3.43 5.73 4.67
CA LYS A 63 3.56 6.33 5.98
C LYS A 63 3.95 7.79 5.82
N SER A 64 4.82 8.01 4.84
CA SER A 64 5.29 9.34 4.51
C SER A 64 5.24 9.52 3.00
N TYR A 65 5.37 10.75 2.53
CA TYR A 65 5.31 10.98 1.11
C TYR A 65 6.13 12.20 0.69
N ASN A 66 6.47 12.24 -0.58
CA ASN A 66 7.19 13.38 -1.13
C ASN A 66 6.45 13.84 -2.36
N ARG A 67 5.17 13.58 -2.30
CA ARG A 67 4.20 13.90 -3.34
C ARG A 67 4.81 14.70 -4.49
N VAL A 68 4.54 14.22 -5.69
CA VAL A 68 5.04 14.84 -6.91
C VAL A 68 4.00 14.73 -8.02
N THR A 69 2.76 15.05 -7.67
CA THR A 69 1.63 14.99 -8.60
C THR A 69 2.10 14.82 -10.03
N VAL A 70 1.63 13.76 -10.66
CA VAL A 70 2.00 13.47 -12.04
C VAL A 70 0.81 13.46 -12.99
N MET A 71 1.08 12.98 -14.19
CA MET A 71 0.10 12.87 -15.26
C MET A 71 -1.09 13.80 -15.04
N GLY A 72 -2.28 13.23 -14.95
CA GLY A 72 -3.49 14.00 -14.77
C GLY A 72 -3.61 14.63 -13.40
N GLY A 73 -2.48 14.98 -12.80
CA GLY A 73 -2.49 15.59 -11.48
C GLY A 73 -2.38 14.55 -10.38
N PHE A 74 -1.86 13.39 -10.75
CA PHE A 74 -1.69 12.29 -9.81
C PHE A 74 -1.10 12.77 -8.50
N LYS A 75 -0.89 11.82 -7.59
CA LYS A 75 -0.32 12.12 -6.28
C LYS A 75 0.36 10.90 -5.71
N VAL A 76 1.59 10.67 -6.14
CA VAL A 76 2.38 9.54 -5.67
C VAL A 76 2.94 9.82 -4.32
N GLU A 77 2.43 10.88 -3.72
CA GLU A 77 2.90 11.30 -2.42
C GLU A 77 4.31 10.77 -2.27
N ASN A 78 5.09 10.92 -3.34
CA ASN A 78 6.43 10.36 -3.42
C ASN A 78 6.63 9.51 -2.20
N HIS A 79 5.83 8.49 -2.12
CA HIS A 79 5.86 7.62 -0.98
C HIS A 79 7.27 7.42 -0.48
N THR A 80 7.52 8.02 0.67
CA THR A 80 8.82 7.96 1.30
C THR A 80 8.81 7.00 2.49
N ALA A 81 7.62 6.49 2.80
CA ALA A 81 7.43 5.55 3.90
C ALA A 81 6.10 4.83 3.72
N CYS A 82 6.05 3.55 4.07
CA CYS A 82 4.82 2.77 3.92
C CYS A 82 4.33 2.22 5.25
N HIS A 83 3.03 1.92 5.31
CA HIS A 83 2.41 1.36 6.51
C HIS A 83 0.91 1.21 6.31
N CYS A 84 0.43 -0.02 6.39
CA CYS A 84 -0.99 -0.32 6.21
C CYS A 84 -1.86 0.56 7.10
N SER A 85 -2.88 1.16 6.50
CA SER A 85 -3.80 2.03 7.23
C SER A 85 -4.98 2.41 6.35
N THR A 86 -6.16 2.55 6.95
CA THR A 86 -7.37 2.92 6.22
C THR A 86 -7.03 3.76 4.99
N CYS A 87 -7.77 3.54 3.91
CA CYS A 87 -7.54 4.27 2.67
C CYS A 87 -8.48 5.47 2.56
N TYR A 88 -7.90 6.64 2.25
CA TYR A 88 -8.68 7.86 2.11
C TYR A 88 -10.09 7.57 1.65
N TYR A 89 -11.06 7.86 2.51
CA TYR A 89 -12.48 7.63 2.20
C TYR A 89 -12.68 7.32 0.73
N HIS A 90 -12.57 8.34 -0.11
CA HIS A 90 -12.74 8.19 -1.55
C HIS A 90 -13.21 9.50 -2.18
N LYS A 91 -12.68 9.80 -3.36
CA LYS A 91 -13.04 11.03 -4.07
C LYS A 91 -14.55 11.21 -4.10
N SER A 92 -15.00 12.38 -4.53
CA SER A 92 -16.43 12.67 -4.61
C SER A 92 -17.15 11.65 -5.48
N ALA A 1 -3.82 -17.62 -21.45
CA ALA A 1 -3.51 -16.85 -20.22
C ALA A 1 -2.66 -17.68 -19.26
N PRO A 2 -1.49 -17.16 -18.87
CA PRO A 2 -0.58 -17.85 -17.95
C PRO A 2 -1.04 -17.78 -16.50
N ASP A 3 -0.10 -17.90 -15.58
CA ASP A 3 -0.41 -17.85 -14.15
C ASP A 3 -0.92 -16.47 -13.77
N VAL A 4 -2.19 -16.39 -13.41
CA VAL A 4 -2.81 -15.13 -13.01
C VAL A 4 -2.71 -14.92 -11.51
N GLN A 5 -3.01 -13.70 -11.07
CA GLN A 5 -2.95 -13.36 -9.65
C GLN A 5 -3.99 -12.31 -9.29
N ASP A 6 -4.06 -11.95 -8.02
CA ASP A 6 -5.02 -10.95 -7.56
C ASP A 6 -4.33 -9.89 -6.71
N CYS A 7 -5.13 -8.97 -6.18
CA CYS A 7 -4.62 -7.89 -5.34
C CYS A 7 -3.30 -8.27 -4.68
N PRO A 8 -2.17 -7.76 -5.21
CA PRO A 8 -0.85 -8.05 -4.67
C PRO A 8 -0.55 -7.24 -3.41
N GLU A 9 0.16 -7.84 -2.46
CA GLU A 9 0.51 -7.16 -1.22
C GLU A 9 0.78 -5.68 -1.48
N CYS A 10 -0.07 -4.83 -0.89
CA CYS A 10 0.06 -3.39 -1.06
C CYS A 10 1.50 -2.93 -0.79
N THR A 11 1.99 -2.04 -1.65
CA THR A 11 3.34 -1.51 -1.49
C THR A 11 3.48 -0.24 -2.29
N LEU A 12 4.61 -0.11 -2.97
CA LEU A 12 4.87 1.05 -3.80
C LEU A 12 4.87 0.67 -5.27
N GLN A 13 4.12 1.41 -6.07
CA GLN A 13 4.05 1.12 -7.48
C GLN A 13 4.88 2.08 -8.27
N GLU A 14 6.10 2.24 -7.79
CA GLU A 14 7.07 3.14 -8.40
C GLU A 14 6.55 3.69 -9.70
N ASN A 15 6.46 4.98 -9.74
CA ASN A 15 5.96 5.70 -10.90
C ASN A 15 6.72 5.32 -12.16
N PRO A 16 6.14 4.41 -12.96
CA PRO A 16 6.75 4.00 -14.23
C PRO A 16 6.57 5.11 -15.24
N PHE A 17 6.05 6.22 -14.74
CA PHE A 17 5.79 7.40 -15.52
C PHE A 17 6.89 8.44 -15.29
N PHE A 18 7.10 8.77 -14.03
CA PHE A 18 8.10 9.75 -13.65
C PHE A 18 9.47 9.09 -13.47
N SER A 19 9.46 7.79 -13.24
CA SER A 19 10.68 7.03 -13.06
C SER A 19 11.78 7.54 -13.99
N GLN A 20 12.76 8.23 -13.42
CA GLN A 20 13.86 8.79 -14.20
C GLN A 20 15.18 8.13 -13.81
N PRO A 21 16.25 8.42 -14.56
CA PRO A 21 17.58 7.86 -14.31
C PRO A 21 18.15 8.36 -12.99
N GLY A 22 17.56 7.90 -11.89
CA GLY A 22 18.02 8.31 -10.58
C GLY A 22 16.87 8.65 -9.66
N ALA A 23 15.66 8.64 -10.21
CA ALA A 23 14.47 8.95 -9.42
C ALA A 23 13.25 8.25 -9.96
N PRO A 24 12.87 7.18 -9.28
CA PRO A 24 11.75 6.34 -9.61
C PRO A 24 10.53 6.59 -8.74
N ILE A 25 9.79 7.63 -9.08
CA ILE A 25 8.60 8.00 -8.35
C ILE A 25 7.76 6.80 -7.97
N LEU A 26 6.61 7.05 -7.34
CA LEU A 26 5.78 5.98 -6.84
C LEU A 26 4.32 6.32 -6.76
N GLN A 27 3.66 5.53 -5.95
CA GLN A 27 2.24 5.66 -5.72
C GLN A 27 1.66 4.35 -5.17
N CYS A 28 2.16 3.96 -3.99
CA CYS A 28 1.72 2.73 -3.33
C CYS A 28 0.33 2.31 -3.82
N MET A 29 0.25 1.14 -4.42
CA MET A 29 -1.02 0.63 -4.92
C MET A 29 -1.08 -0.89 -4.90
N GLY A 30 -2.15 -1.43 -4.32
CA GLY A 30 -2.32 -2.86 -4.23
C GLY A 30 -3.49 -3.25 -3.35
N CYS A 31 -3.18 -3.87 -2.21
CA CYS A 31 -4.22 -4.29 -1.27
C CYS A 31 -3.61 -4.56 0.10
N CYS A 32 -4.43 -4.43 1.14
CA CYS A 32 -3.95 -4.65 2.51
C CYS A 32 -4.64 -5.85 3.14
N PHE A 33 -4.16 -7.04 2.80
CA PHE A 33 -4.72 -8.28 3.34
C PHE A 33 -3.68 -9.02 4.18
N SER A 34 -2.45 -8.51 4.18
CA SER A 34 -1.36 -9.11 4.93
C SER A 34 -1.09 -8.31 6.20
N ARG A 35 0.07 -8.57 6.82
CA ARG A 35 0.44 -7.87 8.04
C ARG A 35 1.84 -8.28 8.51
N ALA A 36 2.78 -8.34 7.57
CA ALA A 36 4.14 -8.71 7.90
C ALA A 36 4.56 -8.12 9.24
N TYR A 37 4.37 -8.89 10.31
CA TYR A 37 4.72 -8.44 11.66
C TYR A 37 6.17 -8.79 12.00
N PRO A 38 6.50 -10.09 11.99
CA PRO A 38 7.83 -10.57 12.30
C PRO A 38 8.74 -10.66 11.09
N THR A 39 10.01 -10.98 11.32
CA THR A 39 10.98 -11.11 10.25
C THR A 39 11.59 -12.51 10.25
N PRO A 40 12.24 -12.90 9.14
CA PRO A 40 12.85 -14.22 9.02
C PRO A 40 14.24 -14.27 9.65
N LEU A 41 14.32 -13.85 10.90
CA LEU A 41 15.59 -13.83 11.63
C LEU A 41 15.36 -14.08 13.12
N ARG A 42 16.04 -15.08 13.67
CA ARG A 42 15.92 -15.42 15.08
C ARG A 42 14.55 -16.03 15.37
N SER A 43 13.54 -15.17 15.58
CA SER A 43 12.19 -15.63 15.86
C SER A 43 11.47 -16.04 14.58
N LYS A 44 12.18 -16.77 13.73
CA LYS A 44 11.60 -17.22 12.47
C LYS A 44 10.39 -18.12 12.72
N LYS A 45 9.20 -17.52 12.74
CA LYS A 45 7.97 -18.25 12.99
C LYS A 45 6.75 -17.38 12.69
N THR A 46 5.65 -18.02 12.30
CA THR A 46 4.43 -17.30 11.98
C THR A 46 3.21 -18.09 12.42
N MET A 47 2.86 -17.97 13.69
CA MET A 47 1.71 -18.68 14.25
C MET A 47 0.75 -17.72 14.93
N LEU A 48 1.03 -16.42 14.81
CA LEU A 48 0.18 -15.40 15.42
C LEU A 48 -1.03 -15.10 14.53
N VAL A 49 -2.01 -16.01 14.55
CA VAL A 49 -3.20 -15.85 13.75
C VAL A 49 -4.29 -15.12 14.53
N GLN A 50 -5.55 -15.42 14.21
CA GLN A 50 -6.68 -14.79 14.87
C GLN A 50 -6.39 -13.32 15.16
N LYS A 51 -6.63 -12.48 14.18
CA LYS A 51 -6.40 -11.04 14.31
C LYS A 51 -6.44 -10.36 12.94
N ASN A 52 -7.53 -10.57 12.20
CA ASN A 52 -7.68 -9.98 10.88
C ASN A 52 -9.06 -10.28 10.30
N VAL A 53 -9.82 -9.23 10.04
CA VAL A 53 -11.16 -9.37 9.48
C VAL A 53 -11.29 -8.62 8.16
N THR A 54 -12.22 -9.06 7.32
CA THR A 54 -12.44 -8.41 6.03
C THR A 54 -13.74 -7.63 6.03
N SER A 55 -13.63 -6.32 6.20
CA SER A 55 -14.79 -5.45 6.23
C SER A 55 -14.79 -4.50 5.04
N GLU A 56 -13.90 -4.75 4.10
CA GLU A 56 -13.77 -3.91 2.91
C GLU A 56 -13.58 -2.46 3.30
N SER A 57 -12.50 -2.19 4.03
CA SER A 57 -12.19 -0.84 4.47
C SER A 57 -10.69 -0.56 4.36
N THR A 58 -10.24 0.49 5.03
CA THR A 58 -8.83 0.86 5.01
C THR A 58 -8.39 1.24 3.59
N CYS A 59 -7.23 1.89 3.50
CA CYS A 59 -6.70 2.32 2.21
C CYS A 59 -5.22 2.64 2.32
N CYS A 60 -4.46 2.29 1.29
CA CYS A 60 -3.02 2.55 1.26
C CYS A 60 -2.74 3.98 0.83
N VAL A 61 -2.41 4.83 1.81
CA VAL A 61 -2.13 6.23 1.53
C VAL A 61 -0.69 6.58 1.89
N ALA A 62 0.24 5.76 1.42
CA ALA A 62 1.66 5.96 1.66
C ALA A 62 1.96 6.34 3.12
N LYS A 63 2.63 5.43 3.82
CA LYS A 63 3.02 5.67 5.20
C LYS A 63 3.85 6.94 5.28
N SER A 64 4.65 7.15 4.24
CA SER A 64 5.50 8.32 4.14
C SER A 64 5.63 8.69 2.66
N TYR A 65 5.50 9.97 2.36
CA TYR A 65 5.58 10.40 0.97
C TYR A 65 6.70 11.37 0.71
N ASN A 66 7.14 11.39 -0.54
CA ASN A 66 8.17 12.33 -0.95
C ASN A 66 7.68 13.06 -2.19
N ARG A 67 6.36 13.11 -2.24
CA ARG A 67 5.62 13.75 -3.33
C ARG A 67 6.54 14.42 -4.32
N VAL A 68 6.35 14.08 -5.57
CA VAL A 68 7.15 14.63 -6.66
C VAL A 68 6.26 15.19 -7.75
N THR A 69 5.21 15.89 -7.34
CA THR A 69 4.25 16.46 -8.28
C THR A 69 4.84 16.57 -9.67
N VAL A 70 4.21 15.88 -10.62
CA VAL A 70 4.66 15.91 -12.00
C VAL A 70 3.52 16.20 -12.95
N MET A 71 3.80 15.98 -14.23
CA MET A 71 2.81 16.21 -15.27
C MET A 71 1.98 17.44 -14.95
N GLY A 72 0.67 17.35 -15.18
CA GLY A 72 -0.21 18.45 -14.90
C GLY A 72 -0.57 18.53 -13.43
N GLY A 73 0.34 18.09 -12.57
CA GLY A 73 0.09 18.12 -11.14
C GLY A 73 -0.15 16.74 -10.57
N PHE A 74 0.71 15.79 -10.93
CA PHE A 74 0.59 14.43 -10.45
C PHE A 74 1.37 14.23 -9.15
N LYS A 75 0.64 14.00 -8.07
CA LYS A 75 1.27 13.80 -6.76
C LYS A 75 1.39 12.33 -6.40
N VAL A 76 2.63 11.83 -6.43
CA VAL A 76 2.92 10.45 -6.09
C VAL A 76 3.40 10.38 -4.68
N GLU A 77 3.14 11.46 -3.98
CA GLU A 77 3.58 11.57 -2.61
C GLU A 77 4.78 10.66 -2.45
N ASN A 78 5.64 10.70 -3.49
CA ASN A 78 6.80 9.83 -3.56
C ASN A 78 6.66 8.83 -2.46
N HIS A 79 5.65 8.00 -2.57
CA HIS A 79 5.37 7.05 -1.52
C HIS A 79 6.63 6.41 -0.99
N THR A 80 7.17 7.06 0.01
CA THR A 80 8.39 6.61 0.65
C THR A 80 8.08 5.48 1.64
N ALA A 81 6.79 5.15 1.75
CA ALA A 81 6.33 4.09 2.63
C ALA A 81 4.83 3.94 2.46
N CYS A 82 4.32 2.71 2.60
CA CYS A 82 2.89 2.46 2.43
C CYS A 82 2.26 1.98 3.72
N HIS A 83 0.94 2.02 3.79
CA HIS A 83 0.21 1.59 4.98
C HIS A 83 -1.29 1.77 4.79
N CYS A 84 -2.03 0.67 4.92
CA CYS A 84 -3.48 0.70 4.77
C CYS A 84 -4.15 1.29 5.99
N SER A 85 -4.94 2.34 5.79
CA SER A 85 -5.64 3.00 6.88
C SER A 85 -6.98 3.56 6.43
N THR A 86 -8.01 3.34 7.24
CA THR A 86 -9.35 3.83 6.92
C THR A 86 -9.34 5.33 6.65
N CYS A 87 -9.62 5.70 5.41
CA CYS A 87 -9.64 7.10 5.01
C CYS A 87 -11.05 7.53 4.63
N TYR A 88 -11.44 8.73 5.06
CA TYR A 88 -12.76 9.27 4.75
C TYR A 88 -13.23 8.81 3.38
N TYR A 89 -14.54 8.61 3.24
CA TYR A 89 -15.11 8.17 1.98
C TYR A 89 -16.58 8.55 1.89
N HIS A 90 -16.86 9.82 1.64
CA HIS A 90 -18.22 10.31 1.53
C HIS A 90 -18.30 11.46 0.53
N LYS A 91 -19.52 11.88 0.19
CA LYS A 91 -19.72 12.96 -0.75
C LYS A 91 -20.39 14.17 -0.08
N SER A 92 -20.97 15.04 -0.90
CA SER A 92 -21.64 16.23 -0.39
C SER A 92 -20.67 17.14 0.34
N ALA A 1 8.14 -22.11 1.07
CA ALA A 1 7.84 -20.95 1.95
C ALA A 1 7.90 -19.64 1.16
N PRO A 2 9.04 -19.36 0.53
CA PRO A 2 9.23 -18.14 -0.26
C PRO A 2 8.25 -18.06 -1.42
N ASP A 3 7.00 -17.70 -1.11
CA ASP A 3 5.96 -17.59 -2.12
C ASP A 3 5.34 -16.21 -2.12
N VAL A 4 5.43 -15.51 -3.24
CA VAL A 4 4.87 -14.17 -3.37
C VAL A 4 4.04 -14.04 -4.64
N GLN A 5 3.25 -12.98 -4.73
CA GLN A 5 2.41 -12.76 -5.91
C GLN A 5 1.95 -11.30 -6.00
N ASP A 6 2.30 -10.65 -7.11
CA ASP A 6 1.92 -9.25 -7.33
C ASP A 6 1.90 -8.45 -6.03
N CYS A 7 1.21 -7.32 -6.04
CA CYS A 7 1.10 -6.44 -4.88
C CYS A 7 1.80 -7.02 -3.65
N PRO A 8 3.10 -6.73 -3.49
CA PRO A 8 3.88 -7.22 -2.35
C PRO A 8 3.68 -6.35 -1.11
N GLU A 9 2.43 -5.94 -0.88
CA GLU A 9 2.08 -5.11 0.27
C GLU A 9 2.08 -3.64 -0.11
N CYS A 10 1.13 -2.89 0.45
CA CYS A 10 1.01 -1.46 0.17
C CYS A 10 2.38 -0.80 0.08
N THR A 11 2.55 0.07 -0.91
CA THR A 11 3.81 0.78 -1.10
C THR A 11 3.77 1.62 -2.35
N LEU A 12 4.94 2.07 -2.79
CA LEU A 12 5.03 2.89 -3.99
C LEU A 12 5.21 2.04 -5.22
N GLN A 13 4.50 2.39 -6.28
CA GLN A 13 4.60 1.66 -7.52
C GLN A 13 5.30 2.47 -8.56
N GLU A 14 6.49 2.90 -8.18
CA GLU A 14 7.35 3.71 -9.02
C GLU A 14 6.71 3.99 -10.36
N ASN A 15 6.56 5.25 -10.64
CA ASN A 15 5.96 5.71 -11.86
C ASN A 15 6.58 5.06 -13.08
N PRO A 16 5.93 4.03 -13.61
CA PRO A 16 6.41 3.34 -14.81
C PRO A 16 6.18 4.23 -16.03
N PHE A 17 6.04 5.52 -15.74
CA PHE A 17 5.80 6.53 -16.76
C PHE A 17 6.84 7.64 -16.70
N PHE A 18 6.95 8.25 -15.52
CA PHE A 18 7.89 9.35 -15.32
C PHE A 18 9.29 8.82 -15.02
N SER A 19 9.41 7.50 -14.86
CA SER A 19 10.68 6.88 -14.56
C SER A 19 11.68 7.15 -15.68
N GLN A 20 12.34 8.31 -15.61
CA GLN A 20 13.32 8.69 -16.60
C GLN A 20 14.71 8.37 -16.09
N PRO A 21 15.62 7.96 -16.98
CA PRO A 21 17.00 7.63 -16.61
C PRO A 21 17.59 8.67 -15.66
N GLY A 22 17.07 8.68 -14.44
CA GLY A 22 17.53 9.63 -13.44
C GLY A 22 16.46 9.93 -12.40
N ALA A 23 15.21 9.65 -12.75
CA ALA A 23 14.10 9.90 -11.84
C ALA A 23 12.95 8.92 -12.07
N PRO A 24 12.80 8.02 -11.11
CA PRO A 24 11.79 6.97 -11.14
C PRO A 24 10.60 7.27 -10.25
N ILE A 25 9.78 8.21 -10.69
CA ILE A 25 8.59 8.62 -9.98
C ILE A 25 7.83 7.46 -9.34
N LEU A 26 6.69 7.77 -8.72
CA LEU A 26 5.92 6.79 -7.99
C LEU A 26 4.44 7.06 -7.97
N GLN A 27 3.81 6.39 -7.02
CA GLN A 27 2.38 6.51 -6.80
C GLN A 27 1.86 5.37 -5.94
N CYS A 28 2.10 5.48 -4.64
CA CYS A 28 1.69 4.46 -3.66
C CYS A 28 0.59 3.58 -4.23
N MET A 29 0.89 2.30 -4.41
CA MET A 29 -0.09 1.36 -4.95
C MET A 29 0.21 -0.06 -4.49
N GLY A 30 -0.64 -0.59 -3.60
CA GLY A 30 -0.45 -1.94 -3.11
C GLY A 30 -1.61 -2.42 -2.26
N CYS A 31 -1.31 -3.24 -1.25
CA CYS A 31 -2.33 -3.77 -0.36
C CYS A 31 -1.78 -3.99 1.04
N CYS A 32 -2.29 -3.24 2.00
CA CYS A 32 -1.85 -3.36 3.38
C CYS A 32 -1.91 -4.80 3.85
N PHE A 33 -0.77 -5.34 4.30
CA PHE A 33 -0.70 -6.71 4.78
C PHE A 33 -1.11 -6.80 6.24
N SER A 34 -1.39 -8.01 6.69
CA SER A 34 -1.79 -8.26 8.07
C SER A 34 -0.74 -9.06 8.81
N ARG A 35 -1.17 -9.81 9.82
CA ARG A 35 -0.26 -10.65 10.60
C ARG A 35 -0.69 -12.11 10.56
N ALA A 36 -1.21 -12.53 9.42
CA ALA A 36 -1.67 -13.91 9.25
C ALA A 36 -0.49 -14.88 9.27
N TYR A 37 -0.79 -16.16 9.18
CA TYR A 37 0.24 -17.21 9.19
C TYR A 37 -0.23 -18.45 8.45
N PRO A 38 0.71 -19.23 7.90
CA PRO A 38 0.39 -20.45 7.17
C PRO A 38 -0.85 -21.14 7.72
N THR A 39 -1.82 -21.37 6.84
CA THR A 39 -3.07 -22.02 7.24
C THR A 39 -3.33 -23.27 6.40
N PRO A 40 -2.42 -24.26 6.48
CA PRO A 40 -2.56 -25.52 5.75
C PRO A 40 -3.64 -26.42 6.33
N LEU A 41 -3.78 -26.38 7.65
CA LEU A 41 -4.78 -27.19 8.34
C LEU A 41 -5.00 -28.52 7.65
N ARG A 42 -5.94 -28.54 6.71
CA ARG A 42 -6.26 -29.76 5.97
C ARG A 42 -6.98 -30.76 6.86
N SER A 43 -7.76 -30.25 7.81
CA SER A 43 -8.50 -31.10 8.74
C SER A 43 -9.91 -30.56 8.96
N LYS A 44 -10.08 -29.75 10.00
CA LYS A 44 -11.38 -29.18 10.33
C LYS A 44 -11.23 -27.72 10.78
N LYS A 45 -11.90 -26.82 10.08
CA LYS A 45 -11.83 -25.40 10.41
C LYS A 45 -12.14 -25.18 11.89
N THR A 46 -12.16 -23.92 12.32
CA THR A 46 -12.43 -23.59 13.71
C THR A 46 -13.62 -22.64 13.83
N MET A 47 -13.65 -21.61 12.99
CA MET A 47 -14.73 -20.63 13.01
C MET A 47 -15.19 -20.39 14.45
N LEU A 48 -14.34 -19.76 15.25
CA LEU A 48 -14.66 -19.48 16.64
C LEU A 48 -15.02 -18.00 16.83
N VAL A 49 -15.11 -17.59 18.09
CA VAL A 49 -15.45 -16.20 18.42
C VAL A 49 -14.20 -15.33 18.43
N GLN A 50 -14.39 -14.02 18.41
CA GLN A 50 -13.27 -13.09 18.41
C GLN A 50 -12.34 -13.35 17.24
N LYS A 51 -12.88 -13.98 16.19
CA LYS A 51 -12.09 -14.30 15.01
C LYS A 51 -12.99 -14.45 13.78
N ASN A 52 -13.45 -13.33 13.25
CA ASN A 52 -14.32 -13.33 12.08
C ASN A 52 -14.34 -11.96 11.42
N VAL A 53 -13.26 -11.20 11.61
CA VAL A 53 -13.15 -9.86 11.04
C VAL A 53 -11.89 -9.73 10.18
N THR A 54 -11.93 -8.81 9.23
CA THR A 54 -10.80 -8.57 8.34
C THR A 54 -10.08 -7.26 8.68
N SER A 55 -9.06 -6.93 7.91
CA SER A 55 -8.30 -5.71 8.12
C SER A 55 -8.34 -4.81 6.89
N GLU A 56 -9.37 -3.98 6.81
CA GLU A 56 -9.53 -3.08 5.67
C GLU A 56 -9.56 -1.62 6.13
N SER A 57 -9.74 -0.71 5.18
CA SER A 57 -9.79 0.71 5.47
C SER A 57 -8.39 1.28 5.64
N THR A 58 -7.39 0.40 5.51
CA THR A 58 -6.00 0.80 5.64
C THR A 58 -5.59 1.72 4.49
N CYS A 59 -4.80 2.73 4.78
CA CYS A 59 -4.35 3.67 3.77
C CYS A 59 -2.92 4.16 4.06
N CYS A 60 -2.10 4.22 3.01
CA CYS A 60 -0.73 4.66 3.15
C CYS A 60 -0.44 5.90 2.32
N VAL A 61 -1.25 6.94 2.53
CA VAL A 61 -1.08 8.19 1.79
C VAL A 61 0.33 8.73 1.97
N ALA A 62 1.25 8.25 1.13
CA ALA A 62 2.65 8.66 1.19
C ALA A 62 2.96 9.55 2.39
N LYS A 63 3.74 9.01 3.32
CA LYS A 63 4.14 9.74 4.51
C LYS A 63 4.83 11.03 4.09
N SER A 64 5.61 10.93 3.03
CA SER A 64 6.33 12.05 2.47
C SER A 64 6.46 11.89 0.97
N TYR A 65 6.17 12.95 0.24
CA TYR A 65 6.22 12.90 -1.21
C TYR A 65 7.26 13.81 -1.79
N ASN A 66 7.48 13.62 -3.08
CA ASN A 66 8.40 14.46 -3.82
C ASN A 66 7.67 14.91 -5.08
N ARG A 67 6.37 14.94 -4.91
CA ARG A 67 5.43 15.33 -5.95
C ARG A 67 6.15 15.78 -7.19
N VAL A 68 6.35 14.83 -8.06
CA VAL A 68 7.03 15.03 -9.31
C VAL A 68 6.04 15.31 -10.43
N THR A 69 5.44 16.50 -10.41
CA THR A 69 4.49 16.88 -11.43
C THR A 69 5.09 16.72 -12.82
N VAL A 70 4.49 15.85 -13.59
CA VAL A 70 4.96 15.59 -14.95
C VAL A 70 3.85 15.69 -15.96
N MET A 71 4.14 15.20 -17.16
CA MET A 71 3.19 15.23 -18.25
C MET A 71 2.36 16.50 -18.21
N GLY A 72 1.06 16.36 -18.41
CA GLY A 72 0.17 17.51 -18.37
C GLY A 72 -0.21 17.90 -16.96
N GLY A 73 0.68 17.65 -16.01
CA GLY A 73 0.41 17.98 -14.62
C GLY A 73 0.11 16.75 -13.78
N PHE A 74 1.02 15.77 -13.80
CA PHE A 74 0.84 14.55 -13.04
C PHE A 74 1.66 14.59 -11.76
N LYS A 75 0.97 14.63 -10.62
CA LYS A 75 1.64 14.67 -9.34
C LYS A 75 1.66 13.30 -8.68
N VAL A 76 2.85 12.71 -8.63
CA VAL A 76 3.05 11.39 -8.02
C VAL A 76 3.48 11.56 -6.62
N GLU A 77 3.25 12.74 -6.09
CA GLU A 77 3.71 13.06 -4.76
C GLU A 77 4.94 12.23 -4.56
N ASN A 78 5.71 12.16 -5.65
CA ASN A 78 6.90 11.33 -5.73
C ASN A 78 7.18 10.77 -4.37
N HIS A 79 6.30 9.87 -3.98
CA HIS A 79 6.32 9.25 -2.68
C HIS A 79 7.70 8.90 -2.18
N THR A 80 8.03 9.53 -1.08
CA THR A 80 9.30 9.31 -0.41
C THR A 80 9.09 8.42 0.81
N ALA A 81 7.83 8.18 1.14
CA ALA A 81 7.44 7.34 2.27
C ALA A 81 5.94 7.14 2.28
N CYS A 82 5.50 5.93 2.61
CA CYS A 82 4.07 5.63 2.65
C CYS A 82 3.71 4.99 3.98
N HIS A 83 2.79 5.62 4.71
CA HIS A 83 2.36 5.11 6.01
C HIS A 83 0.94 4.57 5.97
N CYS A 84 0.83 3.25 5.97
CA CYS A 84 -0.46 2.57 5.95
C CYS A 84 -1.12 2.62 7.33
N SER A 85 -2.45 2.55 7.35
CA SER A 85 -3.18 2.59 8.60
C SER A 85 -3.41 4.02 9.07
N THR A 86 -3.72 4.90 8.11
CA THR A 86 -3.96 6.31 8.43
C THR A 86 -5.41 6.69 8.13
N CYS A 87 -6.33 5.77 8.42
CA CYS A 87 -7.75 6.02 8.19
C CYS A 87 -8.60 5.53 9.36
N TYR A 88 -8.27 6.00 10.55
CA TYR A 88 -9.01 5.61 11.75
C TYR A 88 -9.13 4.09 11.85
N TYR A 89 -9.87 3.63 12.86
CA TYR A 89 -10.06 2.20 13.07
C TYR A 89 -8.75 1.49 13.33
N HIS A 90 -8.44 1.27 14.61
CA HIS A 90 -7.21 0.60 15.00
C HIS A 90 -7.49 -0.53 15.98
N LYS A 91 -8.68 -0.52 16.57
CA LYS A 91 -9.07 -1.56 17.53
C LYS A 91 -9.88 -2.66 16.84
N SER A 92 -9.37 -3.89 16.93
CA SER A 92 -10.04 -5.03 16.32
C SER A 92 -11.30 -5.41 17.11
N ALA A 1 9.55 -6.46 -3.49
CA ALA A 1 10.19 -5.23 -4.04
C ALA A 1 10.69 -5.48 -5.46
N PRO A 2 11.37 -6.61 -5.68
CA PRO A 2 11.91 -6.98 -6.98
C PRO A 2 10.83 -7.04 -8.06
N ASP A 3 11.22 -6.74 -9.29
CA ASP A 3 10.28 -6.77 -10.41
C ASP A 3 10.02 -8.20 -10.87
N VAL A 4 8.81 -8.43 -11.38
CA VAL A 4 8.43 -9.76 -11.86
C VAL A 4 8.99 -10.85 -10.95
N GLN A 5 9.17 -10.52 -9.67
CA GLN A 5 9.70 -11.47 -8.71
C GLN A 5 8.87 -11.47 -7.43
N ASP A 6 7.72 -12.14 -7.48
CA ASP A 6 6.83 -12.22 -6.34
C ASP A 6 5.98 -10.97 -6.22
N CYS A 7 5.23 -10.86 -5.13
CA CYS A 7 4.37 -9.71 -4.90
C CYS A 7 5.06 -8.67 -4.02
N PRO A 8 5.06 -7.41 -4.45
CA PRO A 8 5.68 -6.31 -3.69
C PRO A 8 4.94 -6.01 -2.40
N GLU A 9 5.32 -6.70 -1.33
CA GLU A 9 4.69 -6.51 -0.03
C GLU A 9 4.55 -5.02 0.30
N CYS A 10 3.31 -4.52 0.20
CA CYS A 10 3.02 -3.11 0.48
C CYS A 10 4.27 -2.25 0.31
N THR A 11 4.51 -1.78 -0.90
CA THR A 11 5.66 -0.95 -1.19
C THR A 11 5.36 0.00 -2.34
N LEU A 12 6.39 0.62 -2.89
CA LEU A 12 6.23 1.54 -3.99
C LEU A 12 6.58 0.90 -5.32
N GLN A 13 5.78 1.18 -6.33
CA GLN A 13 6.01 0.62 -7.65
C GLN A 13 6.49 1.67 -8.61
N GLU A 14 7.60 2.27 -8.25
CA GLU A 14 8.22 3.33 -9.03
C GLU A 14 7.49 3.56 -10.34
N ASN A 15 7.06 4.79 -10.50
CA ASN A 15 6.33 5.21 -11.69
C ASN A 15 7.09 4.90 -12.97
N PRO A 16 6.53 4.04 -13.83
CA PRO A 16 7.14 3.68 -15.10
C PRO A 16 6.89 4.74 -16.16
N PHE A 17 6.46 5.91 -15.71
CA PHE A 17 6.16 7.03 -16.59
C PHE A 17 7.04 8.22 -16.22
N PHE A 18 6.96 8.62 -14.97
CA PHE A 18 7.73 9.75 -14.46
C PHE A 18 9.20 9.38 -14.31
N SER A 19 9.51 8.10 -14.44
CA SER A 19 10.87 7.62 -14.31
C SER A 19 11.80 8.30 -15.33
N GLN A 20 12.51 9.32 -14.87
CA GLN A 20 13.44 10.05 -15.72
C GLN A 20 14.84 10.00 -15.12
N PRO A 21 15.88 10.09 -15.96
CA PRO A 21 17.27 10.06 -15.50
C PRO A 21 17.51 10.94 -14.29
N GLY A 22 17.08 10.47 -13.11
CA GLY A 22 17.26 11.24 -11.90
C GLY A 22 15.97 11.44 -11.11
N ALA A 23 14.88 10.86 -11.59
CA ALA A 23 13.60 10.99 -10.90
C ALA A 23 12.62 9.90 -11.30
N PRO A 24 12.56 8.88 -10.45
CA PRO A 24 11.74 7.71 -10.64
C PRO A 24 10.54 7.66 -9.69
N ILE A 25 9.48 8.37 -10.08
CA ILE A 25 8.27 8.42 -9.30
C ILE A 25 7.82 7.06 -8.81
N LEU A 26 6.67 7.02 -8.15
CA LEU A 26 6.20 5.80 -7.54
C LEU A 26 4.70 5.64 -7.51
N GLN A 27 4.30 4.78 -6.59
CA GLN A 27 2.90 4.45 -6.37
C GLN A 27 2.81 3.14 -5.59
N CYS A 28 2.69 3.27 -4.27
CA CYS A 28 2.63 2.13 -3.36
C CYS A 28 1.86 0.96 -3.97
N MET A 29 2.57 -0.11 -4.29
CA MET A 29 1.94 -1.30 -4.86
C MET A 29 0.66 -1.62 -4.10
N GLY A 30 0.82 -2.23 -2.92
CA GLY A 30 -0.32 -2.58 -2.10
C GLY A 30 -0.56 -4.06 -2.00
N CYS A 31 0.46 -4.81 -1.58
CA CYS A 31 0.35 -6.26 -1.44
C CYS A 31 0.73 -6.67 -0.02
N CYS A 32 -0.04 -6.20 0.95
CA CYS A 32 0.21 -6.50 2.35
C CYS A 32 -0.32 -7.87 2.75
N PHE A 33 -0.47 -8.76 1.77
CA PHE A 33 -0.96 -10.10 2.05
C PHE A 33 -2.30 -10.04 2.76
N SER A 34 -3.07 -11.14 2.66
CA SER A 34 -4.38 -11.21 3.30
C SER A 34 -5.09 -12.50 2.89
N ARG A 35 -4.34 -13.61 2.93
CA ARG A 35 -4.89 -14.91 2.57
C ARG A 35 -4.82 -15.12 1.06
N ALA A 36 -5.52 -16.15 0.58
CA ALA A 36 -5.54 -16.47 -0.84
C ALA A 36 -6.92 -16.23 -1.44
N TYR A 37 -7.00 -15.30 -2.38
CA TYR A 37 -8.26 -14.98 -3.04
C TYR A 37 -9.37 -14.80 -2.01
N PRO A 38 -9.54 -13.59 -1.47
CA PRO A 38 -10.57 -13.30 -0.48
C PRO A 38 -11.89 -13.98 -0.84
N THR A 39 -12.51 -14.61 0.15
CA THR A 39 -13.77 -15.31 -0.07
C THR A 39 -14.65 -15.27 1.17
N PRO A 40 -14.18 -15.90 2.23
CA PRO A 40 -14.87 -15.98 3.52
C PRO A 40 -14.94 -14.63 4.22
N LEU A 41 -15.90 -13.80 3.81
CA LEU A 41 -16.07 -12.47 4.40
C LEU A 41 -17.02 -12.52 5.59
N ARG A 42 -18.11 -13.27 5.43
CA ARG A 42 -19.12 -13.40 6.48
C ARG A 42 -18.57 -13.01 7.85
N SER A 43 -19.31 -12.16 8.55
CA SER A 43 -18.89 -11.68 9.87
C SER A 43 -19.95 -10.75 10.46
N LYS A 44 -21.11 -11.31 10.78
CA LYS A 44 -22.20 -10.51 11.35
C LYS A 44 -21.95 -10.22 12.82
N LYS A 45 -21.21 -11.10 13.48
CA LYS A 45 -20.90 -10.93 14.89
C LYS A 45 -19.45 -11.33 15.17
N THR A 46 -18.53 -10.47 14.74
CA THR A 46 -17.09 -10.72 14.95
C THR A 46 -16.63 -10.14 16.29
N MET A 47 -17.37 -9.15 16.78
CA MET A 47 -17.05 -8.51 18.05
C MET A 47 -15.54 -8.56 18.31
N LEU A 48 -14.84 -7.52 17.87
CA LEU A 48 -13.39 -7.46 18.06
C LEU A 48 -13.05 -6.79 19.39
N VAL A 49 -12.25 -7.50 20.19
CA VAL A 49 -11.82 -7.00 21.50
C VAL A 49 -11.06 -8.07 22.26
N GLN A 50 -10.77 -9.17 21.58
CA GLN A 50 -10.04 -10.28 22.18
C GLN A 50 -8.94 -10.76 21.24
N LYS A 51 -7.92 -11.40 21.78
CA LYS A 51 -6.81 -11.90 20.98
C LYS A 51 -5.78 -10.80 20.74
N ASN A 52 -4.51 -11.20 20.66
CA ASN A 52 -3.43 -10.24 20.45
C ASN A 52 -3.43 -9.71 19.01
N VAL A 53 -2.89 -8.50 18.85
CA VAL A 53 -2.80 -7.86 17.53
C VAL A 53 -3.84 -8.40 16.55
N THR A 54 -4.87 -7.59 16.28
CA THR A 54 -5.92 -7.98 15.36
C THR A 54 -5.61 -7.48 13.95
N SER A 55 -5.45 -6.17 13.80
CA SER A 55 -5.15 -5.58 12.51
C SER A 55 -6.04 -6.16 11.41
N GLU A 56 -7.30 -5.71 11.38
CA GLU A 56 -8.25 -6.19 10.38
C GLU A 56 -8.44 -5.14 9.27
N SER A 57 -7.50 -4.22 9.15
CA SER A 57 -7.57 -3.19 8.13
C SER A 57 -6.18 -2.62 7.83
N THR A 58 -5.40 -3.38 7.07
CA THR A 58 -4.05 -2.96 6.70
C THR A 58 -4.09 -1.81 5.70
N CYS A 59 -2.98 -1.11 5.55
CA CYS A 59 -2.90 0.01 4.61
C CYS A 59 -1.54 0.72 4.67
N CYS A 60 -0.87 0.80 3.53
CA CYS A 60 0.42 1.47 3.44
C CYS A 60 0.28 2.71 2.57
N VAL A 61 -0.79 3.45 2.81
CA VAL A 61 -1.05 4.67 2.07
C VAL A 61 0.11 5.62 2.27
N ALA A 62 1.21 5.33 1.58
CA ALA A 62 2.42 6.14 1.69
C ALA A 62 2.41 7.00 2.93
N LYS A 63 3.18 6.58 3.93
CA LYS A 63 3.32 7.30 5.17
C LYS A 63 3.70 8.73 4.87
N SER A 64 4.43 8.87 3.79
CA SER A 64 4.90 10.14 3.31
C SER A 64 4.90 10.12 1.79
N TYR A 65 4.73 11.27 1.17
CA TYR A 65 4.70 11.31 -0.29
C TYR A 65 5.51 12.46 -0.83
N ASN A 66 5.78 12.38 -2.11
CA ASN A 66 6.51 13.43 -2.80
C ASN A 66 5.82 13.73 -4.10
N ARG A 67 4.55 13.45 -4.05
CA ARG A 67 3.62 13.63 -5.15
C ARG A 67 4.22 14.42 -6.31
N VAL A 68 4.05 13.89 -7.51
CA VAL A 68 4.57 14.52 -8.72
C VAL A 68 3.56 14.42 -9.86
N THR A 69 2.30 14.67 -9.54
CA THR A 69 1.22 14.60 -10.52
C THR A 69 1.74 14.44 -11.94
N VAL A 70 1.38 13.33 -12.58
CA VAL A 70 1.81 13.06 -13.95
C VAL A 70 0.64 13.01 -14.91
N MET A 71 0.93 12.53 -16.11
CA MET A 71 -0.05 12.39 -17.17
C MET A 71 -1.17 13.42 -17.01
N GLY A 72 -2.41 13.00 -17.24
CA GLY A 72 -3.53 13.90 -17.11
C GLY A 72 -3.80 14.27 -15.66
N GLY A 73 -2.88 13.92 -14.77
CA GLY A 73 -3.04 14.22 -13.36
C GLY A 73 -2.83 13.01 -12.49
N PHE A 74 -1.68 12.37 -12.63
CA PHE A 74 -1.35 11.18 -11.85
C PHE A 74 -0.55 11.54 -10.62
N LYS A 75 -1.19 11.43 -9.46
CA LYS A 75 -0.54 11.75 -8.20
C LYS A 75 0.00 10.50 -7.53
N VAL A 76 1.31 10.28 -7.68
CA VAL A 76 1.98 9.14 -7.08
C VAL A 76 2.42 9.45 -5.70
N GLU A 77 1.92 10.55 -5.20
CA GLU A 77 2.30 11.01 -3.88
C GLU A 77 3.73 10.55 -3.68
N ASN A 78 4.46 10.65 -4.79
CA ASN A 78 5.83 10.16 -4.88
C ASN A 78 6.26 9.64 -3.54
N HIS A 79 5.61 8.56 -3.19
CA HIS A 79 5.79 7.90 -1.92
C HIS A 79 7.21 7.90 -1.42
N THR A 80 7.35 8.50 -0.26
CA THR A 80 8.63 8.58 0.40
C THR A 80 8.64 7.69 1.64
N ALA A 81 7.46 7.14 1.97
CA ALA A 81 7.31 6.24 3.11
C ALA A 81 5.94 5.58 3.08
N CYS A 82 5.93 4.24 3.06
CA CYS A 82 4.67 3.49 3.02
C CYS A 82 4.58 2.60 4.27
N HIS A 83 3.54 2.80 5.08
CA HIS A 83 3.38 2.02 6.31
C HIS A 83 2.04 1.30 6.36
N CYS A 84 2.10 -0.02 6.40
CA CYS A 84 0.90 -0.84 6.45
C CYS A 84 0.34 -0.89 7.87
N SER A 85 -0.91 -0.49 8.02
CA SER A 85 -1.58 -0.49 9.33
C SER A 85 -2.80 0.41 9.31
N THR A 86 -3.78 0.07 10.14
CA THR A 86 -5.01 0.86 10.22
C THR A 86 -4.72 2.34 10.04
N CYS A 87 -5.51 3.00 9.20
CA CYS A 87 -5.33 4.42 8.95
C CYS A 87 -6.63 5.18 9.23
N TYR A 88 -6.52 6.50 9.37
CA TYR A 88 -7.69 7.33 9.64
C TYR A 88 -7.30 8.80 9.74
N TYR A 89 -6.51 9.26 8.78
CA TYR A 89 -6.06 10.66 8.74
C TYR A 89 -6.07 11.28 10.14
N HIS A 90 -4.98 11.08 10.87
CA HIS A 90 -4.87 11.62 12.22
C HIS A 90 -4.25 13.01 12.20
N LYS A 91 -3.35 13.24 11.25
CA LYS A 91 -2.67 14.53 11.10
C LYS A 91 -3.04 15.48 12.24
N SER A 92 -2.54 15.18 13.43
CA SER A 92 -2.81 16.00 14.60
C SER A 92 -1.52 16.58 15.17
N ALA A 1 -0.86 -4.35 -18.35
CA ALA A 1 -1.40 -5.63 -18.87
C ALA A 1 -2.12 -6.41 -17.77
N PRO A 2 -3.45 -6.20 -17.66
CA PRO A 2 -4.27 -6.86 -16.65
C PRO A 2 -4.73 -8.24 -17.08
N ASP A 3 -4.30 -9.27 -16.33
CA ASP A 3 -4.67 -10.64 -16.64
C ASP A 3 -5.32 -11.31 -15.43
N VAL A 4 -4.49 -11.86 -14.55
CA VAL A 4 -4.98 -12.52 -13.34
C VAL A 4 -5.79 -11.56 -12.48
N GLN A 5 -6.59 -12.12 -11.58
CA GLN A 5 -7.42 -11.31 -10.70
C GLN A 5 -6.70 -11.03 -9.39
N ASP A 6 -7.44 -10.56 -8.39
CA ASP A 6 -6.88 -10.25 -7.09
C ASP A 6 -6.34 -8.82 -7.07
N CYS A 7 -5.26 -8.61 -6.31
CA CYS A 7 -4.66 -7.28 -6.21
C CYS A 7 -3.20 -7.37 -5.80
N PRO A 8 -2.32 -6.71 -6.55
CA PRO A 8 -0.86 -6.71 -6.27
C PRO A 8 -0.56 -6.35 -4.82
N GLU A 9 0.68 -6.61 -4.39
CA GLU A 9 1.09 -6.31 -3.03
C GLU A 9 1.14 -4.81 -2.79
N CYS A 10 0.34 -4.33 -1.85
CA CYS A 10 0.26 -2.91 -1.52
C CYS A 10 1.63 -2.39 -1.10
N THR A 11 2.31 -1.72 -2.02
CA THR A 11 3.64 -1.17 -1.75
C THR A 11 4.01 -0.13 -2.78
N LEU A 12 5.03 0.67 -2.47
CA LEU A 12 5.51 1.67 -3.41
C LEU A 12 5.97 0.99 -4.66
N GLN A 13 5.43 1.38 -5.79
CA GLN A 13 5.80 0.77 -7.04
C GLN A 13 6.46 1.75 -7.97
N GLU A 14 7.56 2.27 -7.48
CA GLU A 14 8.37 3.25 -8.19
C GLU A 14 7.76 3.64 -9.50
N ASN A 15 7.49 4.91 -9.62
CA ASN A 15 6.89 5.47 -10.81
C ASN A 15 7.67 5.11 -12.06
N PRO A 16 7.19 4.11 -12.82
CA PRO A 16 7.86 3.71 -14.06
C PRO A 16 7.68 4.79 -15.11
N PHE A 17 7.07 5.88 -14.66
CA PHE A 17 6.79 7.03 -15.50
C PHE A 17 7.81 8.13 -15.26
N PHE A 18 7.85 8.61 -14.02
CA PHE A 18 8.76 9.67 -13.63
C PHE A 18 10.14 9.12 -13.33
N SER A 19 10.26 7.79 -13.41
CA SER A 19 11.51 7.12 -13.15
C SER A 19 12.60 7.62 -14.10
N GLN A 20 13.22 8.74 -13.74
CA GLN A 20 14.28 9.31 -14.56
C GLN A 20 15.64 8.81 -14.11
N PRO A 21 16.67 8.99 -14.94
CA PRO A 21 18.03 8.57 -14.62
C PRO A 21 18.56 9.30 -13.40
N GLY A 22 17.85 9.16 -12.28
CA GLY A 22 18.26 9.82 -11.06
C GLY A 22 17.09 10.05 -10.12
N ALA A 23 15.88 9.92 -10.64
CA ALA A 23 14.69 10.12 -9.83
C ALA A 23 13.60 9.15 -10.18
N PRO A 24 13.41 8.16 -9.30
CA PRO A 24 12.47 7.08 -9.46
C PRO A 24 11.21 7.22 -8.60
N ILE A 25 10.33 8.10 -9.01
CA ILE A 25 9.08 8.34 -8.32
C ILE A 25 8.39 7.05 -7.90
N LEU A 26 7.19 7.18 -7.34
CA LEU A 26 6.47 6.02 -6.85
C LEU A 26 4.97 6.14 -6.94
N GLN A 27 4.36 5.28 -6.13
CA GLN A 27 2.91 5.19 -6.03
C GLN A 27 2.47 3.86 -5.41
N CYS A 28 2.51 3.81 -4.08
CA CYS A 28 2.13 2.62 -3.33
C CYS A 28 1.00 1.87 -4.04
N MET A 29 1.32 0.80 -4.75
CA MET A 29 0.30 0.02 -5.45
C MET A 29 0.09 -1.34 -4.80
N GLY A 30 -1.16 -1.80 -4.79
CA GLY A 30 -1.48 -3.09 -4.20
C GLY A 30 -2.67 -3.02 -3.27
N CYS A 31 -2.78 -4.00 -2.37
CA CYS A 31 -3.90 -4.04 -1.42
C CYS A 31 -3.46 -4.68 -0.10
N CYS A 32 -2.99 -3.86 0.83
CA CYS A 32 -2.55 -4.33 2.14
C CYS A 32 -1.97 -5.74 2.03
N PHE A 33 -2.01 -6.48 3.13
CA PHE A 33 -1.48 -7.85 3.17
C PHE A 33 -2.48 -8.80 3.80
N SER A 34 -2.22 -10.11 3.66
CA SER A 34 -3.11 -11.12 4.21
C SER A 34 -2.47 -11.81 5.41
N ARG A 35 -2.64 -13.13 5.50
CA ARG A 35 -2.07 -13.90 6.60
C ARG A 35 -0.54 -13.81 6.61
N ALA A 36 -0.03 -12.62 6.88
CA ALA A 36 1.42 -12.40 6.92
C ALA A 36 2.05 -13.17 8.08
N TYR A 37 3.03 -14.00 7.76
CA TYR A 37 3.72 -14.79 8.77
C TYR A 37 2.97 -16.09 9.06
N PRO A 38 3.31 -17.16 8.33
CA PRO A 38 2.68 -18.48 8.49
C PRO A 38 3.08 -19.15 9.81
N THR A 39 3.10 -20.47 9.80
CA THR A 39 3.46 -21.24 11.00
C THR A 39 2.27 -21.35 11.95
N PRO A 40 1.71 -22.54 12.10
CA PRO A 40 0.57 -22.79 12.98
C PRO A 40 0.91 -22.55 14.45
N LEU A 41 -0.12 -22.41 15.28
CA LEU A 41 0.08 -22.19 16.70
C LEU A 41 -0.88 -23.03 17.53
N ARG A 42 -0.89 -22.80 18.84
CA ARG A 42 -1.75 -23.53 19.75
C ARG A 42 -1.87 -22.82 21.08
N SER A 43 -3.07 -22.75 21.62
CA SER A 43 -3.30 -22.08 22.91
C SER A 43 -3.04 -20.59 22.78
N LYS A 44 -4.08 -19.84 22.45
CA LYS A 44 -3.96 -18.39 22.29
C LYS A 44 -4.31 -17.67 23.59
N LYS A 45 -4.17 -18.36 24.71
CA LYS A 45 -4.48 -17.78 26.01
C LYS A 45 -3.66 -16.51 26.25
N THR A 46 -2.56 -16.38 25.52
CA THR A 46 -1.69 -15.21 25.65
C THR A 46 -0.46 -15.35 24.76
N MET A 47 -0.41 -14.55 23.69
CA MET A 47 0.70 -14.57 22.75
C MET A 47 0.19 -14.76 21.33
N LEU A 48 -0.12 -13.66 20.66
CA LEU A 48 -0.62 -13.70 19.29
C LEU A 48 -0.25 -12.43 18.53
N VAL A 49 0.89 -11.85 18.90
CA VAL A 49 1.36 -10.63 18.25
C VAL A 49 0.94 -10.58 16.78
N GLN A 50 0.04 -9.66 16.46
CA GLN A 50 -0.43 -9.51 15.09
C GLN A 50 -1.57 -10.50 14.80
N LYS A 51 -2.09 -10.45 13.58
CA LYS A 51 -3.18 -11.34 13.17
C LYS A 51 -4.54 -10.66 13.34
N ASN A 52 -5.59 -11.36 12.92
CA ASN A 52 -6.95 -10.83 13.03
C ASN A 52 -7.22 -9.84 11.90
N VAL A 53 -6.95 -10.27 10.66
CA VAL A 53 -7.16 -9.42 9.50
C VAL A 53 -7.49 -10.25 8.27
N THR A 54 -7.95 -9.58 7.21
CA THR A 54 -8.30 -10.23 5.96
C THR A 54 -9.53 -9.57 5.33
N SER A 55 -9.65 -9.67 4.01
CA SER A 55 -10.78 -9.07 3.29
C SER A 55 -10.60 -7.57 3.15
N GLU A 56 -11.19 -7.00 2.10
CA GLU A 56 -11.10 -5.57 1.85
C GLU A 56 -11.32 -4.77 3.13
N SER A 57 -10.63 -3.65 3.26
CA SER A 57 -10.74 -2.81 4.45
C SER A 57 -9.68 -1.72 4.47
N THR A 58 -8.58 -1.99 5.17
CA THR A 58 -7.48 -1.03 5.29
C THR A 58 -7.08 -0.47 3.93
N CYS A 59 -6.29 0.60 3.95
CA CYS A 59 -5.83 1.24 2.72
C CYS A 59 -4.48 1.91 2.93
N CYS A 60 -3.57 1.68 1.99
CA CYS A 60 -2.23 2.26 2.07
C CYS A 60 -2.21 3.70 1.54
N VAL A 61 -2.22 4.65 2.47
CA VAL A 61 -2.19 6.07 2.09
C VAL A 61 -0.86 6.70 2.49
N ALA A 62 0.20 6.33 1.77
CA ALA A 62 1.53 6.84 2.03
C ALA A 62 1.60 7.65 3.33
N LYS A 63 2.23 7.06 4.33
CA LYS A 63 2.40 7.72 5.61
C LYS A 63 3.08 9.05 5.41
N SER A 64 4.05 9.05 4.50
CA SER A 64 4.80 10.24 4.16
C SER A 64 5.11 10.21 2.67
N TYR A 65 4.93 11.34 2.02
CA TYR A 65 5.16 11.43 0.59
C TYR A 65 6.23 12.44 0.24
N ASN A 66 6.77 12.30 -0.96
CA ASN A 66 7.76 13.24 -1.44
C ASN A 66 7.28 13.81 -2.75
N ARG A 67 5.97 13.82 -2.83
CA ARG A 67 5.22 14.31 -3.97
C ARG A 67 6.12 14.95 -5.01
N VAL A 68 5.97 14.50 -6.25
CA VAL A 68 6.75 15.02 -7.35
C VAL A 68 5.88 15.31 -8.56
N THR A 69 4.66 15.77 -8.28
CA THR A 69 3.70 16.08 -9.34
C THR A 69 4.40 16.22 -10.67
N VAL A 70 4.00 15.39 -11.62
CA VAL A 70 4.61 15.39 -12.95
C VAL A 70 3.59 15.54 -14.05
N MET A 71 4.05 15.31 -15.25
CA MET A 71 3.21 15.41 -16.44
C MET A 71 2.35 16.65 -16.38
N GLY A 72 1.09 16.49 -16.71
CA GLY A 72 0.17 17.60 -16.69
C GLY A 72 -0.39 17.83 -15.30
N GLY A 73 0.34 17.36 -14.29
CA GLY A 73 -0.12 17.52 -12.93
C GLY A 73 -0.35 16.19 -12.25
N PHE A 74 0.50 15.20 -12.56
CA PHE A 74 0.36 13.88 -11.94
C PHE A 74 0.70 13.95 -10.47
N LYS A 75 0.67 12.81 -9.80
CA LYS A 75 0.97 12.79 -8.37
C LYS A 75 1.37 11.40 -7.91
N VAL A 76 2.44 11.35 -7.12
CA VAL A 76 2.96 10.10 -6.57
C VAL A 76 3.39 10.32 -5.15
N GLU A 77 2.94 11.44 -4.62
CA GLU A 77 3.31 11.83 -3.27
C GLU A 77 4.56 11.06 -2.92
N ASN A 78 5.50 11.09 -3.88
CA ASN A 78 6.72 10.31 -3.78
C ASN A 78 6.69 9.54 -2.50
N HIS A 79 5.83 8.55 -2.48
CA HIS A 79 5.65 7.78 -1.29
C HIS A 79 6.96 7.52 -0.57
N THR A 80 7.07 8.15 0.57
CA THR A 80 8.25 8.05 1.40
C THR A 80 7.95 7.21 2.64
N ALA A 81 6.67 6.90 2.83
CA ALA A 81 6.23 6.09 3.95
C ALA A 81 4.79 5.64 3.69
N CYS A 82 4.54 4.34 3.81
CA CYS A 82 3.20 3.81 3.54
C CYS A 82 2.62 3.16 4.81
N HIS A 83 1.32 3.32 5.01
CA HIS A 83 0.65 2.77 6.18
C HIS A 83 -0.82 2.47 5.91
N CYS A 84 -1.18 1.18 5.98
CA CYS A 84 -2.56 0.77 5.75
C CYS A 84 -3.49 1.40 6.78
N SER A 85 -4.55 2.05 6.31
CA SER A 85 -5.51 2.70 7.19
C SER A 85 -6.91 2.70 6.58
N THR A 86 -7.72 3.68 6.97
CA THR A 86 -9.07 3.79 6.44
C THR A 86 -9.09 4.63 5.17
N CYS A 87 -8.01 4.54 4.40
CA CYS A 87 -7.90 5.30 3.15
C CYS A 87 -8.31 6.76 3.37
N TYR A 88 -8.45 7.50 2.28
CA TYR A 88 -8.83 8.91 2.36
C TYR A 88 -9.86 9.14 3.47
N TYR A 89 -10.02 10.41 3.85
CA TYR A 89 -10.97 10.78 4.89
C TYR A 89 -11.86 11.94 4.43
N HIS A 90 -11.43 13.16 4.74
CA HIS A 90 -12.17 14.35 4.35
C HIS A 90 -11.24 15.38 3.71
N LYS A 91 -11.03 15.25 2.40
CA LYS A 91 -10.15 16.16 1.68
C LYS A 91 -8.70 16.00 2.15
N SER A 92 -7.83 15.61 1.23
CA SER A 92 -6.42 15.42 1.56
C SER A 92 -5.62 15.01 0.32
N ALA A 1 1.64 -22.45 -15.35
CA ALA A 1 2.55 -21.28 -15.27
C ALA A 1 3.39 -21.34 -13.99
N PRO A 2 4.47 -22.14 -14.02
CA PRO A 2 5.37 -22.30 -12.89
C PRO A 2 5.60 -21.00 -12.13
N ASP A 3 5.71 -19.90 -12.87
CA ASP A 3 5.92 -18.59 -12.27
C ASP A 3 6.81 -18.70 -11.03
N VAL A 4 6.73 -17.69 -10.17
CA VAL A 4 7.53 -17.67 -8.93
C VAL A 4 6.64 -17.86 -7.71
N GLN A 5 7.18 -18.51 -6.70
CA GLN A 5 6.45 -18.76 -5.46
C GLN A 5 6.96 -17.87 -4.33
N ASP A 6 6.51 -16.63 -4.29
CA ASP A 6 6.94 -15.69 -3.27
C ASP A 6 6.65 -14.25 -3.67
N CYS A 7 6.60 -13.36 -2.68
CA CYS A 7 6.33 -11.95 -2.93
C CYS A 7 6.19 -11.19 -1.62
N PRO A 8 6.53 -9.90 -1.62
CA PRO A 8 6.42 -9.03 -0.46
C PRO A 8 4.99 -8.54 -0.30
N GLU A 9 4.82 -7.23 -0.26
CA GLU A 9 3.50 -6.64 -0.15
C GLU A 9 3.44 -5.30 -0.85
N CYS A 10 2.31 -4.63 -0.72
CA CYS A 10 2.11 -3.33 -1.34
C CYS A 10 3.32 -2.44 -1.04
N THR A 11 4.34 -2.54 -1.88
CA THR A 11 5.56 -1.77 -1.71
C THR A 11 5.76 -0.78 -2.85
N LEU A 12 6.51 0.27 -2.58
CA LEU A 12 6.79 1.29 -3.58
C LEU A 12 7.32 0.67 -4.86
N GLN A 13 6.63 0.93 -5.95
CA GLN A 13 7.04 0.41 -7.24
C GLN A 13 7.27 1.51 -8.22
N GLU A 14 8.21 2.34 -7.86
CA GLU A 14 8.63 3.50 -8.63
C GLU A 14 7.71 3.77 -9.80
N ASN A 15 7.24 4.99 -9.85
CA ASN A 15 6.36 5.45 -10.90
C ASN A 15 6.91 5.11 -12.28
N PRO A 16 6.09 4.47 -13.12
CA PRO A 16 6.50 4.11 -14.48
C PRO A 16 6.27 5.24 -15.46
N PHE A 17 6.34 6.46 -14.94
CA PHE A 17 6.14 7.66 -15.76
C PHE A 17 7.06 8.78 -15.30
N PHE A 18 7.00 9.07 -14.01
CA PHE A 18 7.81 10.14 -13.42
C PHE A 18 9.26 9.72 -13.29
N SER A 19 9.51 8.43 -13.41
CA SER A 19 10.87 7.89 -13.29
C SER A 19 11.81 8.57 -14.27
N GLN A 20 12.48 9.64 -13.83
CA GLN A 20 13.41 10.35 -14.69
C GLN A 20 14.81 10.37 -14.09
N PRO A 21 15.82 10.74 -14.90
CA PRO A 21 17.22 10.81 -14.46
C PRO A 21 17.41 11.77 -13.29
N GLY A 22 16.81 11.45 -12.16
CA GLY A 22 16.91 12.28 -10.99
C GLY A 22 15.64 12.30 -10.17
N ALA A 23 14.58 11.74 -10.72
CA ALA A 23 13.30 11.70 -10.03
C ALA A 23 12.46 10.52 -10.47
N PRO A 24 12.49 9.47 -9.65
CA PRO A 24 11.80 8.24 -9.87
C PRO A 24 10.62 8.04 -8.96
N ILE A 25 9.56 8.78 -9.21
CA ILE A 25 8.35 8.69 -8.43
C ILE A 25 8.01 7.25 -8.07
N LEU A 26 6.88 7.07 -7.39
CA LEU A 26 6.49 5.76 -6.93
C LEU A 26 5.00 5.55 -6.88
N GLN A 27 4.65 4.57 -6.09
CA GLN A 27 3.25 4.19 -5.88
C GLN A 27 3.15 2.77 -5.33
N CYS A 28 3.47 2.64 -4.04
CA CYS A 28 3.43 1.34 -3.36
C CYS A 28 2.51 0.36 -4.08
N MET A 29 3.09 -0.69 -4.68
CA MET A 29 2.32 -1.69 -5.39
C MET A 29 2.97 -3.07 -5.22
N GLY A 30 2.16 -4.07 -4.85
CA GLY A 30 2.69 -5.40 -4.66
C GLY A 30 1.68 -6.38 -4.08
N CYS A 31 1.96 -6.86 -2.88
CA CYS A 31 1.09 -7.82 -2.20
C CYS A 31 0.49 -7.24 -0.93
N CYS A 32 -0.04 -8.13 -0.10
CA CYS A 32 -0.66 -7.76 1.17
C CYS A 32 -2.19 -7.90 1.05
N PHE A 33 -2.93 -6.95 1.62
CA PHE A 33 -4.39 -7.00 1.52
C PHE A 33 -4.92 -8.32 2.08
N SER A 34 -6.18 -8.62 1.82
CA SER A 34 -6.78 -9.84 2.30
C SER A 34 -7.83 -10.38 1.32
N ARG A 35 -8.60 -11.35 1.77
CA ARG A 35 -9.64 -11.96 0.95
C ARG A 35 -10.87 -11.06 0.86
N ALA A 36 -11.51 -11.06 -0.31
CA ALA A 36 -12.70 -10.25 -0.52
C ALA A 36 -13.94 -11.12 -0.63
N TYR A 37 -13.85 -12.35 -0.14
CA TYR A 37 -14.95 -13.29 -0.17
C TYR A 37 -15.39 -13.69 1.23
N PRO A 38 -16.65 -13.42 1.57
CA PRO A 38 -17.20 -13.75 2.89
C PRO A 38 -16.85 -15.17 3.33
N THR A 39 -17.29 -15.55 4.53
CA THR A 39 -17.00 -16.88 5.06
C THR A 39 -17.38 -16.97 6.53
N PRO A 40 -17.68 -18.18 7.02
CA PRO A 40 -18.05 -18.40 8.41
C PRO A 40 -17.40 -17.39 9.34
N LEU A 41 -16.15 -17.04 9.05
CA LEU A 41 -15.41 -16.09 9.86
C LEU A 41 -15.93 -14.67 9.61
N ARG A 42 -15.24 -13.69 10.19
CA ARG A 42 -15.62 -12.29 10.03
C ARG A 42 -14.44 -11.38 10.33
N SER A 43 -13.64 -11.77 11.32
CA SER A 43 -12.47 -10.98 11.70
C SER A 43 -12.79 -9.50 11.70
N LYS A 44 -11.77 -8.68 11.41
CA LYS A 44 -11.94 -7.23 11.37
C LYS A 44 -12.19 -6.67 12.76
N LYS A 45 -11.57 -7.29 13.76
CA LYS A 45 -11.72 -6.86 15.14
C LYS A 45 -10.39 -6.37 15.69
N THR A 46 -9.31 -7.05 15.31
CA THR A 46 -7.98 -6.69 15.77
C THR A 46 -7.97 -6.40 17.26
N MET A 47 -6.84 -5.92 17.77
CA MET A 47 -6.70 -5.61 19.19
C MET A 47 -7.86 -4.74 19.67
N LEU A 48 -7.84 -3.47 19.29
CA LEU A 48 -8.90 -2.54 19.68
C LEU A 48 -9.18 -1.53 18.57
N VAL A 49 -9.81 -2.00 17.50
CA VAL A 49 -10.15 -1.14 16.38
C VAL A 49 -8.88 -0.72 15.61
N GLN A 50 -8.88 0.51 15.11
CA GLN A 50 -7.74 1.03 14.35
C GLN A 50 -7.96 2.50 14.01
N LYS A 51 -7.25 3.38 14.71
CA LYS A 51 -7.37 4.82 14.48
C LYS A 51 -7.08 5.17 13.03
N ASN A 52 -8.06 4.93 12.15
CA ASN A 52 -7.90 5.23 10.74
C ASN A 52 -9.12 4.73 9.95
N VAL A 53 -9.98 5.67 9.56
CA VAL A 53 -11.17 5.32 8.80
C VAL A 53 -10.80 4.50 7.56
N THR A 54 -11.82 4.05 6.83
CA THR A 54 -11.60 3.26 5.62
C THR A 54 -10.64 2.10 5.90
N SER A 55 -11.20 0.94 6.22
CA SER A 55 -10.39 -0.24 6.50
C SER A 55 -11.24 -1.51 6.40
N GLU A 56 -10.79 -2.46 5.58
CA GLU A 56 -11.52 -3.71 5.40
C GLU A 56 -10.54 -4.87 5.17
N SER A 57 -9.44 -4.61 4.48
CA SER A 57 -8.45 -5.64 4.22
C SER A 57 -7.04 -5.13 4.51
N THR A 58 -6.35 -4.65 3.47
CA THR A 58 -5.00 -4.14 3.61
C THR A 58 -4.96 -2.97 4.59
N CYS A 59 -3.84 -2.24 4.58
CA CYS A 59 -3.68 -1.09 5.46
C CYS A 59 -2.56 -0.21 4.97
N CYS A 60 -2.37 -0.26 3.68
CA CYS A 60 -1.34 0.54 3.02
C CYS A 60 -1.76 1.99 2.93
N VAL A 61 -1.09 2.70 2.05
CA VAL A 61 -1.33 4.12 1.81
C VAL A 61 -0.10 4.91 2.20
N ALA A 62 1.04 4.36 1.81
CA ALA A 62 2.32 4.98 2.09
C ALA A 62 2.34 5.65 3.46
N LYS A 63 3.16 5.11 4.35
CA LYS A 63 3.28 5.66 5.70
C LYS A 63 3.57 7.14 5.59
N SER A 64 4.42 7.46 4.63
CA SER A 64 4.79 8.84 4.36
C SER A 64 4.88 9.04 2.86
N TYR A 65 4.42 10.18 2.38
CA TYR A 65 4.43 10.45 0.95
C TYR A 65 5.18 11.71 0.58
N ASN A 66 5.58 11.77 -0.68
CA ASN A 66 6.26 12.95 -1.21
C ASN A 66 5.52 13.38 -2.46
N ARG A 67 4.26 13.01 -2.44
CA ARG A 67 3.30 13.26 -3.51
C ARG A 67 3.86 14.09 -4.66
N VAL A 68 3.65 13.56 -5.86
CA VAL A 68 4.07 14.20 -7.09
C VAL A 68 3.09 13.83 -8.21
N THR A 69 2.03 14.63 -8.33
CA THR A 69 0.99 14.39 -9.31
C THR A 69 1.55 14.33 -10.72
N VAL A 70 1.23 13.25 -11.40
CA VAL A 70 1.66 13.04 -12.77
C VAL A 70 0.48 12.74 -13.68
N MET A 71 0.79 12.34 -14.90
CA MET A 71 -0.21 12.00 -15.90
C MET A 71 -1.48 12.82 -15.69
N GLY A 72 -2.63 12.17 -15.79
CA GLY A 72 -3.90 12.86 -15.61
C GLY A 72 -4.16 13.21 -14.15
N GLY A 73 -3.10 13.27 -13.35
CA GLY A 73 -3.26 13.59 -11.95
C GLY A 73 -2.86 12.44 -11.03
N PHE A 74 -1.86 11.68 -11.46
CA PHE A 74 -1.38 10.54 -10.67
C PHE A 74 -0.68 11.00 -9.41
N LYS A 75 -1.33 10.76 -8.27
CA LYS A 75 -0.78 11.14 -6.98
C LYS A 75 -0.05 9.96 -6.34
N VAL A 76 1.25 9.87 -6.63
CA VAL A 76 2.08 8.80 -6.08
C VAL A 76 2.48 9.09 -4.67
N GLU A 77 1.81 10.06 -4.08
CA GLU A 77 2.15 10.47 -2.73
C GLU A 77 3.58 10.06 -2.53
N ASN A 78 4.40 10.36 -3.55
CA ASN A 78 5.78 9.94 -3.58
C ASN A 78 6.06 9.14 -2.36
N HIS A 79 5.52 7.95 -2.32
CA HIS A 79 5.66 7.12 -1.18
C HIS A 79 7.05 7.17 -0.61
N THR A 80 7.12 7.76 0.56
CA THR A 80 8.38 7.91 1.26
C THR A 80 8.44 6.90 2.42
N ALA A 81 7.35 6.16 2.59
CA ALA A 81 7.24 5.14 3.61
C ALA A 81 5.94 4.37 3.39
N CYS A 82 5.98 3.06 3.55
CA CYS A 82 4.79 2.24 3.34
C CYS A 82 4.42 1.46 4.59
N HIS A 83 3.15 1.07 4.68
CA HIS A 83 2.67 0.31 5.83
C HIS A 83 1.31 -0.30 5.56
N CYS A 84 1.30 -1.61 5.34
CA CYS A 84 0.08 -2.36 5.08
C CYS A 84 -0.17 -3.40 6.16
N SER A 85 -1.42 -3.85 6.28
CA SER A 85 -1.78 -4.85 7.28
C SER A 85 -0.87 -4.75 8.51
N THR A 86 -0.52 -3.53 8.87
CA THR A 86 0.35 -3.29 10.02
C THR A 86 0.41 -1.80 10.35
N CYS A 87 -0.76 -1.18 10.46
CA CYS A 87 -0.86 0.24 10.78
C CYS A 87 -0.68 0.48 12.27
N TYR A 88 0.39 -0.07 12.83
CA TYR A 88 0.66 0.09 14.26
C TYR A 88 2.16 -0.01 14.52
N TYR A 89 2.52 -0.31 15.78
CA TYR A 89 3.92 -0.42 16.17
C TYR A 89 4.47 0.91 16.65
N HIS A 90 4.69 1.83 15.70
CA HIS A 90 5.22 3.15 16.02
C HIS A 90 4.12 4.20 15.94
N LYS A 91 4.11 5.12 16.90
CA LYS A 91 3.12 6.18 16.95
C LYS A 91 1.75 5.66 16.53
N SER A 92 0.91 5.33 17.51
CA SER A 92 -0.43 4.83 17.24
C SER A 92 -1.31 5.92 16.64
N ALA A 1 7.98 -3.69 -14.47
CA ALA A 1 6.63 -3.53 -13.88
C ALA A 1 6.53 -4.28 -12.55
N PRO A 2 6.77 -5.60 -12.57
CA PRO A 2 6.70 -6.44 -11.37
C PRO A 2 7.87 -6.19 -10.41
N ASP A 3 8.94 -6.96 -10.58
CA ASP A 3 10.13 -6.83 -9.74
C ASP A 3 9.74 -6.83 -8.26
N VAL A 4 8.95 -7.82 -7.86
CA VAL A 4 8.51 -7.93 -6.48
C VAL A 4 7.43 -6.90 -6.17
N GLN A 5 6.19 -7.25 -6.50
CA GLN A 5 5.06 -6.35 -6.25
C GLN A 5 3.83 -7.14 -5.83
N ASP A 6 3.63 -7.23 -4.51
CA ASP A 6 2.48 -7.96 -3.97
C ASP A 6 1.89 -7.24 -2.77
N CYS A 7 0.79 -7.78 -2.24
CA CYS A 7 0.11 -7.19 -1.10
C CYS A 7 0.98 -7.31 0.17
N PRO A 8 1.29 -8.54 0.57
CA PRO A 8 2.09 -8.82 1.75
C PRO A 8 3.14 -7.74 2.00
N GLU A 9 2.89 -6.89 2.99
CA GLU A 9 3.80 -5.80 3.33
C GLU A 9 3.59 -4.59 2.44
N CYS A 10 3.20 -3.48 3.05
CA CYS A 10 2.97 -2.24 2.31
C CYS A 10 4.29 -1.50 2.10
N THR A 11 4.37 -0.73 1.03
CA THR A 11 5.58 0.02 0.73
C THR A 11 5.33 1.01 -0.39
N LEU A 12 6.24 1.07 -1.33
CA LEU A 12 6.12 1.98 -2.46
C LEU A 12 5.96 1.20 -3.75
N GLN A 13 4.95 1.56 -4.53
CA GLN A 13 4.69 0.89 -5.79
C GLN A 13 5.28 1.67 -6.94
N GLU A 14 6.49 2.11 -6.72
CA GLU A 14 7.24 2.90 -7.69
C GLU A 14 6.48 3.02 -8.99
N ASN A 15 6.24 4.24 -9.37
CA ASN A 15 5.51 4.56 -10.57
C ASN A 15 6.26 4.20 -11.85
N PRO A 16 5.85 3.12 -12.51
CA PRO A 16 6.43 2.69 -13.77
C PRO A 16 5.88 3.54 -14.90
N PHE A 17 5.07 4.51 -14.48
CA PHE A 17 4.43 5.45 -15.39
C PHE A 17 5.26 6.72 -15.51
N PHE A 18 5.39 7.41 -14.38
CA PHE A 18 6.16 8.64 -14.32
C PHE A 18 7.65 8.33 -14.24
N SER A 19 7.97 7.05 -14.22
CA SER A 19 9.35 6.60 -14.13
C SER A 19 10.20 7.23 -15.23
N GLN A 20 11.01 8.22 -14.85
CA GLN A 20 11.87 8.91 -15.81
C GLN A 20 13.32 8.50 -15.61
N PRO A 21 14.22 9.02 -16.45
CA PRO A 21 15.65 8.71 -16.37
C PRO A 21 16.25 9.11 -15.02
N GLY A 22 15.84 8.41 -13.97
CA GLY A 22 16.34 8.71 -12.64
C GLY A 22 15.22 8.99 -11.66
N ALA A 23 14.01 8.54 -11.99
CA ALA A 23 12.85 8.74 -11.14
C ALA A 23 11.70 7.87 -11.58
N PRO A 24 11.52 6.78 -10.86
CA PRO A 24 10.49 5.78 -11.12
C PRO A 24 9.24 6.00 -10.30
N ILE A 25 9.06 7.24 -9.89
CA ILE A 25 7.92 7.66 -9.10
C ILE A 25 7.30 6.54 -8.29
N LEU A 26 6.18 6.82 -7.63
CA LEU A 26 5.59 5.84 -6.73
C LEU A 26 4.13 6.07 -6.44
N GLN A 27 3.75 5.44 -5.34
CA GLN A 27 2.39 5.50 -4.83
C GLN A 27 2.13 4.34 -3.87
N CYS A 28 2.92 4.29 -2.80
CA CYS A 28 2.82 3.24 -1.78
C CYS A 28 1.49 2.48 -1.88
N MET A 29 1.59 1.17 -2.08
CA MET A 29 0.41 0.32 -2.16
C MET A 29 0.76 -1.12 -1.82
N GLY A 30 0.01 -1.71 -0.89
CA GLY A 30 0.26 -3.07 -0.48
C GLY A 30 -0.56 -3.46 0.74
N CYS A 31 0.09 -4.05 1.74
CA CYS A 31 -0.59 -4.47 2.95
C CYS A 31 0.30 -4.27 4.18
N CYS A 32 -0.15 -3.44 5.11
CA CYS A 32 0.60 -3.15 6.32
C CYS A 32 0.90 -4.44 7.09
N PHE A 33 -0.16 -5.07 7.61
CA PHE A 33 -0.01 -6.30 8.36
C PHE A 33 -1.26 -6.57 9.20
N SER A 34 -1.36 -5.88 10.34
CA SER A 34 -2.50 -6.04 11.24
C SER A 34 -3.12 -7.42 11.10
N ARG A 35 -2.63 -8.36 11.92
CA ARG A 35 -3.11 -9.74 11.90
C ARG A 35 -4.54 -9.82 11.40
N ALA A 36 -4.82 -10.84 10.58
CA ALA A 36 -6.15 -11.03 10.03
C ALA A 36 -6.58 -12.49 10.16
N TYR A 37 -7.23 -13.03 9.13
CA TYR A 37 -7.69 -14.41 9.16
C TYR A 37 -7.47 -15.08 7.81
N PRO A 38 -6.27 -14.95 7.25
CA PRO A 38 -5.92 -15.55 5.95
C PRO A 38 -5.51 -17.01 6.09
N THR A 39 -6.21 -17.88 5.38
CA THR A 39 -5.90 -19.31 5.42
C THR A 39 -4.62 -19.62 4.66
N PRO A 40 -4.38 -18.88 3.58
CA PRO A 40 -3.21 -19.03 2.73
C PRO A 40 -2.03 -18.20 3.19
N LEU A 41 -1.05 -18.85 3.80
CA LEU A 41 0.16 -18.19 4.29
C LEU A 41 1.39 -18.98 3.86
N ARG A 42 1.37 -20.27 4.14
CA ARG A 42 2.48 -21.16 3.78
C ARG A 42 1.93 -22.38 3.04
N SER A 43 0.67 -22.31 2.65
CA SER A 43 0.01 -23.39 1.93
C SER A 43 -1.34 -22.92 1.38
N LYS A 44 -1.62 -23.26 0.12
CA LYS A 44 -2.87 -22.86 -0.50
C LYS A 44 -3.99 -23.83 -0.15
N LYS A 45 -4.18 -24.06 1.15
CA LYS A 45 -5.23 -24.96 1.61
C LYS A 45 -6.59 -24.47 1.15
N THR A 46 -7.51 -25.40 0.93
CA THR A 46 -8.86 -25.05 0.48
C THR A 46 -9.91 -25.85 1.24
N MET A 47 -10.62 -25.19 2.15
CA MET A 47 -11.65 -25.84 2.95
C MET A 47 -12.59 -24.82 3.58
N LEU A 48 -13.30 -24.07 2.73
CA LEU A 48 -14.24 -23.07 3.21
C LEU A 48 -13.72 -22.39 4.47
N VAL A 49 -13.09 -21.23 4.30
CA VAL A 49 -12.55 -20.47 5.43
C VAL A 49 -12.63 -18.98 5.16
N GLN A 50 -13.70 -18.36 5.64
CA GLN A 50 -13.93 -16.93 5.46
C GLN A 50 -15.42 -16.61 5.57
N LYS A 51 -15.86 -16.26 6.78
CA LYS A 51 -17.27 -15.94 7.00
C LYS A 51 -17.42 -14.64 7.79
N ASN A 52 -16.32 -13.92 7.94
CA ASN A 52 -16.35 -12.64 8.66
C ASN A 52 -15.01 -12.36 9.34
N VAL A 53 -14.66 -11.08 9.41
CA VAL A 53 -13.41 -10.66 10.03
C VAL A 53 -13.45 -9.17 10.35
N THR A 54 -12.28 -8.59 10.61
CA THR A 54 -12.19 -7.17 10.92
C THR A 54 -13.08 -6.36 9.98
N SER A 55 -12.52 -5.99 8.83
CA SER A 55 -13.24 -5.21 7.83
C SER A 55 -12.30 -4.28 7.08
N GLU A 56 -11.24 -4.84 6.52
CA GLU A 56 -10.26 -4.06 5.78
C GLU A 56 -9.25 -3.43 6.72
N SER A 57 -8.09 -4.08 6.86
CA SER A 57 -7.04 -3.58 7.74
C SER A 57 -6.55 -2.21 7.27
N THR A 58 -5.46 -1.75 7.88
CA THR A 58 -4.88 -0.45 7.53
C THR A 58 -4.18 -0.51 6.18
N CYS A 59 -3.82 0.65 5.65
CA CYS A 59 -3.12 0.73 4.37
C CYS A 59 -2.12 1.88 4.36
N CYS A 60 -0.90 1.57 3.97
CA CYS A 60 0.17 2.56 3.91
C CYS A 60 -0.25 3.81 3.13
N VAL A 61 -0.02 4.97 3.72
CA VAL A 61 -0.35 6.24 3.08
C VAL A 61 0.86 7.17 3.09
N ALA A 62 1.91 6.76 2.39
CA ALA A 62 3.14 7.53 2.30
C ALA A 62 3.36 8.42 3.51
N LYS A 63 4.07 7.90 4.50
CA LYS A 63 4.40 8.66 5.69
C LYS A 63 4.91 10.02 5.26
N SER A 64 5.59 10.01 4.13
CA SER A 64 6.15 11.21 3.52
C SER A 64 5.94 11.13 2.03
N TYR A 65 6.47 12.10 1.31
CA TYR A 65 6.31 12.11 -0.14
C TYR A 65 7.36 12.96 -0.82
N ASN A 66 7.49 12.73 -2.12
CA ASN A 66 8.41 13.51 -2.93
C ASN A 66 7.67 13.92 -4.18
N ARG A 67 6.38 14.01 -3.99
CA ARG A 67 5.42 14.38 -5.02
C ARG A 67 6.12 14.85 -6.28
N VAL A 68 5.70 14.27 -7.39
CA VAL A 68 6.24 14.60 -8.69
C VAL A 68 5.11 14.79 -9.68
N THR A 69 4.10 15.55 -9.26
CA THR A 69 2.94 15.82 -10.08
C THR A 69 3.23 15.56 -11.55
N VAL A 70 2.51 14.61 -12.11
CA VAL A 70 2.68 14.24 -13.51
C VAL A 70 1.39 14.36 -14.30
N MET A 71 1.44 13.84 -15.51
CA MET A 71 0.31 13.86 -16.41
C MET A 71 -0.45 15.16 -16.33
N GLY A 72 -1.77 15.07 -16.25
CA GLY A 72 -2.60 16.24 -16.18
C GLY A 72 -2.59 16.88 -14.81
N GLY A 73 -1.66 16.47 -13.96
CA GLY A 73 -1.57 17.03 -12.63
C GLY A 73 -1.69 15.96 -11.55
N PHE A 74 -1.11 14.79 -11.81
CA PHE A 74 -1.15 13.70 -10.85
C PHE A 74 -0.35 14.05 -9.60
N LYS A 75 -0.25 13.11 -8.69
CA LYS A 75 0.50 13.34 -7.46
C LYS A 75 0.87 12.04 -6.75
N VAL A 76 2.05 11.52 -7.05
CA VAL A 76 2.53 10.29 -6.44
C VAL A 76 3.20 10.60 -5.14
N GLU A 77 3.04 11.84 -4.73
CA GLU A 77 3.68 12.30 -3.51
C GLU A 77 4.96 11.52 -3.41
N ASN A 78 5.56 11.34 -4.60
CA ASN A 78 6.74 10.53 -4.78
C ASN A 78 7.09 9.92 -3.45
N HIS A 79 6.17 9.08 -3.00
CA HIS A 79 6.25 8.43 -1.73
C HIS A 79 7.67 8.14 -1.30
N THR A 80 8.01 8.69 -0.16
CA THR A 80 9.34 8.53 0.41
C THR A 80 9.28 7.65 1.67
N ALA A 81 8.06 7.46 2.17
CA ALA A 81 7.83 6.63 3.36
C ALA A 81 6.36 6.30 3.43
N CYS A 82 6.01 5.05 3.70
CA CYS A 82 4.60 4.66 3.76
C CYS A 82 4.18 4.24 5.16
N HIS A 83 3.10 4.86 5.64
CA HIS A 83 2.56 4.56 6.96
C HIS A 83 1.10 4.13 6.84
N CYS A 84 0.82 2.90 7.20
CA CYS A 84 -0.54 2.36 7.12
C CYS A 84 -1.46 3.01 8.13
N SER A 85 -2.73 3.16 7.74
CA SER A 85 -3.73 3.77 8.62
C SER A 85 -5.09 3.81 7.92
N THR A 86 -6.10 4.30 8.65
CA THR A 86 -7.45 4.38 8.11
C THR A 86 -7.43 4.70 6.61
N CYS A 87 -8.26 4.00 5.85
CA CYS A 87 -8.35 4.21 4.42
C CYS A 87 -9.72 4.74 4.03
N TYR A 88 -10.00 4.79 2.74
CA TYR A 88 -11.28 5.28 2.24
C TYR A 88 -11.74 6.48 3.06
N TYR A 89 -10.83 7.44 3.23
CA TYR A 89 -11.13 8.65 3.99
C TYR A 89 -12.56 9.11 3.75
N HIS A 90 -13.05 9.99 4.63
CA HIS A 90 -14.41 10.51 4.51
C HIS A 90 -14.40 12.03 4.62
N LYS A 91 -13.78 12.69 3.65
CA LYS A 91 -13.71 14.14 3.62
C LYS A 91 -12.79 14.66 4.71
N SER A 92 -13.22 14.55 5.96
CA SER A 92 -12.43 15.00 7.09
C SER A 92 -11.62 13.86 7.69
N ALA A 1 -6.66 -1.02 -4.15
CA ALA A 1 -7.90 -0.73 -4.93
C ALA A 1 -8.16 -1.82 -5.96
N PRO A 2 -8.63 -2.99 -5.50
CA PRO A 2 -8.93 -4.12 -6.40
C PRO A 2 -9.96 -3.74 -7.45
N ASP A 3 -10.48 -4.74 -8.16
CA ASP A 3 -11.47 -4.52 -9.20
C ASP A 3 -10.80 -4.19 -10.54
N VAL A 4 -9.53 -3.81 -10.48
CA VAL A 4 -8.78 -3.48 -11.69
C VAL A 4 -8.49 -4.73 -12.51
N GLN A 5 -7.28 -4.82 -13.05
CA GLN A 5 -6.91 -5.98 -13.87
C GLN A 5 -5.48 -6.42 -13.56
N ASP A 6 -4.99 -6.07 -12.38
CA ASP A 6 -3.64 -6.43 -11.97
C ASP A 6 -3.35 -5.90 -10.56
N CYS A 7 -2.42 -6.56 -9.87
CA CYS A 7 -2.05 -6.15 -8.52
C CYS A 7 -0.96 -7.06 -7.97
N PRO A 8 0.31 -6.76 -8.30
CA PRO A 8 1.46 -7.55 -7.86
C PRO A 8 1.97 -7.13 -6.49
N GLU A 9 1.10 -7.21 -5.48
CA GLU A 9 1.50 -6.84 -4.12
C GLU A 9 1.63 -5.33 -3.97
N CYS A 10 1.83 -4.88 -2.73
CA CYS A 10 1.98 -3.46 -2.44
C CYS A 10 3.46 -3.08 -2.37
N THR A 11 3.77 -1.86 -2.80
CA THR A 11 5.15 -1.37 -2.78
C THR A 11 5.37 -0.25 -3.77
N LEU A 12 6.47 0.44 -3.58
CA LEU A 12 6.84 1.52 -4.48
C LEU A 12 7.18 0.97 -5.85
N GLN A 13 6.37 1.29 -6.82
CA GLN A 13 6.60 0.80 -8.15
C GLN A 13 7.22 1.87 -9.01
N GLU A 14 8.29 2.39 -8.47
CA GLU A 14 9.06 3.45 -9.09
C GLU A 14 8.51 3.77 -10.47
N ASN A 15 8.07 4.97 -10.60
CA ASN A 15 7.49 5.45 -11.83
C ASN A 15 8.42 5.26 -13.01
N PRO A 16 8.15 4.23 -13.84
CA PRO A 16 8.91 3.97 -15.04
C PRO A 16 8.52 4.96 -16.11
N PHE A 17 7.59 5.82 -15.71
CA PHE A 17 7.05 6.87 -16.56
C PHE A 17 7.82 8.16 -16.36
N PHE A 18 7.92 8.58 -15.10
CA PHE A 18 8.63 9.79 -14.74
C PHE A 18 10.11 9.50 -14.51
N SER A 19 10.47 8.21 -14.57
CA SER A 19 11.84 7.80 -14.39
C SER A 19 12.77 8.65 -15.24
N GLN A 20 13.36 9.66 -14.61
CA GLN A 20 14.27 10.57 -15.30
C GLN A 20 15.71 10.22 -14.97
N PRO A 21 16.65 10.64 -15.84
CA PRO A 21 18.08 10.38 -15.64
C PRO A 21 18.56 10.96 -14.31
N GLY A 22 18.04 10.40 -13.22
CA GLY A 22 18.40 10.86 -11.90
C GLY A 22 17.20 11.01 -11.00
N ALA A 23 16.02 10.68 -11.52
CA ALA A 23 14.79 10.79 -10.76
C ALA A 23 13.77 9.78 -11.21
N PRO A 24 13.68 8.69 -10.45
CA PRO A 24 12.80 7.57 -10.70
C PRO A 24 11.57 7.56 -9.80
N ILE A 25 10.60 8.39 -10.16
CA ILE A 25 9.37 8.51 -9.42
C ILE A 25 8.82 7.18 -8.94
N LEU A 26 7.66 7.21 -8.30
CA LEU A 26 7.08 6.03 -7.72
C LEU A 26 5.57 6.06 -7.67
N GLN A 27 5.07 5.17 -6.83
CA GLN A 27 3.63 5.03 -6.63
C GLN A 27 3.31 3.74 -5.88
N CYS A 28 3.86 3.63 -4.66
CA CYS A 28 3.64 2.45 -3.81
C CYS A 28 2.31 1.78 -4.08
N MET A 29 2.35 0.71 -4.87
CA MET A 29 1.13 -0.04 -5.19
C MET A 29 0.51 -0.60 -3.92
N GLY A 30 -0.76 -1.01 -4.01
CA GLY A 30 -1.42 -1.55 -2.85
C GLY A 30 -2.16 -2.85 -3.14
N CYS A 31 -1.55 -3.96 -2.75
CA CYS A 31 -2.14 -5.28 -2.95
C CYS A 31 -1.54 -6.29 -1.99
N CYS A 32 -1.57 -5.97 -0.70
CA CYS A 32 -1.03 -6.86 0.32
C CYS A 32 -1.42 -8.30 0.03
N PHE A 33 -2.68 -8.63 0.30
CA PHE A 33 -3.22 -9.98 0.07
C PHE A 33 -3.61 -10.64 1.39
N SER A 34 -3.53 -9.88 2.48
CA SER A 34 -3.87 -10.40 3.80
C SER A 34 -3.04 -11.63 4.14
N ARG A 35 -2.39 -11.60 5.30
CA ARG A 35 -1.56 -12.72 5.73
C ARG A 35 -1.94 -13.14 7.15
N ALA A 36 -3.11 -12.72 7.60
CA ALA A 36 -3.58 -13.05 8.95
C ALA A 36 -5.10 -13.23 8.98
N TYR A 37 -5.53 -14.25 9.70
CA TYR A 37 -6.96 -14.55 9.83
C TYR A 37 -7.16 -15.77 10.72
N PRO A 38 -6.51 -16.89 10.37
CA PRO A 38 -6.59 -18.14 11.13
C PRO A 38 -5.65 -18.16 12.32
N THR A 39 -5.97 -18.98 13.32
CA THR A 39 -5.14 -19.08 14.51
C THR A 39 -4.91 -20.55 14.89
N PRO A 40 -4.75 -21.43 13.88
CA PRO A 40 -4.52 -22.86 14.10
C PRO A 40 -3.12 -23.13 14.63
N LEU A 41 -2.73 -22.42 15.68
CA LEU A 41 -1.41 -22.57 16.28
C LEU A 41 -1.36 -21.95 17.67
N ARG A 42 -2.32 -22.29 18.51
CA ARG A 42 -2.39 -21.76 19.86
C ARG A 42 -2.64 -20.25 19.84
N SER A 43 -1.77 -19.48 20.47
CA SER A 43 -1.92 -18.04 20.51
C SER A 43 -3.22 -17.64 21.19
N LYS A 44 -3.77 -16.49 20.82
CA LYS A 44 -5.02 -16.00 21.40
C LYS A 44 -5.61 -14.88 20.55
N LYS A 45 -6.92 -14.71 20.64
CA LYS A 45 -7.61 -13.68 19.87
C LYS A 45 -9.01 -13.43 20.43
N THR A 46 -9.52 -12.21 20.22
CA THR A 46 -10.84 -11.84 20.69
C THR A 46 -11.34 -10.61 19.95
N MET A 47 -12.11 -9.76 20.65
CA MET A 47 -12.65 -8.54 20.06
C MET A 47 -11.67 -7.38 20.23
N LEU A 48 -10.38 -7.69 20.32
CA LEU A 48 -9.36 -6.67 20.48
C LEU A 48 -9.84 -5.56 21.41
N VAL A 49 -10.01 -5.88 22.68
CA VAL A 49 -10.49 -4.92 23.67
C VAL A 49 -9.34 -4.39 24.51
N GLN A 50 -9.60 -3.34 25.28
CA GLN A 50 -8.59 -2.74 26.14
C GLN A 50 -7.29 -2.51 25.39
N LYS A 51 -7.37 -2.46 24.06
CA LYS A 51 -6.18 -2.23 23.23
C LYS A 51 -6.40 -2.77 21.82
N ASN A 52 -6.36 -1.88 20.84
CA ASN A 52 -6.54 -2.26 19.44
C ASN A 52 -5.62 -1.45 18.53
N VAL A 53 -4.63 -2.12 17.95
CA VAL A 53 -3.67 -1.45 17.08
C VAL A 53 -3.43 -2.24 15.79
N THR A 54 -4.30 -3.21 15.53
CA THR A 54 -4.18 -4.03 14.33
C THR A 54 -5.43 -4.89 14.13
N SER A 55 -6.08 -4.70 12.98
CA SER A 55 -7.29 -5.44 12.65
C SER A 55 -7.34 -5.76 11.15
N GLU A 56 -8.49 -6.23 10.69
CA GLU A 56 -8.65 -6.57 9.28
C GLU A 56 -8.70 -5.32 8.40
N SER A 57 -7.74 -5.20 7.51
CA SER A 57 -7.66 -4.04 6.62
C SER A 57 -6.25 -3.90 6.04
N THR A 58 -6.15 -3.28 4.87
CA THR A 58 -4.86 -3.09 4.23
C THR A 58 -4.85 -1.83 3.37
N CYS A 59 -3.69 -1.57 2.75
CA CYS A 59 -3.51 -0.40 1.89
C CYS A 59 -2.15 0.23 2.14
N CYS A 60 -1.34 0.32 1.08
CA CYS A 60 -0.01 0.89 1.20
C CYS A 60 0.06 2.29 0.59
N VAL A 61 -0.62 3.24 1.22
CA VAL A 61 -0.64 4.62 0.75
C VAL A 61 0.62 5.35 1.20
N ALA A 62 1.76 4.97 0.60
CA ALA A 62 3.05 5.56 0.93
C ALA A 62 3.06 6.22 2.31
N LYS A 63 3.81 5.63 3.23
CA LYS A 63 3.93 6.17 4.57
C LYS A 63 4.33 7.64 4.46
N SER A 64 5.18 7.89 3.46
CA SER A 64 5.66 9.22 3.18
C SER A 64 5.62 9.46 1.68
N TYR A 65 5.99 10.65 1.24
CA TYR A 65 5.96 10.94 -0.18
C TYR A 65 6.87 12.09 -0.56
N ASN A 66 7.26 12.10 -1.83
CA ASN A 66 8.09 13.20 -2.34
C ASN A 66 7.41 13.75 -3.58
N ARG A 67 6.12 13.52 -3.58
CA ARG A 67 5.21 13.93 -4.63
C ARG A 67 5.92 14.72 -5.72
N VAL A 68 5.85 14.18 -6.93
CA VAL A 68 6.46 14.78 -8.10
C VAL A 68 5.43 14.99 -9.19
N THR A 69 4.27 15.50 -8.81
CA THR A 69 3.20 15.73 -9.77
C THR A 69 3.73 15.78 -11.18
N VAL A 70 3.25 14.86 -11.99
CA VAL A 70 3.70 14.79 -13.37
C VAL A 70 2.55 14.90 -14.34
N MET A 71 2.83 14.51 -15.57
CA MET A 71 1.86 14.56 -16.65
C MET A 71 0.44 14.41 -16.10
N GLY A 72 -0.48 15.21 -16.65
CA GLY A 72 -1.86 15.15 -16.20
C GLY A 72 -1.98 15.41 -14.72
N GLY A 73 -0.90 15.88 -14.10
CA GLY A 73 -0.91 16.15 -12.68
C GLY A 73 -0.85 14.89 -11.85
N PHE A 74 -0.05 13.92 -12.31
CA PHE A 74 0.09 12.65 -11.60
C PHE A 74 0.91 12.81 -10.33
N LYS A 75 0.26 12.60 -9.20
CA LYS A 75 0.91 12.73 -7.90
C LYS A 75 1.41 11.37 -7.39
N VAL A 76 2.67 11.08 -7.63
CA VAL A 76 3.28 9.83 -7.16
C VAL A 76 3.73 9.99 -5.75
N GLU A 77 3.30 11.08 -5.17
CA GLU A 77 3.70 11.41 -3.81
C GLU A 77 5.04 10.78 -3.60
N ASN A 78 5.87 10.88 -4.66
CA ASN A 78 7.18 10.26 -4.69
C ASN A 78 7.28 9.37 -3.49
N HIS A 79 6.42 8.38 -3.46
CA HIS A 79 6.35 7.50 -2.33
C HIS A 79 7.72 7.22 -1.75
N THR A 80 8.01 7.94 -0.68
CA THR A 80 9.28 7.83 0.00
C THR A 80 9.21 6.88 1.19
N ALA A 81 8.01 6.32 1.40
CA ALA A 81 7.77 5.37 2.48
C ALA A 81 6.43 4.70 2.26
N CYS A 82 6.30 3.43 2.65
CA CYS A 82 5.07 2.70 2.46
C CYS A 82 4.49 2.21 3.78
N HIS A 83 3.25 1.71 3.74
CA HIS A 83 2.59 1.21 4.94
C HIS A 83 1.24 0.59 4.60
N CYS A 84 1.17 -0.73 4.69
CA CYS A 84 -0.06 -1.47 4.38
C CYS A 84 -1.01 -1.47 5.58
N SER A 85 -2.15 -0.82 5.43
CA SER A 85 -3.13 -0.75 6.50
C SER A 85 -4.11 0.41 6.30
N THR A 86 -5.06 0.54 7.23
CA THR A 86 -6.06 1.60 7.16
C THR A 86 -6.54 1.83 5.72
N CYS A 87 -6.86 3.07 5.40
CA CYS A 87 -7.33 3.42 4.07
C CYS A 87 -8.80 3.02 3.90
N TYR A 88 -9.59 3.92 3.31
CA TYR A 88 -11.01 3.67 3.09
C TYR A 88 -11.66 3.18 4.38
N TYR A 89 -12.58 2.23 4.26
CA TYR A 89 -13.27 1.69 5.43
C TYR A 89 -13.79 0.28 5.18
N HIS A 90 -14.90 0.18 4.45
CA HIS A 90 -15.49 -1.11 4.14
C HIS A 90 -15.85 -1.87 5.41
N LYS A 91 -17.13 -1.85 5.78
CA LYS A 91 -17.61 -2.53 6.98
C LYS A 91 -18.29 -3.85 6.63
N SER A 92 -18.05 -4.87 7.46
CA SER A 92 -18.65 -6.18 7.23
C SER A 92 -18.00 -7.23 8.13
N ALA A 1 -4.09 -14.35 -14.37
CA ALA A 1 -3.21 -13.16 -14.23
C ALA A 1 -3.91 -12.04 -13.46
N PRO A 2 -4.86 -11.36 -14.10
CA PRO A 2 -5.62 -10.26 -13.47
C PRO A 2 -6.17 -10.65 -12.11
N ASP A 3 -6.55 -11.93 -11.99
CA ASP A 3 -7.09 -12.44 -10.74
C ASP A 3 -5.97 -12.80 -9.77
N VAL A 4 -4.90 -13.39 -10.30
CA VAL A 4 -3.76 -13.78 -9.48
C VAL A 4 -2.46 -13.64 -10.26
N GLN A 5 -1.42 -13.16 -9.58
CA GLN A 5 -0.12 -12.98 -10.22
C GLN A 5 -0.07 -11.65 -10.96
N ASP A 6 -0.31 -10.57 -10.23
CA ASP A 6 -0.28 -9.24 -10.83
C ASP A 6 -0.22 -8.16 -9.76
N CYS A 7 0.32 -8.51 -8.59
CA CYS A 7 0.44 -7.56 -7.48
C CYS A 7 1.29 -8.16 -6.36
N PRO A 8 2.62 -8.14 -6.52
CA PRO A 8 3.54 -8.67 -5.52
C PRO A 8 3.49 -7.90 -4.20
N GLU A 9 2.37 -8.01 -3.50
CA GLU A 9 2.18 -7.33 -2.23
C GLU A 9 2.37 -5.83 -2.38
N CYS A 10 2.27 -5.12 -1.25
CA CYS A 10 2.42 -3.67 -1.23
C CYS A 10 3.87 -3.26 -1.47
N THR A 11 4.07 -2.31 -2.37
CA THR A 11 5.39 -1.79 -2.69
C THR A 11 5.28 -0.45 -3.39
N LEU A 12 5.97 -0.29 -4.49
CA LEU A 12 5.94 0.97 -5.24
C LEU A 12 6.04 0.72 -6.73
N GLN A 13 5.10 1.28 -7.47
CA GLN A 13 5.10 1.13 -8.92
C GLN A 13 5.82 2.29 -9.56
N GLU A 14 6.96 2.58 -9.00
CA GLU A 14 7.82 3.67 -9.43
C GLU A 14 7.21 4.41 -10.61
N ASN A 15 6.93 5.66 -10.37
CA ASN A 15 6.35 6.54 -11.35
C ASN A 15 7.24 6.65 -12.60
N PRO A 16 6.86 5.97 -13.69
CA PRO A 16 7.62 5.99 -14.94
C PRO A 16 7.47 7.30 -15.69
N PHE A 17 6.96 8.30 -14.99
CA PHE A 17 6.75 9.62 -15.56
C PHE A 17 7.66 10.64 -14.90
N PHE A 18 7.64 10.64 -13.57
CA PHE A 18 8.44 11.55 -12.78
C PHE A 18 9.89 11.06 -12.67
N SER A 19 10.12 9.81 -13.08
CA SER A 19 11.45 9.22 -13.01
C SER A 19 12.50 10.12 -13.68
N GLN A 20 13.28 10.79 -12.85
CA GLN A 20 14.34 11.67 -13.33
C GLN A 20 15.70 11.25 -12.77
N PRO A 21 16.79 11.77 -13.35
CA PRO A 21 18.16 11.45 -12.90
C PRO A 21 18.34 11.67 -11.41
N GLY A 22 17.84 10.75 -10.60
CA GLY A 22 17.98 10.86 -9.16
C GLY A 22 16.65 10.92 -8.44
N ALA A 23 15.56 10.66 -9.16
CA ALA A 23 14.24 10.69 -8.56
C ALA A 23 13.21 9.94 -9.38
N PRO A 24 12.96 8.71 -8.97
CA PRO A 24 12.04 7.79 -9.59
C PRO A 24 10.78 7.61 -8.77
N ILE A 25 9.86 8.54 -8.93
CA ILE A 25 8.61 8.55 -8.23
C ILE A 25 7.96 7.19 -8.12
N LEU A 26 6.77 7.15 -7.54
CA LEU A 26 6.13 5.89 -7.27
C LEU A 26 4.62 5.94 -7.16
N GLN A 27 4.13 4.94 -6.46
CA GLN A 27 2.70 4.78 -6.21
C GLN A 27 2.38 3.33 -5.80
N CYS A 28 2.77 2.97 -4.58
CA CYS A 28 2.56 1.62 -4.04
C CYS A 28 1.44 0.89 -4.79
N MET A 29 1.80 -0.17 -5.50
CA MET A 29 0.81 -0.96 -6.22
C MET A 29 -0.34 -1.33 -5.28
N GLY A 30 0.02 -1.68 -4.04
CA GLY A 30 -0.99 -2.05 -3.05
C GLY A 30 -1.75 -3.30 -3.44
N CYS A 31 -1.65 -4.33 -2.58
CA CYS A 31 -2.33 -5.59 -2.83
C CYS A 31 -1.98 -6.61 -1.74
N CYS A 32 -2.52 -6.41 -0.55
CA CYS A 32 -2.26 -7.31 0.57
C CYS A 32 -3.06 -8.61 0.43
N PHE A 33 -2.59 -9.66 1.09
CA PHE A 33 -3.26 -10.95 1.04
C PHE A 33 -2.52 -11.99 1.87
N SER A 34 -3.27 -12.74 2.68
CA SER A 34 -2.67 -13.78 3.53
C SER A 34 -1.58 -13.18 4.42
N ARG A 35 -0.88 -14.06 5.14
CA ARG A 35 0.20 -13.64 6.02
C ARG A 35 1.48 -14.42 5.74
N ALA A 36 2.61 -13.87 6.19
CA ALA A 36 3.90 -14.52 5.98
C ALA A 36 4.78 -14.40 7.22
N TYR A 37 4.31 -15.01 8.30
CA TYR A 37 5.02 -14.98 9.57
C TYR A 37 4.69 -16.20 10.41
N PRO A 38 4.77 -17.39 9.82
CA PRO A 38 4.48 -18.65 10.49
C PRO A 38 4.91 -18.65 11.95
N THR A 39 4.00 -19.04 12.84
CA THR A 39 4.28 -19.09 14.26
C THR A 39 4.77 -17.74 14.77
N PRO A 40 4.57 -17.48 16.06
CA PRO A 40 4.97 -16.21 16.70
C PRO A 40 6.48 -15.99 16.63
N LEU A 41 6.90 -14.74 16.81
CA LEU A 41 8.31 -14.39 16.78
C LEU A 41 8.73 -13.71 18.08
N ARG A 42 9.52 -12.65 17.98
CA ARG A 42 9.99 -11.92 19.14
C ARG A 42 11.14 -10.99 18.79
N SER A 43 10.82 -9.85 18.21
CA SER A 43 11.83 -8.87 17.81
C SER A 43 11.25 -7.86 16.83
N LYS A 44 10.80 -6.72 17.36
CA LYS A 44 10.23 -5.68 16.52
C LYS A 44 9.13 -6.23 15.62
N LYS A 45 7.88 -5.99 16.00
CA LYS A 45 6.73 -6.47 15.23
C LYS A 45 6.63 -5.71 13.91
N THR A 46 5.48 -5.85 13.24
CA THR A 46 5.27 -5.17 11.97
C THR A 46 4.52 -3.87 12.16
N MET A 47 4.81 -2.88 11.30
CA MET A 47 4.17 -1.58 11.38
C MET A 47 2.71 -1.70 11.77
N LEU A 48 2.23 -0.76 12.58
CA LEU A 48 0.86 -0.77 13.04
C LEU A 48 0.15 0.54 12.73
N VAL A 49 -1.17 0.55 12.85
CA VAL A 49 -1.97 1.74 12.59
C VAL A 49 -1.42 2.95 13.35
N GLN A 50 -1.81 4.14 12.93
CA GLN A 50 -1.34 5.37 13.57
C GLN A 50 -2.38 5.95 14.51
N LYS A 51 -2.93 5.10 15.38
CA LYS A 51 -3.94 5.54 16.35
C LYS A 51 -5.28 5.81 15.69
N ASN A 52 -6.09 4.76 15.51
CA ASN A 52 -7.42 4.89 14.90
C ASN A 52 -7.82 3.62 14.18
N VAL A 53 -9.05 3.17 14.43
CA VAL A 53 -9.58 1.96 13.79
C VAL A 53 -11.00 2.19 13.28
N THR A 54 -11.12 2.66 12.05
CA THR A 54 -12.43 2.92 11.46
C THR A 54 -12.45 2.53 9.99
N SER A 55 -13.65 2.28 9.47
CA SER A 55 -13.80 1.90 8.06
C SER A 55 -13.39 0.46 7.83
N GLU A 56 -13.75 -0.08 6.68
CA GLU A 56 -13.41 -1.46 6.32
C GLU A 56 -12.63 -1.50 5.01
N SER A 57 -12.60 -2.68 4.39
CA SER A 57 -11.89 -2.86 3.13
C SER A 57 -10.43 -2.42 3.27
N THR A 58 -9.51 -3.37 3.11
CA THR A 58 -8.09 -3.07 3.24
C THR A 58 -7.50 -2.55 1.93
N CYS A 59 -6.62 -1.55 2.05
CA CYS A 59 -5.96 -0.96 0.90
C CYS A 59 -4.73 -0.18 1.36
N CYS A 60 -3.59 -0.46 0.72
CA CYS A 60 -2.35 0.21 1.08
C CYS A 60 -2.36 1.68 0.65
N VAL A 61 -2.14 2.56 1.61
CA VAL A 61 -2.11 4.00 1.36
C VAL A 61 -0.79 4.60 1.82
N ALA A 62 0.30 4.17 1.19
CA ALA A 62 1.64 4.64 1.51
C ALA A 62 1.79 5.00 2.99
N LYS A 63 2.48 4.13 3.72
CA LYS A 63 2.76 4.36 5.13
C LYS A 63 3.42 5.71 5.29
N SER A 64 4.35 5.98 4.39
CA SER A 64 5.07 7.23 4.37
C SER A 64 5.27 7.66 2.93
N TYR A 65 4.81 8.85 2.60
CA TYR A 65 4.90 9.33 1.24
C TYR A 65 5.82 10.51 1.10
N ASN A 66 6.27 10.71 -0.12
CA ASN A 66 7.11 11.87 -0.43
C ASN A 66 6.51 12.56 -1.63
N ARG A 67 5.21 12.42 -1.68
CA ARG A 67 4.36 12.98 -2.74
C ARG A 67 5.13 13.89 -3.67
N VAL A 68 4.91 13.68 -4.95
CA VAL A 68 5.56 14.46 -5.99
C VAL A 68 4.59 14.78 -7.11
N THR A 69 3.40 15.20 -6.74
CA THR A 69 2.36 15.54 -7.70
C THR A 69 2.94 15.58 -9.11
N VAL A 70 2.42 14.72 -9.98
CA VAL A 70 2.91 14.65 -11.35
C VAL A 70 1.82 14.93 -12.37
N MET A 71 2.17 14.67 -13.62
CA MET A 71 1.27 14.88 -14.73
C MET A 71 0.42 16.12 -14.52
N GLY A 72 -0.88 15.94 -14.60
CA GLY A 72 -1.80 17.03 -14.44
C GLY A 72 -2.17 17.26 -12.98
N GLY A 73 -1.21 17.06 -12.08
CA GLY A 73 -1.47 17.26 -10.67
C GLY A 73 -1.61 15.94 -9.94
N PHE A 74 -1.08 14.88 -10.53
CA PHE A 74 -1.13 13.55 -9.95
C PHE A 74 -0.62 13.56 -8.51
N LYS A 75 -0.58 12.38 -7.89
CA LYS A 75 -0.11 12.25 -6.52
C LYS A 75 0.42 10.85 -6.25
N VAL A 76 1.74 10.73 -6.16
CA VAL A 76 2.39 9.44 -5.90
C VAL A 76 2.87 9.37 -4.49
N GLU A 77 2.41 10.31 -3.71
CA GLU A 77 2.81 10.40 -2.32
C GLU A 77 4.15 9.70 -2.19
N ASN A 78 5.03 9.99 -3.17
CA ASN A 78 6.32 9.33 -3.25
C ASN A 78 6.32 8.22 -2.23
N HIS A 79 5.46 7.26 -2.45
CA HIS A 79 5.30 6.20 -1.50
C HIS A 79 6.60 5.72 -0.94
N THR A 80 6.98 6.35 0.15
CA THR A 80 8.20 6.03 0.84
C THR A 80 7.99 4.82 1.77
N ALA A 81 6.73 4.37 1.84
CA ALA A 81 6.35 3.23 2.65
C ALA A 81 4.87 2.94 2.42
N CYS A 82 4.50 1.67 2.36
CA CYS A 82 3.10 1.31 2.14
C CYS A 82 2.52 0.59 3.36
N HIS A 83 1.21 0.72 3.55
CA HIS A 83 0.54 0.08 4.69
C HIS A 83 -0.92 -0.20 4.36
N CYS A 84 -1.29 -1.48 4.39
CA CYS A 84 -2.66 -1.89 4.10
C CYS A 84 -3.67 -1.01 4.82
N SER A 85 -4.95 -1.33 4.66
CA SER A 85 -6.03 -0.57 5.28
C SER A 85 -5.92 0.91 4.91
N THR A 86 -7.02 1.64 5.11
CA THR A 86 -7.05 3.06 4.78
C THR A 86 -7.38 3.26 3.31
N CYS A 87 -8.64 3.58 3.03
CA CYS A 87 -9.08 3.80 1.66
C CYS A 87 -10.56 4.11 1.60
N TYR A 88 -11.02 4.95 2.53
CA TYR A 88 -12.42 5.34 2.58
C TYR A 88 -12.62 6.48 3.58
N TYR A 89 -13.86 6.64 4.03
CA TYR A 89 -14.21 7.69 4.98
C TYR A 89 -15.72 7.83 5.08
N HIS A 90 -16.42 6.71 4.96
CA HIS A 90 -17.88 6.71 5.05
C HIS A 90 -18.34 6.02 6.32
N LYS A 91 -19.65 6.02 6.53
CA LYS A 91 -20.22 5.39 7.72
C LYS A 91 -21.73 5.27 7.60
N SER A 92 -22.47 5.69 8.62
CA SER A 92 -23.92 5.63 8.60
C SER A 92 -24.47 6.18 7.29
N ALA A 1 0.51 -12.56 -21.13
CA ALA A 1 0.30 -13.97 -21.53
C ALA A 1 0.43 -14.90 -20.33
N PRO A 2 1.47 -14.71 -19.51
CA PRO A 2 1.71 -15.54 -18.33
C PRO A 2 0.91 -15.07 -17.12
N ASP A 3 1.18 -13.85 -16.66
CA ASP A 3 0.48 -13.30 -15.50
C ASP A 3 -0.28 -12.03 -15.88
N VAL A 4 -0.84 -11.38 -14.87
CA VAL A 4 -1.61 -10.15 -15.08
C VAL A 4 -2.43 -9.81 -13.84
N GLN A 5 -1.91 -8.89 -13.02
CA GLN A 5 -2.58 -8.47 -11.80
C GLN A 5 -1.99 -9.19 -10.58
N ASP A 6 -0.80 -8.76 -10.18
CA ASP A 6 -0.13 -9.37 -9.03
C ASP A 6 0.76 -8.35 -8.33
N CYS A 7 1.06 -8.61 -7.06
CA CYS A 7 1.90 -7.71 -6.28
C CYS A 7 2.03 -8.19 -4.84
N PRO A 8 3.24 -8.12 -4.27
CA PRO A 8 3.51 -8.54 -2.90
C PRO A 8 3.01 -7.52 -1.88
N GLU A 9 1.71 -7.49 -1.66
CA GLU A 9 1.11 -6.55 -0.72
C GLU A 9 1.38 -5.11 -1.15
N CYS A 10 0.47 -4.20 -0.80
CA CYS A 10 0.63 -2.79 -1.15
C CYS A 10 2.10 -2.42 -1.20
N THR A 11 2.55 -1.90 -2.34
CA THR A 11 3.95 -1.52 -2.48
C THR A 11 4.13 -0.43 -3.50
N LEU A 12 5.31 0.18 -3.45
CA LEU A 12 5.66 1.23 -4.39
C LEU A 12 5.81 0.65 -5.78
N GLN A 13 5.03 1.14 -6.71
CA GLN A 13 5.12 0.65 -8.06
C GLN A 13 5.68 1.71 -8.97
N GLU A 14 6.84 2.15 -8.58
CA GLU A 14 7.59 3.18 -9.30
C GLU A 14 6.81 3.70 -10.47
N ASN A 15 6.58 4.98 -10.44
CA ASN A 15 5.83 5.65 -11.48
C ASN A 15 6.35 5.28 -12.86
N PRO A 16 5.66 4.34 -13.53
CA PRO A 16 6.03 3.94 -14.89
C PRO A 16 5.82 5.10 -15.85
N PHE A 17 5.44 6.24 -15.25
CA PHE A 17 5.18 7.46 -15.97
C PHE A 17 6.34 8.43 -15.81
N PHE A 18 6.66 8.75 -14.56
CA PHE A 18 7.73 9.66 -14.24
C PHE A 18 9.06 8.93 -14.14
N SER A 19 9.01 7.62 -14.30
CA SER A 19 10.22 6.79 -14.22
C SER A 19 11.22 7.21 -15.30
N GLN A 20 12.04 8.21 -14.96
CA GLN A 20 13.05 8.71 -15.89
C GLN A 20 14.44 8.30 -15.44
N PRO A 21 15.39 8.22 -16.39
CA PRO A 21 16.78 7.84 -16.09
C PRO A 21 17.39 8.79 -15.07
N GLY A 22 16.86 8.74 -13.85
CA GLY A 22 17.34 9.61 -12.79
C GLY A 22 16.23 9.93 -11.80
N ALA A 23 15.00 9.68 -12.21
CA ALA A 23 13.85 9.95 -11.36
C ALA A 23 12.74 8.94 -11.62
N PRO A 24 12.67 7.95 -10.75
CA PRO A 24 11.73 6.87 -10.82
C PRO A 24 10.59 6.98 -9.83
N ILE A 25 9.76 7.99 -10.01
CA ILE A 25 8.63 8.21 -9.16
C ILE A 25 7.93 6.92 -8.75
N LEU A 26 6.87 7.05 -7.96
CA LEU A 26 6.16 5.89 -7.44
C LEU A 26 4.70 6.12 -7.24
N GLN A 27 4.16 5.22 -6.45
CA GLN A 27 2.75 5.24 -6.11
C GLN A 27 2.33 3.94 -5.45
N CYS A 28 2.91 3.66 -4.28
CA CYS A 28 2.58 2.44 -3.54
C CYS A 28 1.14 2.02 -3.83
N MET A 29 1.00 1.04 -4.73
CA MET A 29 -0.33 0.56 -5.10
C MET A 29 -1.09 0.06 -3.89
N GLY A 30 -1.44 -1.23 -3.88
CA GLY A 30 -2.17 -1.80 -2.77
C GLY A 30 -2.63 -3.21 -3.02
N CYS A 31 -2.19 -4.12 -2.15
CA CYS A 31 -2.55 -5.53 -2.26
C CYS A 31 -2.52 -6.19 -0.89
N CYS A 32 -3.17 -5.55 0.07
CA CYS A 32 -3.24 -6.08 1.43
C CYS A 32 -4.15 -7.30 1.50
N PHE A 33 -3.55 -8.46 1.76
CA PHE A 33 -4.29 -9.70 1.85
C PHE A 33 -4.50 -10.12 3.30
N SER A 34 -4.38 -11.41 3.59
CA SER A 34 -4.56 -11.92 4.95
C SER A 34 -3.41 -11.50 5.86
N ARG A 35 -3.45 -11.98 7.10
CA ARG A 35 -2.42 -11.66 8.07
C ARG A 35 -1.87 -12.93 8.71
N ALA A 36 -1.19 -12.77 9.84
CA ALA A 36 -0.60 -13.91 10.54
C ALA A 36 0.49 -14.56 9.70
N TYR A 37 1.74 -14.37 10.12
CA TYR A 37 2.88 -14.93 9.41
C TYR A 37 3.13 -16.37 9.82
N PRO A 38 3.07 -17.30 8.87
CA PRO A 38 3.30 -18.73 9.13
C PRO A 38 4.65 -18.97 9.79
N THR A 39 4.61 -19.39 11.05
CA THR A 39 5.83 -19.65 11.80
C THR A 39 5.93 -21.12 12.18
N PRO A 40 7.14 -21.69 12.17
CA PRO A 40 7.37 -23.08 12.51
C PRO A 40 6.43 -23.57 13.60
N LEU A 41 5.96 -24.81 13.45
CA LEU A 41 5.03 -25.40 14.41
C LEU A 41 3.59 -24.96 14.13
N ARG A 42 3.38 -23.65 14.08
CA ARG A 42 2.07 -23.09 13.81
C ARG A 42 1.03 -23.67 14.77
N SER A 43 0.33 -22.78 15.47
CA SER A 43 -0.70 -23.21 16.42
C SER A 43 -1.97 -22.38 16.26
N LYS A 44 -3.12 -23.05 16.20
CA LYS A 44 -4.40 -22.37 16.05
C LYS A 44 -4.95 -21.94 17.40
N LYS A 45 -4.44 -20.82 17.91
CA LYS A 45 -4.88 -20.30 19.20
C LYS A 45 -6.14 -19.44 19.05
N THR A 46 -7.25 -20.10 18.74
CA THR A 46 -8.52 -19.40 18.55
C THR A 46 -9.28 -19.29 19.87
N MET A 47 -10.59 -19.03 19.78
CA MET A 47 -11.45 -18.91 20.95
C MET A 47 -12.51 -17.85 20.69
N LEU A 48 -12.11 -16.80 19.98
CA LEU A 48 -12.99 -15.69 19.63
C LEU A 48 -12.22 -14.38 19.68
N VAL A 49 -12.94 -13.26 19.65
CA VAL A 49 -12.30 -11.95 19.69
C VAL A 49 -11.50 -11.70 18.41
N GLN A 50 -11.52 -10.46 17.94
CA GLN A 50 -10.80 -10.10 16.73
C GLN A 50 -10.88 -8.59 16.46
N LYS A 51 -10.27 -7.80 17.34
CA LYS A 51 -10.27 -6.36 17.19
C LYS A 51 -8.87 -5.84 16.92
N ASN A 52 -8.10 -6.59 16.15
CA ASN A 52 -6.73 -6.21 15.81
C ASN A 52 -6.72 -5.27 14.61
N VAL A 53 -7.88 -4.70 14.28
CA VAL A 53 -7.99 -3.78 13.16
C VAL A 53 -9.36 -3.10 13.14
N THR A 54 -9.36 -1.79 12.94
CA THR A 54 -10.60 -1.03 12.91
C THR A 54 -11.74 -1.84 12.29
N SER A 55 -11.59 -2.17 11.01
CA SER A 55 -12.61 -2.96 10.31
C SER A 55 -12.01 -3.66 9.09
N GLU A 56 -12.82 -4.47 8.43
CA GLU A 56 -12.37 -5.20 7.24
C GLU A 56 -12.30 -4.27 6.03
N SER A 57 -11.25 -3.45 5.99
CA SER A 57 -11.05 -2.52 4.89
C SER A 57 -9.77 -1.72 5.08
N THR A 58 -8.64 -2.42 5.06
CA THR A 58 -7.34 -1.78 5.24
C THR A 58 -6.79 -1.30 3.89
N CYS A 59 -6.12 -0.16 3.91
CA CYS A 59 -5.54 0.41 2.70
C CYS A 59 -4.24 1.15 3.00
N CYS A 60 -3.23 0.91 2.17
CA CYS A 60 -1.93 1.55 2.35
C CYS A 60 -1.87 2.89 1.62
N VAL A 61 -1.53 3.94 2.37
CA VAL A 61 -1.41 5.28 1.81
C VAL A 61 -0.05 5.87 2.14
N ALA A 62 0.99 5.33 1.50
CA ALA A 62 2.36 5.77 1.73
C ALA A 62 2.55 6.41 3.09
N LYS A 63 3.21 5.69 3.99
CA LYS A 63 3.51 6.20 5.31
C LYS A 63 4.24 7.52 5.18
N SER A 64 5.17 7.52 4.24
CA SER A 64 5.97 8.70 3.95
C SER A 64 6.09 8.86 2.45
N TYR A 65 5.94 10.07 1.97
CA TYR A 65 5.99 10.33 0.54
C TYR A 65 6.99 11.40 0.19
N ASN A 66 7.38 11.41 -1.08
CA ASN A 66 8.29 12.44 -1.56
C ASN A 66 7.65 13.11 -2.75
N ARG A 67 6.34 13.05 -2.72
CA ARG A 67 5.48 13.60 -3.75
C ARG A 67 6.27 14.45 -4.73
N VAL A 68 6.18 14.07 -5.99
CA VAL A 68 6.87 14.78 -7.05
C VAL A 68 5.88 15.33 -8.06
N THR A 69 4.77 15.84 -7.53
CA THR A 69 3.72 16.40 -8.38
C THR A 69 4.26 16.68 -9.76
N VAL A 70 3.69 16.02 -10.75
CA VAL A 70 4.14 16.19 -12.12
C VAL A 70 2.98 16.41 -13.08
N MET A 71 3.29 16.31 -14.35
CA MET A 71 2.31 16.49 -15.41
C MET A 71 1.42 17.67 -15.11
N GLY A 72 0.12 17.45 -15.24
CA GLY A 72 -0.84 18.48 -14.97
C GLY A 72 -1.17 18.58 -13.49
N GLY A 73 -0.16 18.37 -12.65
CA GLY A 73 -0.38 18.43 -11.22
C GLY A 73 -0.66 17.06 -10.63
N PHE A 74 0.15 16.07 -11.01
CA PHE A 74 -0.01 14.72 -10.50
C PHE A 74 0.56 14.61 -9.09
N LYS A 75 0.45 13.43 -8.50
CA LYS A 75 0.95 13.23 -7.14
C LYS A 75 1.28 11.77 -6.87
N VAL A 76 2.57 11.46 -6.76
CA VAL A 76 3.02 10.10 -6.48
C VAL A 76 3.52 10.02 -5.07
N GLU A 77 3.24 11.07 -4.35
CA GLU A 77 3.70 11.17 -2.98
C GLU A 77 4.97 10.36 -2.89
N ASN A 78 5.78 10.48 -3.94
CA ASN A 78 7.00 9.72 -4.07
C ASN A 78 7.04 8.75 -2.93
N HIS A 79 6.07 7.88 -2.92
CA HIS A 79 5.92 6.95 -1.82
C HIS A 79 7.26 6.48 -1.31
N THR A 80 7.63 7.04 -0.18
CA THR A 80 8.90 6.72 0.46
C THR A 80 8.70 5.76 1.64
N ALA A 81 7.44 5.48 1.95
CA ALA A 81 7.09 4.56 3.03
C ALA A 81 5.62 4.22 2.92
N CYS A 82 5.27 2.95 3.06
CA CYS A 82 3.88 2.53 2.95
C CYS A 82 3.37 1.96 4.28
N HIS A 83 2.05 2.03 4.48
CA HIS A 83 1.44 1.51 5.70
C HIS A 83 -0.05 1.24 5.48
N CYS A 84 -0.42 -0.03 5.61
CA CYS A 84 -1.82 -0.44 5.44
C CYS A 84 -2.66 -0.02 6.63
N SER A 85 -3.86 0.47 6.34
CA SER A 85 -4.78 0.92 7.40
C SER A 85 -5.90 1.78 6.82
N THR A 86 -6.62 2.47 7.70
CA THR A 86 -7.72 3.34 7.28
C THR A 86 -7.27 4.27 6.15
N CYS A 87 -8.19 5.13 5.71
CA CYS A 87 -7.91 6.06 4.63
C CYS A 87 -8.82 7.29 4.74
N TYR A 88 -8.32 8.32 5.42
CA TYR A 88 -9.09 9.55 5.60
C TYR A 88 -8.42 10.72 4.88
N TYR A 89 -9.21 11.49 4.13
CA TYR A 89 -8.69 12.63 3.38
C TYR A 89 -9.78 13.68 3.17
N HIS A 90 -10.68 13.41 2.23
CA HIS A 90 -11.77 14.33 1.94
C HIS A 90 -12.65 13.82 0.79
N LYS A 91 -13.86 14.32 0.73
CA LYS A 91 -14.82 13.91 -0.31
C LYS A 91 -14.78 14.87 -1.49
N SER A 92 -14.61 14.32 -2.69
CA SER A 92 -14.55 15.13 -3.91
C SER A 92 -13.36 16.07 -3.89
N ALA A 1 -13.62 -11.07 -20.72
CA ALA A 1 -14.48 -11.69 -19.69
C ALA A 1 -13.86 -11.58 -18.30
N PRO A 2 -12.74 -12.28 -18.08
CA PRO A 2 -12.03 -12.27 -16.81
C PRO A 2 -12.08 -10.91 -16.13
N ASP A 3 -12.36 -10.91 -14.83
CA ASP A 3 -12.45 -9.67 -14.06
C ASP A 3 -11.24 -9.52 -13.14
N VAL A 4 -10.98 -10.55 -12.33
CA VAL A 4 -9.85 -10.51 -11.40
C VAL A 4 -8.53 -10.74 -12.14
N GLN A 5 -7.45 -10.19 -11.60
CA GLN A 5 -6.14 -10.32 -12.22
C GLN A 5 -5.07 -10.59 -11.16
N ASP A 6 -3.83 -10.22 -11.49
CA ASP A 6 -2.72 -10.42 -10.57
C ASP A 6 -3.00 -9.76 -9.24
N CYS A 7 -1.98 -9.69 -8.38
CA CYS A 7 -2.12 -9.07 -7.07
C CYS A 7 -0.79 -9.11 -6.31
N PRO A 8 0.15 -8.23 -6.68
CA PRO A 8 1.46 -8.16 -6.04
C PRO A 8 1.39 -7.52 -4.65
N GLU A 9 2.40 -7.80 -3.83
CA GLU A 9 2.46 -7.25 -2.48
C GLU A 9 2.22 -5.75 -2.50
N CYS A 10 1.23 -5.31 -1.73
CA CYS A 10 0.89 -3.89 -1.65
C CYS A 10 2.08 -3.08 -1.18
N THR A 11 2.44 -2.05 -1.95
CA THR A 11 3.55 -1.18 -1.61
C THR A 11 3.76 -0.17 -2.72
N LEU A 12 4.81 0.63 -2.57
CA LEU A 12 5.13 1.64 -3.56
C LEU A 12 5.82 1.05 -4.76
N GLN A 13 5.40 1.49 -5.94
CA GLN A 13 5.98 1.02 -7.17
C GLN A 13 6.69 2.14 -7.91
N GLU A 14 7.68 2.68 -7.24
CA GLU A 14 8.48 3.78 -7.75
C GLU A 14 8.00 4.24 -9.12
N ASN A 15 7.65 5.50 -9.15
CA ASN A 15 7.15 6.15 -10.35
C ASN A 15 8.06 5.93 -11.54
N PRO A 16 7.60 5.18 -12.56
CA PRO A 16 8.37 4.92 -13.77
C PRO A 16 8.32 6.10 -14.73
N PHE A 17 7.93 7.26 -14.20
CA PHE A 17 7.83 8.48 -14.99
C PHE A 17 8.66 9.59 -14.37
N PHE A 18 8.38 9.85 -13.09
CA PHE A 18 9.09 10.89 -12.36
C PHE A 18 10.50 10.45 -12.02
N SER A 19 10.76 9.15 -12.14
CA SER A 19 12.07 8.60 -11.84
C SER A 19 13.16 9.41 -12.55
N GLN A 20 13.64 10.45 -11.90
CA GLN A 20 14.67 11.31 -12.47
C GLN A 20 15.97 11.21 -11.69
N PRO A 21 17.10 11.59 -12.31
CA PRO A 21 18.42 11.54 -11.66
C PRO A 21 18.44 12.31 -10.35
N GLY A 22 17.71 11.80 -9.35
CA GLY A 22 17.66 12.46 -8.06
C GLY A 22 16.30 12.36 -7.40
N ALA A 23 15.33 11.80 -8.12
CA ALA A 23 13.99 11.66 -7.58
C ALA A 23 13.25 10.50 -8.22
N PRO A 24 13.13 9.42 -7.45
CA PRO A 24 12.48 8.20 -7.84
C PRO A 24 11.10 8.04 -7.24
N ILE A 25 10.19 8.89 -7.69
CA ILE A 25 8.83 8.92 -7.23
C ILE A 25 8.25 7.54 -7.02
N LEU A 26 6.95 7.49 -6.71
CA LEU A 26 6.29 6.25 -6.37
C LEU A 26 4.82 6.22 -6.65
N GLN A 27 4.19 5.30 -5.97
CA GLN A 27 2.76 5.07 -6.06
C GLN A 27 2.41 3.67 -5.55
N CYS A 28 1.91 3.62 -4.34
CA CYS A 28 1.54 2.36 -3.69
C CYS A 28 0.72 1.48 -4.64
N MET A 29 1.37 0.47 -5.19
CA MET A 29 0.70 -0.45 -6.12
C MET A 29 0.74 -1.88 -5.58
N GLY A 30 -0.36 -2.61 -5.76
CA GLY A 30 -0.42 -3.97 -5.30
C GLY A 30 -1.71 -4.29 -4.57
N CYS A 31 -1.59 -4.99 -3.44
CA CYS A 31 -2.75 -5.37 -2.63
C CYS A 31 -2.33 -5.68 -1.20
N CYS A 32 -3.11 -5.19 -0.25
CA CYS A 32 -2.83 -5.41 1.16
C CYS A 32 -3.15 -6.84 1.57
N PHE A 33 -2.31 -7.78 1.15
CA PHE A 33 -2.51 -9.18 1.47
C PHE A 33 -1.30 -9.73 2.24
N SER A 34 -1.30 -11.04 2.48
CA SER A 34 -0.20 -11.68 3.19
C SER A 34 -0.38 -13.19 3.21
N ARG A 35 0.74 -13.91 3.22
CA ARG A 35 0.70 -15.37 3.24
C ARG A 35 -0.39 -15.87 4.18
N ALA A 36 -1.19 -16.81 3.69
CA ALA A 36 -2.28 -17.36 4.49
C ALA A 36 -1.74 -18.32 5.55
N TYR A 37 -1.96 -17.97 6.82
CA TYR A 37 -1.49 -18.80 7.93
C TYR A 37 -1.46 -17.99 9.23
N PRO A 38 -2.16 -18.46 10.26
CA PRO A 38 -2.21 -17.79 11.56
C PRO A 38 -0.82 -17.51 12.12
N THR A 39 -0.76 -16.74 13.20
CA THR A 39 0.51 -16.40 13.84
C THR A 39 1.61 -16.28 12.78
N PRO A 40 1.48 -15.29 11.90
CA PRO A 40 2.46 -15.05 10.81
C PRO A 40 3.77 -14.49 11.33
N LEU A 41 4.74 -14.37 10.43
CA LEU A 41 6.05 -13.85 10.78
C LEU A 41 5.94 -12.40 11.27
N ARG A 42 6.39 -12.17 12.49
CA ARG A 42 6.34 -10.83 13.09
C ARG A 42 7.47 -10.64 14.10
N SER A 43 8.69 -10.51 13.59
CA SER A 43 9.86 -10.32 14.44
C SER A 43 11.06 -9.86 13.62
N LYS A 44 11.89 -10.81 13.21
CA LYS A 44 13.07 -10.50 12.40
C LYS A 44 12.65 -9.72 11.16
N LYS A 45 12.92 -8.42 11.17
CA LYS A 45 12.57 -7.56 10.04
C LYS A 45 12.98 -6.12 10.29
N THR A 46 12.98 -5.72 11.56
CA THR A 46 13.36 -4.36 11.93
C THR A 46 13.16 -4.14 13.43
N MET A 47 12.12 -4.75 13.98
CA MET A 47 11.82 -4.64 15.40
C MET A 47 10.83 -5.71 15.85
N LEU A 48 10.67 -5.85 17.15
CA LEU A 48 9.74 -6.85 17.69
C LEU A 48 8.32 -6.30 17.77
N VAL A 49 7.64 -6.30 16.63
CA VAL A 49 6.26 -5.81 16.56
C VAL A 49 6.17 -4.36 17.06
N GLN A 50 5.20 -3.63 16.53
CA GLN A 50 5.01 -2.23 16.92
C GLN A 50 3.55 -1.98 17.29
N LYS A 51 3.32 -0.95 18.11
CA LYS A 51 1.97 -0.59 18.53
C LYS A 51 0.95 -0.91 17.43
N ASN A 52 0.05 -1.85 17.71
CA ASN A 52 -0.97 -2.24 16.74
C ASN A 52 -2.12 -1.23 16.73
N VAL A 53 -3.21 -1.61 16.09
CA VAL A 53 -4.39 -0.76 15.99
C VAL A 53 -5.67 -1.58 16.03
N THR A 54 -6.43 -1.43 17.11
CA THR A 54 -7.68 -2.17 17.28
C THR A 54 -8.28 -2.57 15.95
N SER A 55 -8.57 -1.58 15.10
CA SER A 55 -9.15 -1.84 13.79
C SER A 55 -9.91 -0.62 13.29
N GLU A 56 -9.50 -0.11 12.12
CA GLU A 56 -10.14 1.05 11.53
C GLU A 56 -10.03 1.02 10.01
N SER A 57 -10.94 0.30 9.37
CA SER A 57 -10.94 0.18 7.92
C SER A 57 -9.65 -0.50 7.43
N THR A 58 -9.26 -0.17 6.20
CA THR A 58 -8.05 -0.75 5.62
C THR A 58 -7.81 -0.24 4.21
N CYS A 59 -6.77 -0.74 3.56
CA CYS A 59 -6.41 -0.35 2.20
C CYS A 59 -5.16 0.51 2.19
N CYS A 60 -4.24 0.19 1.31
CA CYS A 60 -2.99 0.93 1.20
C CYS A 60 -3.25 2.41 0.97
N VAL A 61 -2.75 3.25 1.87
CA VAL A 61 -2.93 4.69 1.77
C VAL A 61 -1.70 5.42 2.32
N ALA A 62 -0.63 5.43 1.52
CA ALA A 62 0.62 6.08 1.91
C ALA A 62 0.50 6.82 3.22
N LYS A 63 1.02 6.18 4.24
CA LYS A 63 1.05 6.74 5.57
C LYS A 63 1.61 8.12 5.50
N SER A 64 2.68 8.21 4.75
CA SER A 64 3.35 9.47 4.57
C SER A 64 3.77 9.64 3.13
N TYR A 65 3.15 10.59 2.47
CA TYR A 65 3.43 10.86 1.07
C TYR A 65 4.36 12.03 0.90
N ASN A 66 4.92 12.14 -0.29
CA ASN A 66 5.78 13.26 -0.62
C ASN A 66 5.38 13.76 -1.99
N ARG A 67 4.10 13.56 -2.22
CA ARG A 67 3.44 13.93 -3.46
C ARG A 67 4.34 14.74 -4.39
N VAL A 68 4.39 14.30 -5.64
CA VAL A 68 5.20 14.93 -6.67
C VAL A 68 4.46 14.96 -8.00
N THR A 69 3.21 15.37 -7.95
CA THR A 69 2.38 15.42 -9.15
C THR A 69 3.19 15.12 -10.39
N VAL A 70 2.81 14.05 -11.09
CA VAL A 70 3.52 13.64 -12.29
C VAL A 70 2.65 13.65 -13.52
N MET A 71 3.20 13.08 -14.58
CA MET A 71 2.51 12.98 -15.86
C MET A 71 1.65 14.20 -16.12
N GLY A 72 0.39 13.93 -16.43
CA GLY A 72 -0.54 15.00 -16.72
C GLY A 72 -1.15 15.59 -15.45
N GLY A 73 -0.34 15.66 -14.39
CA GLY A 73 -0.82 16.20 -13.14
C GLY A 73 -1.11 15.11 -12.12
N PHE A 74 -0.53 13.94 -12.36
CA PHE A 74 -0.72 12.80 -11.48
C PHE A 74 -0.41 13.16 -10.04
N LYS A 75 -0.47 12.17 -9.16
CA LYS A 75 -0.19 12.39 -7.74
C LYS A 75 0.32 11.10 -7.08
N VAL A 76 1.63 10.96 -7.00
CA VAL A 76 2.24 9.78 -6.39
C VAL A 76 2.38 9.97 -4.92
N GLU A 77 1.76 11.01 -4.43
CA GLU A 77 1.85 11.34 -3.02
C GLU A 77 3.18 10.77 -2.56
N ASN A 78 4.18 10.96 -3.43
CA ASN A 78 5.50 10.40 -3.25
C ASN A 78 5.54 9.62 -1.97
N HIS A 79 4.84 8.51 -2.02
CA HIS A 79 4.68 7.65 -0.87
C HIS A 79 5.96 7.42 -0.11
N THR A 80 5.97 7.96 1.07
CA THR A 80 7.09 7.82 1.97
C THR A 80 6.86 6.59 2.84
N ALA A 81 5.59 6.35 3.16
CA ALA A 81 5.19 5.20 3.95
C ALA A 81 3.80 4.76 3.53
N CYS A 82 3.48 3.48 3.62
CA CYS A 82 2.16 2.99 3.23
C CYS A 82 1.52 2.14 4.32
N HIS A 83 0.27 2.45 4.66
CA HIS A 83 -0.47 1.73 5.69
C HIS A 83 -1.86 1.33 5.22
N CYS A 84 -2.21 0.07 5.42
CA CYS A 84 -3.53 -0.42 5.04
C CYS A 84 -4.61 0.26 5.87
N SER A 85 -5.29 1.23 5.27
CA SER A 85 -6.33 1.97 5.95
C SER A 85 -7.31 2.58 4.96
N THR A 86 -8.37 3.19 5.46
CA THR A 86 -9.38 3.80 4.61
C THR A 86 -8.75 4.40 3.35
N CYS A 87 -9.31 4.05 2.20
CA CYS A 87 -8.81 4.55 0.92
C CYS A 87 -9.94 4.74 -0.08
N TYR A 88 -9.69 5.52 -1.11
CA TYR A 88 -10.69 5.78 -2.15
C TYR A 88 -10.41 4.97 -3.40
N TYR A 89 -11.46 4.51 -4.06
CA TYR A 89 -11.31 3.72 -5.27
C TYR A 89 -10.79 4.57 -6.43
N HIS A 90 -9.63 5.19 -6.22
CA HIS A 90 -9.04 6.04 -7.23
C HIS A 90 -7.79 5.38 -7.83
N LYS A 91 -6.87 4.97 -6.95
CA LYS A 91 -5.63 4.33 -7.35
C LYS A 91 -5.55 4.13 -8.87
N SER A 92 -5.33 5.23 -9.58
CA SER A 92 -5.24 5.20 -11.03
C SER A 92 -4.74 6.54 -11.57
N ALA A 1 9.34 -4.63 -22.09
CA ALA A 1 9.52 -4.17 -20.68
C ALA A 1 9.07 -5.25 -19.70
N PRO A 2 9.74 -5.34 -18.54
CA PRO A 2 9.41 -6.32 -17.51
C PRO A 2 8.17 -5.92 -16.69
N ASP A 3 7.02 -6.46 -17.06
CA ASP A 3 5.78 -6.17 -16.37
C ASP A 3 5.16 -7.43 -15.80
N VAL A 4 4.22 -7.26 -14.88
CA VAL A 4 3.55 -8.39 -14.24
C VAL A 4 2.03 -8.24 -14.34
N GLN A 5 1.50 -8.39 -15.54
CA GLN A 5 0.06 -8.28 -15.76
C GLN A 5 -0.68 -9.39 -15.02
N ASP A 6 -0.59 -9.37 -13.71
CA ASP A 6 -1.25 -10.38 -12.88
C ASP A 6 -1.04 -10.10 -11.40
N CYS A 7 -2.06 -9.54 -10.76
CA CYS A 7 -1.99 -9.22 -9.34
C CYS A 7 -0.58 -8.79 -8.94
N PRO A 8 -0.08 -7.70 -9.54
CA PRO A 8 1.26 -7.19 -9.25
C PRO A 8 1.44 -6.92 -7.76
N GLU A 9 2.21 -7.77 -7.11
CA GLU A 9 2.46 -7.64 -5.67
C GLU A 9 2.36 -6.19 -5.22
N CYS A 10 1.38 -5.91 -4.35
CA CYS A 10 1.18 -4.55 -3.85
C CYS A 10 2.49 -3.95 -3.37
N THR A 11 2.90 -2.86 -4.00
CA THR A 11 4.15 -2.19 -3.63
C THR A 11 4.44 -1.02 -4.55
N LEU A 12 5.34 -0.14 -4.11
CA LEU A 12 5.72 1.02 -4.90
C LEU A 12 6.20 0.57 -6.26
N GLN A 13 5.67 1.20 -7.31
CA GLN A 13 6.07 0.83 -8.64
C GLN A 13 6.51 2.03 -9.44
N GLU A 14 7.56 2.60 -8.93
CA GLU A 14 8.21 3.78 -9.49
C GLU A 14 7.44 4.35 -10.67
N ASN A 15 7.15 5.63 -10.57
CA ASN A 15 6.42 6.34 -11.59
C ASN A 15 7.10 6.24 -12.94
N PRO A 16 6.62 5.34 -13.82
CA PRO A 16 7.17 5.21 -15.16
C PRO A 16 6.74 6.40 -16.00
N PHE A 17 6.07 7.33 -15.32
CA PHE A 17 5.57 8.54 -15.91
C PHE A 17 6.43 9.73 -15.47
N PHE A 18 6.50 9.93 -14.16
CA PHE A 18 7.27 11.02 -13.59
C PHE A 18 8.75 10.65 -13.51
N SER A 19 9.07 9.46 -13.98
CA SER A 19 10.44 8.97 -13.97
C SER A 19 11.33 9.82 -14.88
N GLN A 20 12.12 10.69 -14.28
CA GLN A 20 13.02 11.56 -15.03
C GLN A 20 14.47 11.17 -14.78
N PRO A 21 15.40 11.60 -15.65
CA PRO A 21 16.83 11.29 -15.50
C PRO A 21 17.40 11.83 -14.20
N GLY A 22 16.93 11.27 -13.08
CA GLY A 22 17.38 11.70 -11.78
C GLY A 22 16.31 11.61 -10.73
N ALA A 23 15.08 11.37 -11.17
CA ALA A 23 13.96 11.26 -10.25
C ALA A 23 12.93 10.27 -10.74
N PRO A 24 12.90 9.10 -10.08
CA PRO A 24 12.03 8.00 -10.40
C PRO A 24 10.86 7.87 -9.43
N ILE A 25 9.90 8.75 -9.59
CA ILE A 25 8.71 8.79 -8.77
C ILE A 25 8.10 7.42 -8.54
N LEU A 26 6.94 7.39 -7.87
CA LEU A 26 6.31 6.14 -7.51
C LEU A 26 4.80 6.19 -7.52
N GLN A 27 4.25 5.14 -6.92
CA GLN A 27 2.81 4.98 -6.78
C GLN A 27 2.44 3.55 -6.41
N CYS A 28 2.65 3.19 -5.15
CA CYS A 28 2.32 1.87 -4.65
C CYS A 28 1.24 1.22 -5.49
N MET A 29 1.64 0.32 -6.37
CA MET A 29 0.69 -0.35 -7.26
C MET A 29 0.72 -1.86 -7.04
N GLY A 30 -0.43 -2.50 -7.19
CA GLY A 30 -0.52 -3.93 -7.00
C GLY A 30 -1.83 -4.38 -6.39
N CYS A 31 -1.84 -5.59 -5.87
CA CYS A 31 -3.05 -6.15 -5.25
C CYS A 31 -2.74 -6.67 -3.85
N CYS A 32 -3.48 -6.19 -2.86
CA CYS A 32 -3.28 -6.61 -1.48
C CYS A 32 -3.95 -7.97 -1.23
N PHE A 33 -3.16 -8.93 -0.77
CA PHE A 33 -3.66 -10.27 -0.49
C PHE A 33 -4.55 -10.27 0.75
N SER A 34 -4.69 -11.43 1.37
CA SER A 34 -5.50 -11.56 2.58
C SER A 34 -4.61 -11.68 3.81
N ARG A 35 -3.79 -10.66 4.04
CA ARG A 35 -2.87 -10.64 5.18
C ARG A 35 -3.38 -11.54 6.31
N ALA A 36 -2.49 -12.36 6.87
CA ALA A 36 -2.84 -13.26 7.95
C ALA A 36 -2.08 -12.91 9.22
N TYR A 37 -2.80 -12.49 10.25
CA TYR A 37 -2.17 -12.13 11.53
C TYR A 37 -1.20 -10.97 11.34
N PRO A 38 -1.71 -9.73 11.38
CA PRO A 38 -0.87 -8.54 11.22
C PRO A 38 0.44 -8.64 11.99
N THR A 39 1.53 -8.20 11.36
CA THR A 39 2.85 -8.24 11.98
C THR A 39 2.83 -7.57 13.36
N PRO A 40 3.72 -8.01 14.26
CA PRO A 40 3.82 -7.47 15.61
C PRO A 40 4.51 -6.10 15.64
N LEU A 41 4.34 -5.39 16.75
CA LEU A 41 4.95 -4.07 16.91
C LEU A 41 4.99 -3.66 18.38
N ARG A 42 4.07 -4.20 19.18
CA ARG A 42 4.01 -3.88 20.60
C ARG A 42 5.40 -3.92 21.23
N SER A 43 5.47 -3.63 22.52
CA SER A 43 6.75 -3.63 23.23
C SER A 43 6.76 -4.66 24.36
N LYS A 44 6.52 -4.20 25.59
CA LYS A 44 6.51 -5.10 26.74
C LYS A 44 5.29 -4.85 27.61
N LYS A 45 4.15 -4.64 26.98
CA LYS A 45 2.91 -4.41 27.70
C LYS A 45 2.96 -3.08 28.46
N THR A 46 1.85 -2.70 29.07
CA THR A 46 1.77 -1.46 29.83
C THR A 46 0.36 -1.25 30.39
N MET A 47 0.11 -0.05 30.90
CA MET A 47 -1.19 0.28 31.47
C MET A 47 -2.32 -0.39 30.71
N LEU A 48 -3.48 -0.50 31.34
CA LEU A 48 -4.65 -1.13 30.73
C LEU A 48 -4.65 -0.94 29.22
N VAL A 49 -4.84 -2.04 28.48
CA VAL A 49 -4.87 -1.99 27.03
C VAL A 49 -6.31 -1.95 26.51
N GLN A 50 -6.52 -1.23 25.42
CA GLN A 50 -7.86 -1.11 24.83
C GLN A 50 -7.90 -1.76 23.46
N LYS A 51 -9.02 -1.58 22.75
CA LYS A 51 -9.18 -2.16 21.42
C LYS A 51 -8.87 -1.13 20.35
N ASN A 52 -8.22 -1.57 19.28
CA ASN A 52 -7.86 -0.70 18.17
C ASN A 52 -7.50 -1.51 16.93
N VAL A 53 -8.48 -1.73 16.06
CA VAL A 53 -8.25 -2.48 14.84
C VAL A 53 -9.33 -2.20 13.80
N THR A 54 -8.91 -2.09 12.53
CA THR A 54 -9.86 -1.81 11.45
C THR A 54 -10.82 -2.98 11.26
N SER A 55 -10.37 -3.98 10.51
CA SER A 55 -11.19 -5.16 10.24
C SER A 55 -10.58 -5.98 9.12
N GLU A 56 -11.35 -6.92 8.58
CA GLU A 56 -10.86 -7.77 7.49
C GLU A 56 -10.78 -6.99 6.19
N SER A 57 -10.04 -5.88 6.21
CA SER A 57 -9.88 -5.04 5.03
C SER A 57 -8.51 -4.38 5.02
N THR A 58 -7.75 -4.63 3.95
CA THR A 58 -6.41 -4.06 3.82
C THR A 58 -6.22 -3.39 2.46
N CYS A 59 -5.27 -2.45 2.39
CA CYS A 59 -4.99 -1.75 1.16
C CYS A 59 -3.74 -0.89 1.30
N CYS A 60 -2.93 -0.86 0.26
CA CYS A 60 -1.69 -0.09 0.28
C CYS A 60 -1.97 1.41 0.22
N VAL A 61 -1.42 2.14 1.18
CA VAL A 61 -1.60 3.59 1.25
C VAL A 61 -0.31 4.24 1.75
N ALA A 62 0.74 4.15 0.94
CA ALA A 62 2.05 4.71 1.28
C ALA A 62 2.11 5.17 2.72
N LYS A 63 2.78 4.38 3.56
CA LYS A 63 2.95 4.74 4.96
C LYS A 63 3.53 6.13 5.03
N SER A 64 4.41 6.41 4.08
CA SER A 64 5.06 7.70 3.98
C SER A 64 5.12 8.09 2.51
N TYR A 65 5.35 9.36 2.25
CA TYR A 65 5.41 9.82 0.87
C TYR A 65 6.44 10.90 0.69
N ASN A 66 6.86 11.09 -0.55
CA ASN A 66 7.82 12.15 -0.86
C ASN A 66 7.21 13.02 -1.93
N ARG A 67 5.89 12.94 -1.93
CA ARG A 67 5.04 13.67 -2.86
C ARG A 67 5.84 14.50 -3.85
N VAL A 68 5.63 14.21 -5.11
CA VAL A 68 6.32 14.92 -6.18
C VAL A 68 5.33 15.44 -7.21
N THR A 69 4.19 15.93 -6.73
CA THR A 69 3.16 16.45 -7.60
C THR A 69 3.75 16.82 -8.95
N VAL A 70 3.29 16.16 -9.99
CA VAL A 70 3.81 16.41 -11.33
C VAL A 70 2.74 16.87 -12.29
N MET A 71 3.12 16.88 -13.56
CA MET A 71 2.24 17.28 -14.64
C MET A 71 1.22 18.31 -14.17
N GLY A 72 -0.04 18.05 -14.52
CA GLY A 72 -1.11 18.95 -14.14
C GLY A 72 -1.29 19.07 -12.64
N GLY A 73 -0.47 18.35 -11.87
CA GLY A 73 -0.58 18.40 -10.43
C GLY A 73 -0.89 17.04 -9.84
N PHE A 74 -0.30 15.99 -10.42
CA PHE A 74 -0.52 14.64 -9.93
C PHE A 74 0.04 14.51 -8.52
N LYS A 75 -0.05 13.32 -7.94
CA LYS A 75 0.46 13.12 -6.59
C LYS A 75 0.85 11.65 -6.33
N VAL A 76 2.13 11.36 -6.52
CA VAL A 76 2.67 10.02 -6.28
C VAL A 76 3.17 9.93 -4.88
N GLU A 77 2.73 10.88 -4.08
CA GLU A 77 3.16 10.97 -2.70
C GLU A 77 4.47 10.23 -2.60
N ASN A 78 5.33 10.50 -3.59
CA ASN A 78 6.59 9.82 -3.72
C ASN A 78 6.65 8.77 -2.65
N HIS A 79 5.86 7.75 -2.83
CA HIS A 79 5.79 6.72 -1.82
C HIS A 79 7.15 6.38 -1.28
N THR A 80 7.30 6.68 -0.01
CA THR A 80 8.56 6.45 0.68
C THR A 80 8.40 5.38 1.77
N ALA A 81 7.16 4.90 1.92
CA ALA A 81 6.85 3.87 2.89
C ALA A 81 5.44 3.34 2.63
N CYS A 82 5.34 2.10 2.20
CA CYS A 82 4.04 1.51 1.90
C CYS A 82 3.56 0.63 3.05
N HIS A 83 2.26 0.47 3.19
CA HIS A 83 1.69 -0.35 4.26
C HIS A 83 0.25 -0.74 3.94
N CYS A 84 0.03 -2.03 3.73
CA CYS A 84 -1.31 -2.54 3.42
C CYS A 84 -2.20 -2.51 4.66
N SER A 85 -3.20 -1.63 4.64
CA SER A 85 -4.13 -1.48 5.77
C SER A 85 -4.41 -0.01 6.07
N THR A 86 -5.46 0.24 6.84
CA THR A 86 -5.83 1.60 7.21
C THR A 86 -6.54 2.31 6.07
N CYS A 87 -7.76 1.86 5.77
CA CYS A 87 -8.54 2.45 4.70
C CYS A 87 -9.82 3.09 5.22
N TYR A 88 -10.13 4.29 4.74
CA TYR A 88 -11.34 5.00 5.16
C TYR A 88 -12.51 4.64 4.25
N TYR A 89 -12.71 3.34 4.05
CA TYR A 89 -13.78 2.86 3.19
C TYR A 89 -13.94 1.34 3.36
N HIS A 90 -14.85 0.75 2.60
CA HIS A 90 -15.09 -0.69 2.68
C HIS A 90 -15.50 -1.25 1.31
N LYS A 91 -14.71 -2.19 0.80
CA LYS A 91 -14.98 -2.81 -0.48
C LYS A 91 -14.89 -1.79 -1.61
N SER A 92 -13.67 -1.47 -2.03
CA SER A 92 -13.45 -0.52 -3.11
C SER A 92 -14.27 -0.90 -4.34
N ALA A 1 4.23 -24.20 -7.39
CA ALA A 1 4.82 -24.85 -6.19
C ALA A 1 4.25 -24.24 -4.92
N PRO A 2 4.50 -24.88 -3.76
CA PRO A 2 4.01 -24.40 -2.47
C PRO A 2 4.63 -23.06 -2.07
N ASP A 3 4.65 -22.79 -0.77
CA ASP A 3 5.21 -21.54 -0.25
C ASP A 3 5.64 -20.60 -1.36
N VAL A 4 4.91 -19.50 -1.51
CA VAL A 4 5.22 -18.52 -2.55
C VAL A 4 5.97 -17.32 -2.00
N GLN A 5 6.89 -16.79 -2.81
CA GLN A 5 7.68 -15.63 -2.42
C GLN A 5 7.77 -14.64 -3.57
N ASP A 6 6.68 -14.52 -4.31
CA ASP A 6 6.61 -13.62 -5.46
C ASP A 6 7.03 -12.20 -5.08
N CYS A 7 6.59 -11.24 -5.89
CA CYS A 7 6.91 -9.84 -5.68
C CYS A 7 7.20 -9.53 -4.21
N PRO A 8 8.14 -8.61 -3.97
CA PRO A 8 8.54 -8.21 -2.61
C PRO A 8 7.36 -7.69 -1.79
N GLU A 9 7.67 -6.89 -0.76
CA GLU A 9 6.64 -6.34 0.11
C GLU A 9 6.16 -4.98 -0.41
N CYS A 10 4.84 -4.83 -0.49
CA CYS A 10 4.22 -3.60 -0.97
C CYS A 10 5.05 -2.37 -0.60
N THR A 11 5.30 -1.52 -1.59
CA THR A 11 6.07 -0.29 -1.39
C THR A 11 5.99 0.58 -2.61
N LEU A 12 6.94 1.49 -2.71
CA LEU A 12 7.00 2.42 -3.82
C LEU A 12 7.50 1.77 -5.10
N GLN A 13 6.84 2.07 -6.19
CA GLN A 13 7.23 1.56 -7.48
C GLN A 13 7.51 2.71 -8.42
N GLU A 14 8.38 3.57 -7.95
CA GLU A 14 8.78 4.77 -8.67
C GLU A 14 8.12 4.85 -10.03
N ASN A 15 7.45 5.96 -10.25
CA ASN A 15 6.75 6.20 -11.49
C ASN A 15 7.67 6.22 -12.69
N PRO A 16 7.64 5.16 -13.50
CA PRO A 16 8.45 5.08 -14.70
C PRO A 16 7.80 5.93 -15.79
N PHE A 17 6.83 6.71 -15.36
CA PHE A 17 6.07 7.58 -16.23
C PHE A 17 6.46 9.04 -16.03
N PHE A 18 6.24 9.52 -14.81
CA PHE A 18 6.54 10.89 -14.45
C PHE A 18 8.02 11.09 -14.13
N SER A 19 8.78 10.01 -14.16
CA SER A 19 10.20 10.08 -13.87
C SER A 19 10.91 11.02 -14.83
N GLN A 20 10.97 12.30 -14.46
CA GLN A 20 11.61 13.30 -15.28
C GLN A 20 13.10 13.38 -14.94
N PRO A 21 13.90 14.05 -15.79
CA PRO A 21 15.34 14.18 -15.56
C PRO A 21 15.62 14.94 -14.27
N GLY A 22 15.13 14.40 -13.16
CA GLY A 22 15.33 15.02 -11.87
C GLY A 22 14.29 14.60 -10.85
N ALA A 23 13.19 14.02 -11.32
CA ALA A 23 12.13 13.59 -10.43
C ALA A 23 11.46 12.32 -10.91
N PRO A 24 11.71 11.24 -10.18
CA PRO A 24 11.20 9.91 -10.46
C PRO A 24 10.02 9.52 -9.56
N ILE A 25 8.85 10.03 -9.90
CA ILE A 25 7.63 9.77 -9.17
C ILE A 25 7.51 8.34 -8.69
N LEU A 26 6.36 8.04 -8.07
CA LEU A 26 6.14 6.74 -7.49
C LEU A 26 4.69 6.34 -7.44
N GLN A 27 4.45 5.39 -6.55
CA GLN A 27 3.12 4.85 -6.31
C GLN A 27 3.18 3.51 -5.59
N CYS A 28 3.41 3.58 -4.28
CA CYS A 28 3.49 2.39 -3.43
C CYS A 28 2.71 1.22 -4.05
N MET A 29 3.41 0.31 -4.70
CA MET A 29 2.78 -0.85 -5.32
C MET A 29 3.57 -2.12 -5.03
N GLY A 30 2.86 -3.24 -4.90
CA GLY A 30 3.51 -4.50 -4.63
C GLY A 30 2.56 -5.56 -4.10
N CYS A 31 3.08 -6.47 -3.29
CA CYS A 31 2.26 -7.54 -2.71
C CYS A 31 2.78 -7.94 -1.34
N CYS A 32 2.42 -7.15 -0.32
CA CYS A 32 2.85 -7.42 1.04
C CYS A 32 2.85 -8.92 1.31
N PHE A 33 1.69 -9.45 1.66
CA PHE A 33 1.55 -10.88 1.96
C PHE A 33 0.09 -11.31 1.90
N SER A 34 -0.81 -10.45 2.38
CA SER A 34 -2.23 -10.74 2.38
C SER A 34 -2.97 -9.83 1.40
N ARG A 35 -3.58 -10.44 0.38
CA ARG A 35 -4.32 -9.68 -0.62
C ARG A 35 -5.79 -10.10 -0.64
N ALA A 36 -6.48 -9.75 -1.73
CA ALA A 36 -7.89 -10.10 -1.87
C ALA A 36 -8.66 -9.78 -0.60
N TYR A 37 -9.94 -10.15 -0.57
CA TYR A 37 -10.78 -9.90 0.59
C TYR A 37 -10.99 -11.18 1.40
N PRO A 38 -10.65 -11.14 2.70
CA PRO A 38 -10.78 -12.30 3.59
C PRO A 38 -12.23 -12.74 3.75
N THR A 39 -12.44 -13.80 4.54
CA THR A 39 -13.77 -14.32 4.77
C THR A 39 -14.17 -14.15 6.24
N PRO A 40 -14.99 -13.14 6.53
CA PRO A 40 -15.46 -12.86 7.87
C PRO A 40 -16.73 -13.64 8.21
N LEU A 41 -17.44 -13.19 9.23
CA LEU A 41 -18.68 -13.84 9.66
C LEU A 41 -19.90 -13.00 9.28
N ARG A 42 -19.76 -12.21 8.22
CA ARG A 42 -20.85 -11.36 7.77
C ARG A 42 -21.24 -10.37 8.85
N SER A 43 -21.91 -10.86 9.88
CA SER A 43 -22.34 -10.02 10.99
C SER A 43 -23.09 -8.79 10.50
N LYS A 44 -23.12 -7.75 11.33
CA LYS A 44 -23.82 -6.51 10.99
C LYS A 44 -25.29 -6.60 11.37
N LYS A 45 -25.53 -6.86 12.66
CA LYS A 45 -26.89 -6.97 13.17
C LYS A 45 -27.60 -5.61 13.15
N THR A 46 -28.62 -5.48 13.98
CA THR A 46 -29.38 -4.24 14.06
C THR A 46 -28.99 -3.45 15.32
N MET A 47 -27.86 -2.76 15.26
CA MET A 47 -27.39 -1.97 16.38
C MET A 47 -26.20 -1.09 15.98
N LEU A 48 -26.28 0.19 16.32
CA LEU A 48 -25.23 1.14 15.99
C LEU A 48 -24.03 0.97 16.92
N VAL A 49 -23.26 -0.09 16.68
CA VAL A 49 -22.08 -0.37 17.48
C VAL A 49 -20.82 -0.29 16.64
N GLN A 50 -19.91 0.61 16.99
CA GLN A 50 -18.66 0.76 16.25
C GLN A 50 -17.52 1.19 17.17
N LYS A 51 -16.32 0.71 16.87
CA LYS A 51 -15.14 1.05 17.66
C LYS A 51 -13.94 1.34 16.76
N ASN A 52 -14.22 1.72 15.52
CA ASN A 52 -13.18 2.03 14.55
C ASN A 52 -12.21 0.85 14.41
N VAL A 53 -12.75 -0.35 14.49
CA VAL A 53 -11.94 -1.56 14.36
C VAL A 53 -11.97 -2.10 12.94
N THR A 54 -11.01 -2.96 12.62
CA THR A 54 -10.94 -3.56 11.29
C THR A 54 -9.70 -4.43 11.16
N SER A 55 -9.40 -4.84 9.93
CA SER A 55 -8.24 -5.68 9.67
C SER A 55 -7.61 -5.34 8.33
N GLU A 56 -8.40 -5.43 7.26
CA GLU A 56 -7.91 -5.14 5.92
C GLU A 56 -6.61 -5.88 5.64
N SER A 57 -6.67 -6.88 4.77
CA SER A 57 -5.50 -7.68 4.44
C SER A 57 -4.22 -6.83 4.53
N THR A 58 -3.94 -6.08 3.47
CA THR A 58 -2.75 -5.22 3.45
C THR A 58 -3.00 -3.97 4.29
N CYS A 59 -2.01 -3.07 4.30
CA CYS A 59 -2.12 -1.84 5.07
C CYS A 59 -1.29 -0.75 4.46
N CYS A 60 -1.12 -0.84 3.18
CA CYS A 60 -0.34 0.14 2.42
C CYS A 60 -1.00 1.50 2.50
N VAL A 61 -0.53 2.40 1.64
CA VAL A 61 -1.02 3.77 1.57
C VAL A 61 0.09 4.75 1.93
N ALA A 62 1.14 4.74 1.11
CA ALA A 62 2.30 5.61 1.32
C ALA A 62 2.26 6.31 2.68
N LYS A 63 3.13 5.89 3.59
CA LYS A 63 3.21 6.49 4.90
C LYS A 63 3.34 7.99 4.75
N SER A 64 4.02 8.37 3.67
CA SER A 64 4.23 9.77 3.33
C SER A 64 4.12 9.93 1.83
N TYR A 65 3.99 11.16 1.36
CA TYR A 65 3.86 11.41 -0.07
C TYR A 65 4.50 12.72 -0.48
N ASN A 66 4.75 12.83 -1.77
CA ASN A 66 5.30 14.07 -2.31
C ASN A 66 4.53 14.39 -3.57
N ARG A 67 3.30 13.94 -3.51
CA ARG A 67 2.33 14.10 -4.58
C ARG A 67 2.83 15.04 -5.66
N VAL A 68 2.75 14.56 -6.89
CA VAL A 68 3.19 15.32 -8.04
C VAL A 68 2.16 15.20 -9.17
N THR A 69 0.89 15.39 -8.83
CA THR A 69 -0.18 15.29 -9.81
C THR A 69 0.38 15.43 -11.20
N VAL A 70 0.23 14.39 -11.99
CA VAL A 70 0.76 14.39 -13.35
C VAL A 70 -0.32 14.20 -14.39
N MET A 71 0.13 14.03 -15.63
CA MET A 71 -0.77 13.85 -16.76
C MET A 71 -2.05 14.63 -16.58
N GLY A 72 -3.16 13.94 -16.73
CA GLY A 72 -4.45 14.56 -16.57
C GLY A 72 -4.84 14.75 -15.13
N GLY A 73 -3.89 14.53 -14.23
CA GLY A 73 -4.16 14.69 -12.81
C GLY A 73 -3.77 13.48 -11.99
N PHE A 74 -2.81 12.71 -12.50
CA PHE A 74 -2.34 11.51 -11.81
C PHE A 74 -1.56 11.88 -10.55
N LYS A 75 -2.06 11.46 -9.40
CA LYS A 75 -1.40 11.76 -8.13
C LYS A 75 -0.69 10.53 -7.56
N VAL A 76 0.64 10.59 -7.56
CA VAL A 76 1.47 9.52 -7.02
C VAL A 76 1.83 9.82 -5.62
N GLU A 77 1.15 10.82 -5.09
CA GLU A 77 1.45 11.27 -3.74
C GLU A 77 2.92 10.99 -3.54
N ASN A 78 3.67 11.25 -4.63
CA ASN A 78 5.09 10.94 -4.70
C ASN A 78 5.49 10.27 -3.42
N HIS A 79 4.91 9.10 -3.23
CA HIS A 79 5.10 8.31 -2.04
C HIS A 79 6.53 8.37 -1.53
N THR A 80 6.66 8.96 -0.36
CA THR A 80 7.96 9.12 0.26
C THR A 80 8.17 8.02 1.31
N ALA A 81 7.10 7.26 1.56
CA ALA A 81 7.16 6.17 2.52
C ALA A 81 5.90 5.32 2.40
N CYS A 82 6.05 4.00 2.43
CA CYS A 82 4.91 3.11 2.33
C CYS A 82 4.80 2.23 3.57
N HIS A 83 3.68 2.36 4.29
CA HIS A 83 3.46 1.54 5.47
C HIS A 83 2.37 0.52 5.21
N CYS A 84 2.79 -0.73 5.09
CA CYS A 84 1.87 -1.83 4.82
C CYS A 84 1.99 -2.92 5.87
N SER A 85 0.99 -3.80 5.95
CA SER A 85 0.99 -4.87 6.92
C SER A 85 0.88 -4.32 8.33
N THR A 86 0.96 -5.21 9.33
CA THR A 86 0.86 -4.80 10.73
C THR A 86 0.50 -3.32 10.87
N CYS A 87 -0.80 -3.03 10.84
CA CYS A 87 -1.28 -1.66 10.95
C CYS A 87 -0.95 -1.07 12.32
N TYR A 88 0.35 -1.04 12.63
CA TYR A 88 0.84 -0.52 13.91
C TYR A 88 2.20 -1.12 14.23
N TYR A 89 2.90 -1.59 13.20
CA TYR A 89 4.21 -2.18 13.38
C TYR A 89 5.11 -1.30 14.25
N HIS A 90 5.41 -1.78 15.45
CA HIS A 90 6.25 -1.03 16.38
C HIS A 90 7.66 -0.88 15.81
N LYS A 91 8.42 -1.97 15.85
CA LYS A 91 9.79 -1.96 15.35
C LYS A 91 10.51 -3.22 15.82
N SER A 92 10.22 -3.63 17.05
CA SER A 92 10.84 -4.82 17.62
C SER A 92 10.21 -5.15 18.98
N ALA A 1 11.90 -12.72 11.71
CA ALA A 1 12.52 -11.53 11.11
C ALA A 1 11.95 -11.23 9.72
N PRO A 2 12.35 -12.02 8.70
CA PRO A 2 11.88 -11.84 7.33
C PRO A 2 10.37 -11.58 7.28
N ASP A 3 9.60 -12.48 7.90
CA ASP A 3 8.15 -12.36 7.93
C ASP A 3 7.50 -13.17 6.81
N VAL A 4 7.17 -14.42 7.11
CA VAL A 4 6.53 -15.32 6.15
C VAL A 4 6.82 -14.89 4.70
N GLN A 5 5.82 -15.04 3.84
CA GLN A 5 5.97 -14.68 2.43
C GLN A 5 4.90 -13.67 2.01
N ASP A 6 4.93 -12.49 2.63
CA ASP A 6 3.96 -11.44 2.31
C ASP A 6 4.67 -10.09 2.11
N CYS A 7 4.09 -9.26 1.26
CA CYS A 7 4.65 -7.95 0.98
C CYS A 7 5.28 -7.33 2.23
N PRO A 8 6.58 -6.98 2.14
CA PRO A 8 7.33 -6.41 3.27
C PRO A 8 6.73 -5.11 3.80
N GLU A 9 5.66 -5.23 4.60
CA GLU A 9 5.00 -4.08 5.21
C GLU A 9 4.72 -2.98 4.18
N CYS A 10 3.84 -2.07 4.55
CA CYS A 10 3.46 -0.96 3.68
C CYS A 10 4.69 -0.15 3.28
N THR A 11 4.80 0.13 1.98
CA THR A 11 5.91 0.90 1.44
C THR A 11 5.44 1.68 0.22
N LEU A 12 6.34 1.89 -0.74
CA LEU A 12 5.97 2.63 -1.95
C LEU A 12 6.08 1.74 -3.18
N GLN A 13 5.15 1.90 -4.10
CA GLN A 13 5.14 1.12 -5.32
C GLN A 13 5.73 1.89 -6.46
N GLU A 14 6.85 2.51 -6.17
CA GLU A 14 7.56 3.34 -7.14
C GLU A 14 6.91 3.24 -8.50
N ASN A 15 6.44 4.38 -8.94
CA ASN A 15 5.77 4.50 -10.21
C ASN A 15 6.63 4.05 -11.37
N PRO A 16 6.35 2.84 -11.91
CA PRO A 16 7.06 2.32 -13.06
C PRO A 16 6.54 2.99 -14.31
N PHE A 17 5.65 3.93 -14.08
CA PHE A 17 5.01 4.72 -15.13
C PHE A 17 5.77 6.02 -15.31
N PHE A 18 5.74 6.84 -14.28
CA PHE A 18 6.42 8.11 -14.28
C PHE A 18 7.92 7.90 -14.13
N SER A 19 8.32 6.65 -13.93
CA SER A 19 9.72 6.30 -13.77
C SER A 19 10.51 6.75 -14.99
N GLN A 20 11.00 7.99 -14.94
CA GLN A 20 11.79 8.54 -16.03
C GLN A 20 13.27 8.37 -15.75
N PRO A 21 14.11 8.34 -16.79
CA PRO A 21 15.55 8.19 -16.65
C PRO A 21 16.13 9.14 -15.60
N GLY A 22 15.78 8.89 -14.33
CA GLY A 22 16.26 9.73 -13.26
C GLY A 22 15.18 10.04 -12.25
N ALA A 23 13.97 9.52 -12.45
CA ALA A 23 12.87 9.77 -11.54
C ALA A 23 11.83 8.67 -11.56
N PRO A 24 11.86 7.85 -10.52
CA PRO A 24 10.98 6.70 -10.35
C PRO A 24 9.89 6.93 -9.30
N ILE A 25 8.87 7.68 -9.71
CA ILE A 25 7.73 8.02 -8.88
C ILE A 25 7.24 6.87 -8.03
N LEU A 26 6.10 7.08 -7.35
CA LEU A 26 5.55 6.09 -6.44
C LEU A 26 4.05 6.15 -6.31
N GLN A 27 3.60 5.54 -5.24
CA GLN A 27 2.18 5.48 -4.90
C GLN A 27 1.89 4.46 -3.79
N CYS A 28 2.64 4.58 -2.69
CA CYS A 28 2.49 3.71 -1.52
C CYS A 28 1.91 2.34 -1.82
N MET A 29 2.69 1.31 -1.52
CA MET A 29 2.26 -0.08 -1.72
C MET A 29 1.13 -0.42 -0.75
N GLY A 30 1.47 -0.49 0.54
CA GLY A 30 0.47 -0.79 1.55
C GLY A 30 0.27 -2.28 1.77
N CYS A 31 0.88 -2.82 2.82
CA CYS A 31 0.76 -4.23 3.14
C CYS A 31 1.17 -4.49 4.59
N CYS A 32 0.53 -3.76 5.50
CA CYS A 32 0.83 -3.89 6.92
C CYS A 32 0.50 -5.30 7.42
N PHE A 33 1.23 -6.28 6.91
CA PHE A 33 1.02 -7.68 7.30
C PHE A 33 -0.46 -8.05 7.22
N SER A 34 -0.79 -9.22 7.74
CA SER A 34 -2.17 -9.69 7.72
C SER A 34 -2.50 -10.32 6.37
N ARG A 35 -1.65 -10.05 5.38
CA ARG A 35 -1.85 -10.57 4.03
C ARG A 35 -1.20 -11.95 3.89
N ALA A 36 -2.04 -12.97 3.68
CA ALA A 36 -1.53 -14.34 3.55
C ALA A 36 -2.18 -15.04 2.36
N TYR A 37 -2.62 -14.26 1.38
CA TYR A 37 -3.26 -14.80 0.18
C TYR A 37 -2.23 -15.00 -0.93
N PRO A 38 -2.15 -16.23 -1.47
CA PRO A 38 -1.21 -16.56 -2.53
C PRO A 38 -1.81 -16.30 -3.92
N THR A 39 -0.96 -16.33 -4.94
CA THR A 39 -1.41 -16.11 -6.30
C THR A 39 -2.52 -17.09 -6.67
N PRO A 40 -2.20 -18.37 -6.55
CA PRO A 40 -3.11 -19.46 -6.84
C PRO A 40 -4.08 -19.74 -5.70
N LEU A 41 -5.33 -20.04 -6.05
CA LEU A 41 -6.35 -20.32 -5.04
C LEU A 41 -6.73 -21.80 -5.06
N ARG A 42 -7.48 -22.23 -4.04
CA ARG A 42 -7.92 -23.62 -3.92
C ARG A 42 -8.00 -24.28 -5.30
N SER A 43 -7.01 -25.11 -5.62
CA SER A 43 -6.96 -25.80 -6.90
C SER A 43 -8.14 -26.77 -7.04
N LYS A 44 -9.35 -26.23 -6.94
CA LYS A 44 -10.55 -27.05 -7.05
C LYS A 44 -11.76 -26.18 -7.35
N LYS A 45 -12.68 -26.70 -8.16
CA LYS A 45 -13.88 -25.97 -8.52
C LYS A 45 -14.65 -25.53 -7.28
N THR A 46 -15.85 -25.04 -7.46
CA THR A 46 -16.68 -24.59 -6.36
C THR A 46 -15.85 -23.88 -5.29
N MET A 47 -15.24 -22.76 -5.67
CA MET A 47 -14.41 -21.99 -4.74
C MET A 47 -15.22 -20.87 -4.09
N LEU A 48 -14.74 -20.40 -2.94
CA LEU A 48 -15.42 -19.33 -2.21
C LEU A 48 -14.56 -18.06 -2.17
N VAL A 49 -15.14 -16.99 -1.62
CA VAL A 49 -14.43 -15.71 -1.52
C VAL A 49 -14.78 -14.99 -0.23
N GLN A 50 -13.92 -14.08 0.19
CA GLN A 50 -14.14 -13.32 1.42
C GLN A 50 -13.98 -14.20 2.65
N LYS A 51 -13.11 -13.79 3.57
CA LYS A 51 -12.88 -14.55 4.79
C LYS A 51 -11.70 -13.98 5.58
N ASN A 52 -11.97 -13.48 6.78
CA ASN A 52 -10.94 -12.92 7.63
C ASN A 52 -11.37 -12.93 9.10
N VAL A 53 -10.66 -12.17 9.93
CA VAL A 53 -10.98 -12.09 11.35
C VAL A 53 -10.64 -10.72 11.93
N THR A 54 -11.67 -9.91 12.14
CA THR A 54 -11.48 -8.57 12.70
C THR A 54 -10.51 -7.75 11.85
N SER A 55 -10.97 -6.59 11.40
CA SER A 55 -10.13 -5.72 10.58
C SER A 55 -10.93 -4.49 10.12
N GLU A 56 -10.22 -3.49 9.64
CA GLU A 56 -10.85 -2.26 9.16
C GLU A 56 -10.53 -2.03 7.68
N SER A 57 -9.25 -1.93 7.37
CA SER A 57 -8.82 -1.71 5.99
C SER A 57 -7.43 -1.09 5.95
N THR A 58 -7.03 -0.45 7.05
CA THR A 58 -5.73 0.20 7.13
C THR A 58 -5.47 1.06 5.90
N CYS A 59 -4.31 1.72 5.87
CA CYS A 59 -3.96 2.57 4.75
C CYS A 59 -2.84 3.54 5.13
N CYS A 60 -1.91 3.77 4.19
CA CYS A 60 -0.80 4.67 4.43
C CYS A 60 -0.74 5.78 3.38
N VAL A 61 -1.41 6.89 3.64
CA VAL A 61 -1.43 8.01 2.72
C VAL A 61 -0.12 8.80 2.79
N ALA A 62 0.98 8.15 2.42
CA ALA A 62 2.30 8.77 2.45
C ALA A 62 2.39 9.88 3.45
N LYS A 63 3.10 9.57 4.52
CA LYS A 63 3.36 10.53 5.56
C LYS A 63 3.87 11.78 4.92
N SER A 64 4.81 11.56 4.01
CA SER A 64 5.41 12.63 3.29
C SER A 64 5.35 12.31 1.81
N TYR A 65 5.39 13.34 0.97
CA TYR A 65 5.31 13.13 -0.46
C TYR A 65 6.22 14.04 -1.23
N ASN A 66 6.49 13.65 -2.46
CA ASN A 66 7.30 14.45 -3.35
C ASN A 66 6.54 14.64 -4.64
N ARG A 67 5.25 14.59 -4.45
CA ARG A 67 4.26 14.73 -5.51
C ARG A 67 4.91 15.16 -6.83
N VAL A 68 4.63 14.39 -7.86
CA VAL A 68 5.16 14.65 -9.19
C VAL A 68 4.03 14.63 -10.20
N THR A 69 2.92 15.24 -9.83
CA THR A 69 1.74 15.30 -10.69
C THR A 69 2.09 14.94 -12.13
N VAL A 70 1.48 13.87 -12.62
CA VAL A 70 1.72 13.42 -13.97
C VAL A 70 0.43 13.28 -14.76
N MET A 71 0.54 12.65 -15.93
CA MET A 71 -0.59 12.45 -16.81
C MET A 71 -1.46 13.69 -16.87
N GLY A 72 -2.76 13.49 -16.80
CA GLY A 72 -3.69 14.60 -16.85
C GLY A 72 -3.80 15.33 -15.54
N GLY A 73 -2.78 15.18 -14.69
CA GLY A 73 -2.79 15.84 -13.40
C GLY A 73 -2.84 14.86 -12.25
N PHE A 74 -2.09 13.76 -12.37
CA PHE A 74 -2.06 12.75 -11.32
C PHE A 74 -1.35 13.27 -10.09
N LYS A 75 -1.17 12.41 -9.09
CA LYS A 75 -0.50 12.82 -7.87
C LYS A 75 0.02 11.61 -7.07
N VAL A 76 1.29 11.26 -7.29
CA VAL A 76 1.92 10.16 -6.56
C VAL A 76 2.52 10.68 -5.30
N GLU A 77 2.16 11.91 -5.00
CA GLU A 77 2.72 12.58 -3.83
C GLU A 77 4.08 11.95 -3.62
N ASN A 78 4.76 11.76 -4.76
CA ASN A 78 6.03 11.07 -4.82
C ASN A 78 6.41 10.67 -3.42
N HIS A 79 5.62 9.76 -2.91
CA HIS A 79 5.74 9.28 -1.56
C HIS A 79 7.15 9.20 -1.06
N THR A 80 7.37 9.89 0.03
CA THR A 80 8.65 9.91 0.68
C THR A 80 8.58 9.11 1.98
N ALA A 81 7.42 9.16 2.64
CA ALA A 81 7.20 8.41 3.85
C ALA A 81 5.76 7.91 3.86
N CYS A 82 5.52 6.71 4.37
CA CYS A 82 4.16 6.16 4.39
C CYS A 82 3.78 5.65 5.78
N HIS A 83 2.61 6.07 6.26
CA HIS A 83 2.12 5.64 7.56
C HIS A 83 0.79 4.92 7.45
N CYS A 84 0.83 3.61 7.59
CA CYS A 84 -0.37 2.78 7.50
C CYS A 84 -1.14 2.81 8.82
N SER A 85 -2.47 2.80 8.73
CA SER A 85 -3.30 2.82 9.93
C SER A 85 -4.77 3.08 9.58
N THR A 86 -5.59 3.24 10.61
CA THR A 86 -7.02 3.49 10.42
C THR A 86 -7.23 4.60 9.39
N CYS A 87 -8.06 4.30 8.39
CA CYS A 87 -8.36 5.27 7.34
C CYS A 87 -9.18 6.43 7.90
N TYR A 88 -8.57 7.18 8.81
CA TYR A 88 -9.24 8.33 9.42
C TYR A 88 -8.23 9.35 9.91
N TYR A 89 -8.58 10.63 9.77
CA TYR A 89 -7.70 11.71 10.20
C TYR A 89 -6.44 11.76 9.36
N HIS A 90 -6.57 12.27 8.13
CA HIS A 90 -5.43 12.38 7.22
C HIS A 90 -4.50 13.49 7.67
N LYS A 91 -5.08 14.60 8.11
CA LYS A 91 -4.31 15.75 8.56
C LYS A 91 -2.94 15.81 7.88
N SER A 92 -2.95 16.13 6.59
CA SER A 92 -1.71 16.22 5.82
C SER A 92 -0.71 17.14 6.50
N ALA A 1 16.35 -9.03 11.64
CA ALA A 1 15.52 -8.30 10.64
C ALA A 1 16.07 -6.89 10.41
N PRO A 2 17.24 -6.79 9.76
CA PRO A 2 17.88 -5.51 9.47
C PRO A 2 17.40 -4.90 8.17
N ASP A 3 17.28 -5.72 7.13
CA ASP A 3 16.83 -5.25 5.82
C ASP A 3 15.54 -5.95 5.40
N VAL A 4 14.61 -6.09 6.33
CA VAL A 4 13.34 -6.74 6.06
C VAL A 4 12.22 -6.15 6.90
N GLN A 5 10.99 -6.57 6.65
CA GLN A 5 9.85 -6.08 7.40
C GLN A 5 8.65 -7.02 7.26
N ASP A 6 8.89 -8.31 7.44
CA ASP A 6 7.84 -9.31 7.34
C ASP A 6 7.51 -9.61 5.88
N CYS A 7 6.42 -10.35 5.67
CA CYS A 7 5.97 -10.72 4.33
C CYS A 7 6.85 -10.11 3.25
N PRO A 8 7.57 -10.95 2.51
CA PRO A 8 8.47 -10.50 1.42
C PRO A 8 7.74 -9.67 0.37
N GLU A 9 7.53 -8.39 0.69
CA GLU A 9 6.84 -7.50 -0.23
C GLU A 9 6.46 -6.20 0.48
N CYS A 10 5.81 -5.31 -0.27
CA CYS A 10 5.38 -4.02 0.27
C CYS A 10 6.53 -3.01 0.19
N THR A 11 6.55 -2.23 -0.89
CA THR A 11 7.59 -1.23 -1.09
C THR A 11 7.11 -0.17 -2.06
N LEU A 12 7.88 0.06 -3.11
CA LEU A 12 7.52 1.04 -4.11
C LEU A 12 7.70 0.49 -5.51
N GLN A 13 6.66 0.64 -6.32
CA GLN A 13 6.70 0.13 -7.68
C GLN A 13 6.85 1.24 -8.69
N GLU A 14 7.90 2.00 -8.48
CA GLU A 14 8.23 3.14 -9.34
C GLU A 14 7.21 3.29 -10.45
N ASN A 15 6.63 4.46 -10.47
CA ASN A 15 5.63 4.82 -11.44
C ASN A 15 6.07 4.55 -12.87
N PRO A 16 5.54 3.47 -13.48
CA PRO A 16 5.86 3.13 -14.87
C PRO A 16 5.28 4.13 -15.85
N PHE A 17 4.73 5.21 -15.33
CA PHE A 17 4.16 6.27 -16.14
C PHE A 17 4.98 7.53 -16.02
N PHE A 18 5.08 8.00 -14.79
CA PHE A 18 5.82 9.22 -14.50
C PHE A 18 7.32 8.98 -14.66
N SER A 19 7.69 7.71 -14.67
CA SER A 19 9.10 7.35 -14.79
C SER A 19 9.74 8.05 -16.00
N GLN A 20 10.18 9.29 -15.78
CA GLN A 20 10.80 10.06 -16.85
C GLN A 20 12.24 10.42 -16.50
N PRO A 21 13.05 10.75 -17.51
CA PRO A 21 14.46 11.14 -17.31
C PRO A 21 14.59 12.28 -16.33
N GLY A 22 14.38 11.99 -15.05
CA GLY A 22 14.46 13.01 -14.03
C GLY A 22 13.41 12.81 -12.96
N ALA A 23 12.44 11.95 -13.23
CA ALA A 23 11.38 11.69 -12.27
C ALA A 23 10.83 10.28 -12.41
N PRO A 24 11.26 9.43 -11.49
CA PRO A 24 10.89 8.03 -11.45
C PRO A 24 9.89 7.74 -10.35
N ILE A 25 8.74 8.39 -10.46
CA ILE A 25 7.65 8.25 -9.53
C ILE A 25 7.46 6.83 -9.01
N LEU A 26 6.42 6.64 -8.21
CA LEU A 26 6.17 5.37 -7.55
C LEU A 26 4.72 5.11 -7.27
N GLN A 27 4.53 4.20 -6.35
CA GLN A 27 3.19 3.81 -5.91
C GLN A 27 3.22 2.48 -5.17
N CYS A 28 3.86 2.49 -4.00
CA CYS A 28 3.98 1.31 -3.16
C CYS A 28 2.94 0.27 -3.50
N MET A 29 3.41 -0.87 -3.98
CA MET A 29 2.52 -1.96 -4.35
C MET A 29 3.11 -3.30 -3.93
N GLY A 30 2.75 -3.75 -2.72
CA GLY A 30 3.27 -5.00 -2.21
C GLY A 30 2.38 -5.61 -1.15
N CYS A 31 3.00 -6.27 -0.17
CA CYS A 31 2.28 -6.91 0.92
C CYS A 31 0.97 -6.18 1.22
N CYS A 32 0.00 -6.92 1.75
CA CYS A 32 -1.30 -6.35 2.08
C CYS A 32 -2.16 -6.21 0.83
N PHE A 33 -1.71 -6.82 -0.26
CA PHE A 33 -2.43 -6.77 -1.53
C PHE A 33 -3.24 -8.06 -1.73
N SER A 34 -3.41 -8.82 -0.66
CA SER A 34 -4.16 -10.07 -0.73
C SER A 34 -5.18 -10.16 0.40
N ARG A 35 -4.82 -9.60 1.56
CA ARG A 35 -5.69 -9.61 2.73
C ARG A 35 -7.16 -9.59 2.32
N ALA A 36 -7.75 -10.78 2.17
CA ALA A 36 -9.15 -10.89 1.78
C ALA A 36 -9.56 -12.34 1.61
N TYR A 37 -8.98 -13.20 2.45
CA TYR A 37 -9.26 -14.64 2.41
C TYR A 37 -10.55 -14.94 1.66
N PRO A 38 -10.52 -15.93 0.76
CA PRO A 38 -11.70 -16.32 -0.01
C PRO A 38 -12.91 -16.57 0.89
N THR A 39 -13.94 -17.20 0.34
CA THR A 39 -15.14 -17.49 1.11
C THR A 39 -16.23 -18.12 0.23
N PRO A 40 -17.36 -18.50 0.84
CA PRO A 40 -18.47 -19.13 0.13
C PRO A 40 -19.41 -18.10 -0.50
N LEU A 41 -20.13 -17.36 0.35
CA LEU A 41 -21.08 -16.35 -0.12
C LEU A 41 -20.37 -15.04 -0.44
N ARG A 42 -19.09 -14.95 -0.09
CA ARG A 42 -18.31 -13.74 -0.33
C ARG A 42 -18.03 -13.57 -1.82
N SER A 43 -18.31 -12.37 -2.34
CA SER A 43 -18.08 -12.08 -3.75
C SER A 43 -17.25 -10.81 -3.92
N LYS A 44 -17.01 -10.43 -5.17
CA LYS A 44 -16.21 -9.25 -5.47
C LYS A 44 -16.87 -7.99 -4.89
N LYS A 45 -17.85 -7.45 -5.62
CA LYS A 45 -18.55 -6.25 -5.18
C LYS A 45 -20.05 -6.50 -5.06
N THR A 46 -20.48 -7.69 -5.51
CA THR A 46 -21.89 -8.05 -5.46
C THR A 46 -22.42 -7.99 -4.03
N MET A 47 -23.59 -7.38 -3.87
CA MET A 47 -24.20 -7.25 -2.56
C MET A 47 -23.40 -6.30 -1.68
N LEU A 48 -22.43 -5.62 -2.29
CA LEU A 48 -21.58 -4.68 -1.58
C LEU A 48 -21.10 -5.25 -0.25
N VAL A 49 -20.44 -4.41 0.54
CA VAL A 49 -19.93 -4.82 1.84
C VAL A 49 -20.04 -3.68 2.86
N GLN A 50 -19.91 -4.02 4.13
CA GLN A 50 -20.00 -3.02 5.20
C GLN A 50 -19.36 -1.71 4.76
N LYS A 51 -19.76 -0.61 5.41
CA LYS A 51 -19.23 0.71 5.09
C LYS A 51 -18.34 1.22 6.22
N ASN A 52 -17.56 2.26 5.93
CA ASN A 52 -16.67 2.85 6.92
C ASN A 52 -15.64 1.84 7.40
N VAL A 53 -14.57 1.66 6.62
CA VAL A 53 -13.51 0.73 6.96
C VAL A 53 -14.06 -0.52 7.65
N THR A 54 -13.18 -1.26 8.32
CA THR A 54 -13.58 -2.47 9.01
C THR A 54 -12.40 -3.07 9.78
N SER A 55 -12.21 -2.61 11.02
CA SER A 55 -11.12 -3.10 11.86
C SER A 55 -9.88 -3.42 11.02
N GLU A 56 -8.93 -2.49 11.01
CA GLU A 56 -7.69 -2.67 10.25
C GLU A 56 -6.48 -2.69 11.17
N SER A 57 -5.40 -3.32 10.70
CA SER A 57 -4.17 -3.42 11.47
C SER A 57 -2.96 -3.10 10.60
N THR A 58 -2.98 -3.61 9.38
CA THR A 58 -1.88 -3.37 8.43
C THR A 58 -2.21 -2.19 7.51
N CYS A 59 -1.20 -1.69 6.80
CA CYS A 59 -1.41 -0.56 5.89
C CYS A 59 -0.10 0.02 5.38
N CYS A 60 0.23 -0.32 4.14
CA CYS A 60 1.45 0.18 3.50
C CYS A 60 1.16 1.50 2.80
N VAL A 61 0.51 2.39 3.52
CA VAL A 61 0.17 3.70 2.99
C VAL A 61 1.41 4.57 2.98
N ALA A 62 2.39 4.18 2.16
CA ALA A 62 3.65 4.90 2.08
C ALA A 62 3.92 5.69 3.36
N LYS A 63 4.88 5.21 4.13
CA LYS A 63 5.23 5.87 5.37
C LYS A 63 5.49 7.33 5.10
N SER A 64 6.07 7.58 3.95
CA SER A 64 6.37 8.92 3.53
C SER A 64 6.16 9.01 2.03
N TYR A 65 5.63 10.14 1.57
CA TYR A 65 5.38 10.30 0.14
C TYR A 65 5.95 11.59 -0.41
N ASN A 66 6.00 11.64 -1.73
CA ASN A 66 6.45 12.84 -2.41
C ASN A 66 5.48 13.12 -3.53
N ARG A 67 4.28 12.65 -3.28
CA ARG A 67 3.14 12.78 -4.17
C ARG A 67 3.46 13.65 -5.38
N VAL A 68 3.30 13.05 -6.54
CA VAL A 68 3.54 13.74 -7.80
C VAL A 68 2.35 13.57 -8.74
N THR A 69 1.17 13.73 -8.17
CA THR A 69 -0.07 13.58 -8.92
C THR A 69 0.15 13.65 -10.41
N VAL A 70 -0.15 12.57 -11.10
CA VAL A 70 0.01 12.51 -12.54
C VAL A 70 -1.32 12.46 -13.25
N MET A 71 -1.26 12.06 -14.51
CA MET A 71 -2.43 11.97 -15.35
C MET A 71 -3.66 11.55 -14.56
N GLY A 72 -4.81 12.07 -14.95
CA GLY A 72 -6.05 11.74 -14.25
C GLY A 72 -5.95 12.01 -12.77
N GLY A 73 -4.87 12.70 -12.37
CA GLY A 73 -4.67 13.01 -10.97
C GLY A 73 -4.10 11.84 -10.19
N PHE A 74 -3.26 11.05 -10.86
CA PHE A 74 -2.65 9.89 -10.22
C PHE A 74 -1.71 10.30 -9.10
N LYS A 75 -2.12 10.02 -7.87
CA LYS A 75 -1.33 10.37 -6.70
C LYS A 75 -0.43 9.22 -6.27
N VAL A 76 0.83 9.28 -6.67
CA VAL A 76 1.81 8.25 -6.31
C VAL A 76 2.44 8.59 -5.01
N GLU A 77 1.86 9.55 -4.34
CA GLU A 77 2.41 10.02 -3.08
C GLU A 77 3.89 9.73 -3.14
N ASN A 78 4.44 10.01 -4.34
CA ASN A 78 5.82 9.69 -4.67
C ASN A 78 6.47 9.06 -3.47
N HIS A 79 5.93 7.90 -3.16
CA HIS A 79 6.34 7.14 -2.01
C HIS A 79 7.81 7.21 -1.71
N THR A 80 8.08 7.66 -0.53
CA THR A 80 9.44 7.78 -0.05
C THR A 80 9.71 6.70 1.01
N ALA A 81 8.64 6.01 1.43
CA ALA A 81 8.74 4.95 2.41
C ALA A 81 7.38 4.26 2.57
N CYS A 82 7.38 2.93 2.64
CA CYS A 82 6.12 2.19 2.80
C CYS A 82 6.19 1.23 3.97
N HIS A 83 5.17 1.27 4.82
CA HIS A 83 5.13 0.40 5.98
C HIS A 83 3.71 -0.10 6.26
N CYS A 84 3.52 -1.41 6.18
CA CYS A 84 2.22 -2.00 6.44
C CYS A 84 2.10 -2.40 7.90
N SER A 85 1.14 -1.78 8.60
CA SER A 85 0.91 -2.06 10.02
C SER A 85 1.58 -1.01 10.88
N THR A 86 1.26 0.25 10.62
CA THR A 86 1.83 1.37 11.37
C THR A 86 0.92 2.59 11.29
N CYS A 87 -0.39 2.34 11.27
CA CYS A 87 -1.37 3.43 11.18
C CYS A 87 -1.88 3.81 12.57
N TYR A 88 -2.94 4.62 12.58
CA TYR A 88 -3.52 5.08 13.84
C TYR A 88 -4.63 4.14 14.32
N TYR A 89 -5.58 4.68 15.09
CA TYR A 89 -6.68 3.90 15.61
C TYR A 89 -6.20 2.87 16.63
N HIS A 90 -6.89 2.82 17.76
CA HIS A 90 -6.54 1.87 18.82
C HIS A 90 -5.44 2.44 19.72
N LYS A 91 -5.77 2.64 21.00
CA LYS A 91 -4.82 3.17 21.95
C LYS A 91 -5.39 3.16 23.37
N SER A 92 -4.55 2.83 24.34
CA SER A 92 -4.97 2.78 25.73
C SER A 92 -6.42 2.35 25.85
N ALA A 1 8.65 -1.93 -8.66
CA ALA A 1 9.67 -1.77 -9.73
C ALA A 1 10.99 -2.46 -9.35
N PRO A 2 11.71 -1.89 -8.38
CA PRO A 2 12.99 -2.44 -7.93
C PRO A 2 12.99 -3.96 -7.86
N ASP A 3 11.83 -4.55 -7.57
CA ASP A 3 11.71 -5.99 -7.47
C ASP A 3 10.81 -6.55 -8.57
N VAL A 4 11.41 -6.89 -9.71
CA VAL A 4 10.66 -7.44 -10.84
C VAL A 4 9.78 -8.59 -10.38
N GLN A 5 8.47 -8.42 -10.52
CA GLN A 5 7.53 -9.45 -10.10
C GLN A 5 7.60 -9.67 -8.60
N ASP A 6 6.62 -10.38 -8.05
CA ASP A 6 6.59 -10.63 -6.61
C ASP A 6 6.20 -9.37 -5.85
N CYS A 7 5.30 -9.51 -4.88
CA CYS A 7 4.85 -8.36 -4.10
C CYS A 7 5.42 -8.39 -2.68
N PRO A 8 6.43 -7.55 -2.41
CA PRO A 8 7.08 -7.46 -1.11
C PRO A 8 6.33 -6.51 -0.18
N GLU A 9 6.60 -6.63 1.13
CA GLU A 9 5.97 -5.77 2.12
C GLU A 9 5.60 -4.42 1.52
N CYS A 10 4.43 -3.92 1.92
CA CYS A 10 3.96 -2.63 1.42
C CYS A 10 5.12 -1.67 1.18
N THR A 11 5.32 -1.32 -0.10
CA THR A 11 6.38 -0.41 -0.49
C THR A 11 5.85 0.60 -1.50
N LEU A 12 6.65 0.95 -2.50
CA LEU A 12 6.23 1.89 -3.51
C LEU A 12 6.15 1.21 -4.87
N GLN A 13 5.12 1.55 -5.65
CA GLN A 13 4.95 0.96 -6.97
C GLN A 13 5.42 1.87 -8.05
N GLU A 14 6.62 2.34 -7.84
CA GLU A 14 7.29 3.26 -8.75
C GLU A 14 6.42 3.60 -9.95
N ASN A 15 6.14 4.86 -10.08
CA ASN A 15 5.32 5.38 -11.16
C ASN A 15 5.83 4.92 -12.51
N PRO A 16 5.00 4.19 -13.27
CA PRO A 16 5.36 3.70 -14.59
C PRO A 16 5.18 4.76 -15.67
N PHE A 17 5.07 6.01 -15.24
CA PHE A 17 4.90 7.14 -16.15
C PHE A 17 5.99 8.17 -15.95
N PHE A 18 6.12 8.61 -14.70
CA PHE A 18 7.11 9.62 -14.34
C PHE A 18 8.51 9.03 -14.29
N SER A 19 8.59 7.71 -14.42
CA SER A 19 9.87 7.01 -14.37
C SER A 19 10.81 7.49 -15.47
N GLN A 20 11.77 8.35 -15.10
CA GLN A 20 12.74 8.87 -16.05
C GLN A 20 14.14 8.39 -15.69
N PRO A 21 15.15 8.75 -16.50
CA PRO A 21 16.55 8.36 -16.26
C PRO A 21 17.14 9.12 -15.06
N GLY A 22 16.53 8.94 -13.90
CA GLY A 22 16.98 9.61 -12.71
C GLY A 22 15.86 9.90 -11.73
N ALA A 23 14.63 9.70 -12.18
CA ALA A 23 13.48 9.96 -11.32
C ALA A 23 12.34 9.01 -11.61
N PRO A 24 12.25 8.00 -10.77
CA PRO A 24 11.27 6.94 -10.85
C PRO A 24 10.17 7.09 -9.79
N ILE A 25 9.22 7.97 -10.08
CA ILE A 25 8.11 8.24 -9.20
C ILE A 25 7.52 6.99 -8.59
N LEU A 26 6.41 7.15 -7.88
CA LEU A 26 5.82 6.03 -7.16
C LEU A 26 4.34 6.13 -6.95
N GLN A 27 3.93 5.36 -5.95
CA GLN A 27 2.53 5.28 -5.57
C GLN A 27 2.29 4.08 -4.64
N CYS A 28 3.02 4.07 -3.52
CA CYS A 28 2.92 3.00 -2.50
C CYS A 28 2.27 1.73 -3.04
N MET A 29 3.00 0.63 -3.00
CA MET A 29 2.49 -0.65 -3.47
C MET A 29 1.49 -1.23 -2.46
N GLY A 30 2.00 -2.01 -1.51
CA GLY A 30 1.13 -2.60 -0.51
C GLY A 30 1.07 -4.11 -0.61
N CYS A 31 1.54 -4.79 0.43
CA CYS A 31 1.54 -6.25 0.46
C CYS A 31 2.16 -6.77 1.76
N CYS A 32 1.58 -6.36 2.88
CA CYS A 32 2.07 -6.78 4.19
C CYS A 32 1.33 -8.03 4.65
N PHE A 33 1.56 -8.42 5.90
CA PHE A 33 0.91 -9.60 6.46
C PHE A 33 1.23 -9.76 7.95
N SER A 34 0.57 -10.71 8.59
CA SER A 34 0.77 -10.96 10.01
C SER A 34 -0.34 -11.84 10.58
N ARG A 35 -0.76 -12.82 9.79
CA ARG A 35 -1.83 -13.73 10.22
C ARG A 35 -2.93 -12.98 10.95
N ALA A 36 -3.98 -12.63 10.24
CA ALA A 36 -5.11 -11.90 10.83
C ALA A 36 -5.82 -12.78 11.85
N TYR A 37 -6.23 -12.17 12.96
CA TYR A 37 -6.93 -12.88 14.01
C TYR A 37 -8.02 -12.02 14.63
N PRO A 38 -8.79 -11.30 13.79
CA PRO A 38 -9.87 -10.44 14.26
C PRO A 38 -10.93 -11.22 15.03
N THR A 39 -12.07 -10.58 15.27
CA THR A 39 -13.17 -11.22 15.99
C THR A 39 -13.97 -12.13 15.07
N PRO A 40 -14.61 -13.16 15.63
CA PRO A 40 -15.42 -14.11 14.88
C PRO A 40 -16.86 -13.63 14.69
N LEU A 41 -17.01 -12.40 14.20
CA LEU A 41 -18.33 -11.82 13.99
C LEU A 41 -19.29 -12.27 15.08
N ARG A 42 -20.58 -12.31 14.75
CA ARG A 42 -21.61 -12.73 15.70
C ARG A 42 -22.15 -14.11 15.35
N SER A 43 -22.15 -14.42 14.05
CA SER A 43 -22.63 -15.71 13.58
C SER A 43 -22.66 -15.75 12.06
N LYS A 44 -22.96 -14.61 11.44
CA LYS A 44 -23.03 -14.52 9.99
C LYS A 44 -24.18 -15.35 9.45
N LYS A 45 -25.08 -15.76 10.35
CA LYS A 45 -26.24 -16.57 9.96
C LYS A 45 -27.33 -15.70 9.34
N THR A 46 -27.47 -15.79 8.03
CA THR A 46 -28.48 -15.01 7.31
C THR A 46 -28.22 -15.07 5.81
N MET A 47 -29.19 -14.58 5.03
CA MET A 47 -29.06 -14.58 3.57
C MET A 47 -27.73 -13.95 3.15
N LEU A 48 -27.54 -13.85 1.84
CA LEU A 48 -26.31 -13.28 1.29
C LEU A 48 -26.61 -12.39 0.09
N VAL A 49 -25.63 -11.58 -0.30
CA VAL A 49 -25.78 -10.69 -1.43
C VAL A 49 -24.43 -10.15 -1.89
N GLN A 50 -24.15 -10.29 -3.17
CA GLN A 50 -22.89 -9.82 -3.74
C GLN A 50 -21.69 -10.27 -2.91
N LYS A 51 -20.92 -11.20 -3.46
CA LYS A 51 -19.74 -11.71 -2.76
C LYS A 51 -18.81 -10.56 -2.37
N ASN A 52 -17.74 -10.87 -1.67
CA ASN A 52 -16.79 -9.85 -1.24
C ASN A 52 -15.35 -10.32 -1.47
N VAL A 53 -14.46 -9.35 -1.65
CA VAL A 53 -13.05 -9.62 -1.87
C VAL A 53 -12.17 -8.66 -1.08
N THR A 54 -11.83 -9.05 0.14
CA THR A 54 -10.99 -8.23 1.01
C THR A 54 -10.34 -9.08 2.08
N SER A 55 -9.00 -9.04 2.13
CA SER A 55 -8.25 -9.81 3.11
C SER A 55 -7.25 -8.93 3.85
N GLU A 56 -7.69 -8.35 4.97
CA GLU A 56 -6.84 -7.49 5.80
C GLU A 56 -5.56 -7.08 5.07
N SER A 57 -5.51 -5.85 4.61
CA SER A 57 -4.35 -5.34 3.90
C SER A 57 -3.70 -4.19 4.67
N THR A 58 -3.47 -4.39 5.96
CA THR A 58 -2.85 -3.37 6.80
C THR A 58 -3.35 -1.98 6.41
N CYS A 59 -2.47 -0.98 6.53
CA CYS A 59 -2.84 0.39 6.18
C CYS A 59 -1.65 1.20 5.71
N CYS A 60 -1.51 1.30 4.40
CA CYS A 60 -0.43 2.07 3.79
C CYS A 60 -0.86 3.52 3.60
N VAL A 61 0.12 4.38 3.34
CA VAL A 61 -0.15 5.80 3.13
C VAL A 61 1.13 6.60 3.28
N ALA A 62 2.06 6.38 2.36
CA ALA A 62 3.35 7.06 2.37
C ALA A 62 3.52 7.97 3.56
N LYS A 63 4.29 7.47 4.49
CA LYS A 63 4.62 8.21 5.68
C LYS A 63 5.05 9.57 5.25
N SER A 64 5.87 9.54 4.21
CA SER A 64 6.39 10.72 3.63
C SER A 64 6.08 10.74 2.15
N TYR A 65 6.53 11.78 1.46
CA TYR A 65 6.27 11.88 0.05
C TYR A 65 7.20 12.87 -0.61
N ASN A 66 7.31 12.74 -1.92
CA ASN A 66 8.14 13.66 -2.68
C ASN A 66 7.34 14.07 -3.89
N ARG A 67 6.06 14.05 -3.66
CA ARG A 67 5.03 14.40 -4.63
C ARG A 67 5.61 14.94 -5.92
N VAL A 68 5.15 14.38 -7.02
CA VAL A 68 5.59 14.79 -8.35
C VAL A 68 4.42 14.81 -9.31
N THR A 69 3.33 15.45 -8.87
CA THR A 69 2.13 15.54 -9.68
C THR A 69 2.40 15.20 -11.14
N VAL A 70 1.75 14.15 -11.61
CA VAL A 70 1.93 13.71 -12.97
C VAL A 70 0.64 13.72 -13.73
N MET A 71 0.64 12.98 -14.82
CA MET A 71 -0.49 12.87 -15.70
C MET A 71 -1.77 13.43 -15.10
N GLY A 72 -2.44 14.26 -15.88
CA GLY A 72 -3.69 14.85 -15.45
C GLY A 72 -3.66 15.28 -14.00
N GLY A 73 -2.47 15.55 -13.48
CA GLY A 73 -2.34 15.99 -12.10
C GLY A 73 -2.28 14.82 -11.12
N PHE A 74 -1.63 13.74 -11.53
CA PHE A 74 -1.51 12.56 -10.68
C PHE A 74 -0.51 12.80 -9.56
N LYS A 75 -0.96 12.64 -8.33
CA LYS A 75 -0.10 12.86 -7.17
C LYS A 75 0.43 11.54 -6.61
N VAL A 76 1.73 11.32 -6.79
CA VAL A 76 2.38 10.11 -6.28
C VAL A 76 3.07 10.43 -5.00
N GLU A 77 2.77 11.60 -4.49
CA GLU A 77 3.41 12.07 -3.26
C GLU A 77 4.75 11.37 -3.21
N ASN A 78 5.36 11.32 -4.40
CA ASN A 78 6.60 10.60 -4.62
C ASN A 78 7.05 9.99 -3.33
N HIS A 79 6.25 9.03 -2.91
CA HIS A 79 6.44 8.34 -1.66
C HIS A 79 7.89 8.10 -1.32
N THR A 80 8.25 8.64 -0.19
CA THR A 80 9.59 8.48 0.33
C THR A 80 9.57 7.47 1.47
N ALA A 81 8.46 7.42 2.21
CA ALA A 81 8.31 6.47 3.29
C ALA A 81 6.86 6.01 3.33
N CYS A 82 6.65 4.70 3.48
CA CYS A 82 5.29 4.16 3.54
C CYS A 82 5.06 3.37 4.82
N HIS A 83 3.92 3.62 5.46
CA HIS A 83 3.59 2.93 6.71
C HIS A 83 2.31 2.12 6.57
N CYS A 84 2.47 0.80 6.53
CA CYS A 84 1.34 -0.11 6.42
C CYS A 84 1.12 -0.85 7.72
N SER A 85 -0.04 -0.63 8.33
CA SER A 85 -0.39 -1.27 9.61
C SER A 85 0.01 -0.37 10.78
N THR A 86 -0.33 -0.81 11.98
CA THR A 86 -0.02 -0.05 13.18
C THR A 86 -0.38 1.43 13.01
N CYS A 87 -1.32 1.68 12.11
CA CYS A 87 -1.76 3.05 11.85
C CYS A 87 -2.59 3.58 13.02
N TYR A 88 -1.99 4.47 13.81
CA TYR A 88 -2.67 5.05 14.98
C TYR A 88 -4.18 5.04 14.80
N TYR A 89 -4.88 4.29 15.65
CA TYR A 89 -6.32 4.19 15.58
C TYR A 89 -6.92 4.06 16.98
N HIS A 90 -8.24 3.85 17.03
CA HIS A 90 -8.93 3.70 18.30
C HIS A 90 -10.32 3.09 18.10
N LYS A 91 -10.47 2.34 17.02
CA LYS A 91 -11.73 1.70 16.70
C LYS A 91 -12.90 2.57 17.14
N SER A 92 -12.76 3.89 16.97
CA SER A 92 -13.79 4.84 17.34
C SER A 92 -13.64 6.14 16.57
N ALA A 1 8.28 -6.14 -10.63
CA ALA A 1 8.61 -6.95 -11.84
C ALA A 1 7.42 -7.81 -12.26
N PRO A 2 6.96 -7.64 -13.51
CA PRO A 2 5.82 -8.40 -14.04
C PRO A 2 6.18 -9.85 -14.38
N ASP A 3 5.69 -10.78 -13.57
CA ASP A 3 5.95 -12.19 -13.79
C ASP A 3 4.77 -13.05 -13.36
N VAL A 4 3.57 -12.45 -13.42
CA VAL A 4 2.35 -13.16 -13.04
C VAL A 4 2.61 -14.15 -11.91
N GLN A 5 3.53 -13.80 -11.02
CA GLN A 5 3.89 -14.66 -9.91
C GLN A 5 3.09 -14.27 -8.66
N ASP A 6 3.51 -14.79 -7.51
CA ASP A 6 2.84 -14.51 -6.25
C ASP A 6 2.83 -13.01 -5.96
N CYS A 7 1.65 -12.40 -6.05
CA CYS A 7 1.50 -10.97 -5.80
C CYS A 7 2.45 -10.50 -4.70
N PRO A 8 3.30 -9.52 -5.01
CA PRO A 8 4.28 -8.98 -4.04
C PRO A 8 3.61 -8.44 -2.78
N GLU A 9 4.28 -7.51 -2.11
CA GLU A 9 3.75 -6.92 -0.87
C GLU A 9 3.67 -5.40 -0.98
N CYS A 10 2.58 -4.83 -0.46
CA CYS A 10 2.37 -3.39 -0.49
C CYS A 10 3.69 -2.63 -0.53
N THR A 11 3.89 -1.84 -1.58
CA THR A 11 5.11 -1.05 -1.70
C THR A 11 5.00 -0.06 -2.84
N LEU A 12 6.10 0.64 -3.07
CA LEU A 12 6.15 1.62 -4.14
C LEU A 12 6.72 1.01 -5.39
N GLN A 13 6.12 1.34 -6.51
CA GLN A 13 6.62 0.84 -7.77
C GLN A 13 6.97 1.94 -8.72
N GLU A 14 8.02 2.62 -8.35
CA GLU A 14 8.57 3.75 -9.09
C GLU A 14 7.60 4.26 -10.14
N ASN A 15 7.33 5.54 -10.01
CA ASN A 15 6.43 6.24 -10.89
C ASN A 15 6.75 5.97 -12.35
N PRO A 16 5.90 5.19 -13.04
CA PRO A 16 6.09 4.87 -14.46
C PRO A 16 5.78 6.04 -15.38
N PHE A 17 5.72 7.24 -14.81
CA PHE A 17 5.44 8.45 -15.58
C PHE A 17 6.52 9.49 -15.32
N PHE A 18 6.66 9.81 -14.04
CA PHE A 18 7.62 10.80 -13.60
C PHE A 18 9.04 10.24 -13.71
N SER A 19 9.12 8.92 -13.77
CA SER A 19 10.40 8.23 -13.88
C SER A 19 11.26 8.88 -14.98
N GLN A 20 12.01 9.90 -14.61
CA GLN A 20 12.86 10.61 -15.56
C GLN A 20 14.33 10.38 -15.25
N PRO A 21 15.22 10.73 -16.18
CA PRO A 21 16.66 10.57 -16.01
C PRO A 21 17.17 11.42 -14.85
N GLY A 22 16.65 11.14 -13.66
CA GLY A 22 17.06 11.89 -12.49
C GLY A 22 16.01 11.86 -11.40
N ALA A 23 14.80 11.44 -11.74
CA ALA A 23 13.71 11.39 -10.78
C ALA A 23 12.83 10.18 -11.01
N PRO A 24 12.93 9.22 -10.09
CA PRO A 24 12.20 7.98 -10.12
C PRO A 24 11.05 7.94 -9.14
N ILE A 25 10.11 8.86 -9.33
CA ILE A 25 8.94 8.95 -8.51
C ILE A 25 8.31 7.59 -8.22
N LEU A 26 7.14 7.59 -7.57
CA LEU A 26 6.52 6.33 -7.16
C LEU A 26 5.03 6.30 -7.20
N GLN A 27 4.55 5.24 -6.59
CA GLN A 27 3.12 4.98 -6.47
C GLN A 27 2.91 3.58 -5.87
N CYS A 28 2.72 3.54 -4.56
CA CYS A 28 2.52 2.29 -3.85
C CYS A 28 1.63 1.35 -4.64
N MET A 29 2.21 0.24 -5.12
CA MET A 29 1.42 -0.72 -5.89
C MET A 29 1.43 -2.10 -5.25
N GLY A 30 2.38 -2.36 -4.38
CA GLY A 30 2.46 -3.65 -3.72
C GLY A 30 1.11 -4.14 -3.25
N CYS A 31 1.08 -5.31 -2.63
CA CYS A 31 -0.17 -5.88 -2.12
C CYS A 31 0.08 -6.66 -0.82
N CYS A 32 -0.28 -6.05 0.30
CA CYS A 32 -0.09 -6.68 1.60
C CYS A 32 -1.18 -7.71 1.89
N PHE A 33 -0.77 -8.88 2.38
CA PHE A 33 -1.71 -9.95 2.70
C PHE A 33 -1.40 -10.56 4.05
N SER A 34 -2.42 -10.69 4.90
CA SER A 34 -2.25 -11.25 6.24
C SER A 34 -1.36 -12.48 6.20
N ARG A 35 -0.68 -12.76 7.32
CA ARG A 35 0.20 -13.91 7.42
C ARG A 35 -0.50 -15.10 8.04
N ALA A 36 0.12 -16.27 7.93
CA ALA A 36 -0.43 -17.50 8.47
C ALA A 36 -1.62 -17.99 7.66
N TYR A 37 -1.67 -19.31 7.44
CA TYR A 37 -2.76 -19.92 6.67
C TYR A 37 -4.10 -19.70 7.36
N PRO A 38 -5.20 -19.75 6.60
CA PRO A 38 -6.55 -19.56 7.14
C PRO A 38 -7.03 -20.78 7.93
N THR A 39 -7.21 -20.58 9.23
CA THR A 39 -7.68 -21.66 10.10
C THR A 39 -8.10 -21.12 11.46
N PRO A 40 -8.83 -21.94 12.24
CA PRO A 40 -9.30 -21.56 13.56
C PRO A 40 -8.23 -21.70 14.62
N LEU A 41 -8.63 -21.66 15.88
CA LEU A 41 -7.71 -21.80 17.01
C LEU A 41 -8.44 -21.65 18.33
N ARG A 42 -9.44 -20.79 18.36
CA ARG A 42 -10.23 -20.55 19.57
C ARG A 42 -9.52 -19.58 20.51
N SER A 43 -9.62 -18.30 20.20
CA SER A 43 -9.00 -17.24 21.01
C SER A 43 -8.45 -16.12 20.13
N LYS A 44 -8.71 -16.21 18.82
CA LYS A 44 -8.24 -15.21 17.87
C LYS A 44 -8.16 -13.83 18.52
N LYS A 45 -7.02 -13.17 18.35
CA LYS A 45 -6.81 -11.84 18.91
C LYS A 45 -7.93 -10.90 18.48
N THR A 46 -8.73 -10.44 19.44
CA THR A 46 -9.84 -9.53 19.14
C THR A 46 -9.58 -8.72 17.88
N MET A 47 -10.02 -9.25 16.75
CA MET A 47 -9.81 -8.58 15.46
C MET A 47 -10.74 -7.37 15.33
N LEU A 48 -10.29 -6.37 14.57
CA LEU A 48 -11.06 -5.17 14.35
C LEU A 48 -10.83 -4.61 12.95
N VAL A 49 -11.76 -3.80 12.47
CA VAL A 49 -11.65 -3.20 11.14
C VAL A 49 -11.82 -1.69 11.20
N GLN A 50 -11.58 -1.03 10.07
CA GLN A 50 -11.70 0.43 10.00
C GLN A 50 -12.95 0.90 10.75
N LYS A 51 -12.83 1.99 11.49
CA LYS A 51 -13.95 2.52 12.25
C LYS A 51 -14.65 1.40 13.00
N ASN A 52 -15.98 1.46 13.03
CA ASN A 52 -16.78 0.43 13.70
C ASN A 52 -17.91 -0.05 12.81
N VAL A 53 -17.77 0.21 11.51
CA VAL A 53 -18.78 -0.18 10.54
C VAL A 53 -18.14 -0.49 9.18
N THR A 54 -18.88 -1.20 8.33
CA THR A 54 -18.39 -1.56 7.01
C THR A 54 -16.95 -2.06 7.09
N SER A 55 -16.79 -3.38 7.14
CA SER A 55 -15.46 -4.00 7.22
C SER A 55 -14.94 -4.35 5.83
N GLU A 56 -13.62 -4.36 5.69
CA GLU A 56 -12.98 -4.69 4.42
C GLU A 56 -11.72 -5.50 4.63
N SER A 57 -10.65 -4.82 4.99
CA SER A 57 -9.36 -5.46 5.24
C SER A 57 -8.23 -4.44 5.25
N THR A 58 -7.00 -4.91 5.44
CA THR A 58 -5.85 -4.02 5.49
C THR A 58 -5.94 -2.96 4.40
N CYS A 59 -5.27 -1.83 4.62
CA CYS A 59 -5.29 -0.74 3.64
C CYS A 59 -3.98 0.04 3.67
N CYS A 60 -3.41 0.24 2.49
CA CYS A 60 -2.15 0.98 2.35
C CYS A 60 -2.41 2.46 2.24
N VAL A 61 -1.36 3.19 1.90
CA VAL A 61 -1.41 4.64 1.74
C VAL A 61 -0.12 5.28 2.25
N ALA A 62 0.92 5.23 1.42
CA ALA A 62 2.22 5.80 1.77
C ALA A 62 2.20 6.55 3.07
N LYS A 63 2.78 5.90 4.07
CA LYS A 63 2.90 6.48 5.38
C LYS A 63 3.48 7.85 5.25
N SER A 64 4.49 7.92 4.39
CA SER A 64 5.17 9.15 4.14
C SER A 64 5.32 9.34 2.65
N TYR A 65 5.05 10.55 2.18
CA TYR A 65 5.12 10.83 0.76
C TYR A 65 6.02 12.00 0.45
N ASN A 66 6.40 12.09 -0.81
CA ASN A 66 7.22 13.20 -1.27
C ASN A 66 6.60 13.72 -2.54
N ARG A 67 5.29 13.57 -2.56
CA ARG A 67 4.44 13.97 -3.65
C ARG A 67 5.18 14.81 -4.69
N VAL A 68 5.06 14.39 -5.93
CA VAL A 68 5.71 15.06 -7.05
C VAL A 68 4.73 15.22 -8.21
N THR A 69 3.55 15.73 -7.90
CA THR A 69 2.52 15.93 -8.91
C THR A 69 3.12 16.02 -10.30
N VAL A 70 2.74 15.10 -11.15
CA VAL A 70 3.25 15.08 -12.51
C VAL A 70 2.18 15.40 -13.53
N MET A 71 2.53 15.13 -14.78
CA MET A 71 1.65 15.38 -15.92
C MET A 71 0.50 16.30 -15.56
N GLY A 72 -0.70 15.89 -15.95
CA GLY A 72 -1.89 16.68 -15.69
C GLY A 72 -2.11 16.95 -14.22
N GLY A 73 -1.26 16.38 -13.37
CA GLY A 73 -1.40 16.58 -11.94
C GLY A 73 -1.37 15.28 -11.17
N PHE A 74 -0.67 14.29 -11.74
CA PHE A 74 -0.57 12.97 -11.11
C PHE A 74 0.21 13.06 -9.80
N LYS A 75 -0.45 12.67 -8.72
CA LYS A 75 0.17 12.71 -7.40
C LYS A 75 0.68 11.33 -6.97
N VAL A 76 2.00 11.23 -6.82
CA VAL A 76 2.64 9.99 -6.38
C VAL A 76 3.06 10.09 -4.96
N GLU A 77 2.56 11.13 -4.32
CA GLU A 77 2.93 11.40 -2.94
C GLU A 77 4.30 10.79 -2.74
N ASN A 78 5.12 11.00 -3.77
CA ASN A 78 6.44 10.41 -3.85
C ASN A 78 6.69 9.60 -2.61
N HIS A 79 5.93 8.53 -2.54
CA HIS A 79 5.92 7.63 -1.42
C HIS A 79 7.29 7.39 -0.83
N THR A 80 7.38 7.74 0.43
CA THR A 80 8.61 7.57 1.18
C THR A 80 8.45 6.38 2.14
N ALA A 81 7.24 6.20 2.67
CA ALA A 81 6.95 5.09 3.55
C ALA A 81 5.55 4.58 3.22
N CYS A 82 5.36 3.27 3.22
CA CYS A 82 4.05 2.71 2.89
C CYS A 82 3.58 1.72 3.96
N HIS A 83 2.31 1.87 4.35
CA HIS A 83 1.72 0.99 5.36
C HIS A 83 0.60 0.17 4.75
N CYS A 84 -0.08 -0.59 5.60
CA CYS A 84 -1.18 -1.44 5.16
C CYS A 84 -1.89 -2.05 6.37
N SER A 85 -3.08 -1.52 6.69
CA SER A 85 -3.85 -2.01 7.82
C SER A 85 -4.91 -0.99 8.24
N THR A 86 -5.87 -1.44 9.03
CA THR A 86 -6.96 -0.58 9.51
C THR A 86 -6.62 0.90 9.34
N CYS A 87 -7.36 1.57 8.45
CA CYS A 87 -7.15 2.99 8.18
C CYS A 87 -7.79 3.87 9.24
N TYR A 88 -7.78 5.18 9.00
CA TYR A 88 -8.36 6.14 9.93
C TYR A 88 -7.64 6.11 11.27
N TYR A 89 -8.03 7.02 12.16
CA TYR A 89 -7.43 7.09 13.49
C TYR A 89 -5.93 7.33 13.38
N HIS A 90 -5.45 8.37 14.07
CA HIS A 90 -4.03 8.71 14.06
C HIS A 90 -3.61 9.17 12.67
N LYS A 91 -4.25 10.24 12.20
CA LYS A 91 -3.96 10.79 10.88
C LYS A 91 -2.47 11.13 10.74
N SER A 92 -2.01 12.07 11.55
CA SER A 92 -0.62 12.48 11.52
C SER A 92 0.05 12.25 12.87
#